data_7ZKE
#
_entry.id   7ZKE
#
_cell.length_a   1.00
_cell.length_b   1.00
_cell.length_c   1.00
_cell.angle_alpha   90.00
_cell.angle_beta   90.00
_cell.angle_gamma   90.00
#
_symmetry.space_group_name_H-M   'P 1'
#
loop_
_entity.id
_entity.type
_entity.pdbx_description
1 polymer 'DNA (36-MER)'
2 polymer 'DNA (36-MER)'
3 polymer 'Putative tata-box binding protein'
4 polymer 'Helicase-like protein'
5 non-polymer 'MAGNESIUM ION'
6 non-polymer "ADENOSINE-5'-DIPHOSPHATE"
7 non-polymer 'BERYLLIUM TRIFLUORIDE ION'
#
loop_
_entity_poly.entity_id
_entity_poly.type
_entity_poly.pdbx_seq_one_letter_code
_entity_poly.pdbx_strand_id
1 'polydeoxyribonucleotide'
;(DC)(DG)(DG)(DC)(DC)(DG)(DG)(DG)(DC)(DG)(DC)(DC)(DC)(DG)(DG)(DC)(DA)(DT)(DG)(DG)
(DC)(DG)(DG)(DC)(DC)(DT)(DA)(DT)(DA)(DA)(DA)(DA)(DG)(DG)(DG)(DC)
;
A
2 'polydeoxyribonucleotide'
;(DG)(DC)(DC)(DC)(DT)(DT)(DT)(DT)(DA)(DT)(DA)(DG)(DG)(DC)(DC)(DG)(DC)(DC)(DA)(DT)
(DG)(DC)(DC)(DG)(DG)(DG)(DC)(DG)(DC)(DC)(DC)(DG)(DG)(DC)(DC)(DG)
;
B
3 'polypeptide(L)'
;MGSSHHHHHHSSGENLYFQGHMEAIQTHPANAAQAKAFTAPGSLSFPGGASEIANSTAPTNGASNGGQQQGVQATSGAGV
TPATPAATPGAGPAGPSGITPTLQNIVATVNLDCRLDLKTIALHARNAEYNPKRFAAVIMRIREPKTTALIFASGKMVVT
GAKSEDDSKLASRKYARIIQKLGFNAKFTDFKIQNIVGSCDIKFPIRLEGLASKHHNFSSYEPELFPGLIYRMIKPKIVL
LIFVSGKIVLTGAKVREEIYQAFEMIYPVLQDFRKV
;
D
4 'polypeptide(L)'
;MATRLDRLVTILETGSTRLIRDTAVNQLADWQKQHPEELFNLLSRVVPYLRHKDWETRTTAAKAIGKIIENAPLYDPNAG
QDEAAPEPTNGSFEVKKEEEKDVLEQDNFFRLESLDVATIVKYGRPLLRGGPVDYNLAALDPQKRLAHLKKTLNGRLGLL
GRVFEDEEMPVEQIASPITPNDAAGANGVGRQDGASNDNQSQAIDESKMSARQLNVLKRKRKREAQKAAQGKSGFGDLSL
RRSTTAGSDAFGEDTPMPDADSKKNKLAEYFSLDRPENTEEDTKIVSEFKGPVLPIKSEIEADDSLEGAEWPFERLCEFL
KVDLFDPQWETRHGAAMGLREVIRVHGAGAGRRRGKTRKENNDLNRQWLDDLAYRLLCVLMLDKFTDYSSDTSVAPIRET
VGQTLGAVLRHISVESVHAIYRLLYCMVTQEDLPSEQNMWAVCHGGMVGLRYVVAVRKDLLLQDGDMIDGVVRCVMQGLG
DIDDDVRSVSAATLIPMAKEFVMMRRSALDSLINIVWESLSNLGDDLSASTGKIMDLLATLCSFPEVLEAMKVSASQDEE
RSFTLLVPRLYPFLRHTITSVRLAVLKALMTFANLGGETSQGWLNGRILRLIFQNIIVERDQDTLNMSLELWTTLVRRLA
ARDPAILADEFEAHAEPMMQLALHPIGVPRHPIPMNPALFQKPSGGTYSLPGASQTNSRRSSPPEGERATKRRRKSTKAE
DVAPSTHTHDVDGHMIQGEVDLVGVDVLIRSRISAAKAMGLIMSFIPTPRLASYDTAVLQALSSPYASTQLAAAMVIDEY
AKNCSTPEVASRFIEPLQKIIDLERPSHYRDLVTYVQRVRSASQQLINLFRDHGKVSQGKLPTLAVVVQGEPEAGPGAFS
IANAEKVVNEDFERLKRLMAPGQRLIALPQLNEAREQTVEVIEEAKAAKEARDARIKAAAACALVAMKVLPKKPSPLIKA
IMDSIKTEENQELQSRSAATIARLVQLFTESGRRGPAEKVVANLVKFSCVEVAETPEFPIHAHKTNVILSMQKEEDRVDH
PDAVKYAREAKAARITRRGAKEALEILSKNFGAELLERVPTLRTFMEEPLVRAFSGDLPPEARDPENAFGQEIVDAMSVI
RTMTPTLHPALHPFVMQQVPLVIKALRSDLSVFRYMAAKCMATICSVITVDGMTALVEKVLPSINNPLDLSFRQGAIEVI
YHLIAVMGDAILPYVIFLIVPVLGRMSDSDNQIRLIATTSFATLVKLVPLEAGIPDPPGLSEELLKGRDRERTFIAQLLD
PKKIEPFKIPVAIKAELRSYQQEGVNWLAFLNKYHLHGILCDDMGLGKTLQTICIVASDHHQRAEEFARTGAPEVRKLPS
LIICPPTLSGHWQQEIKTYAPFLTVTAYVGSPAERRAMKDSLDKTDIVITSYDVCRNDIDVIEKYNWNYCVLDEGHLIKN
PKAKITLAVKRLTSNHRLILTGTPIQNNVLELWSLFDFLMPGFLGAEKVFLDRFAKPIANSRYSKASSKEQEAGALAIEA
LHKQVLPFLLRRLKEEVLNDLPPKILQNYYCDLSDLQRKLFEDFTKREGKKITETAGRDDKEAKQHIFQALQYMRKLCNS
PALVMKPGHKAYEDTQKYLAKHGTTLEDPIHAPKLGALRDLLVDCGIGVEGQESSDPLYTPIKPHRALIFCQMKEMLDMV
QNTVLKQMLPSVSYLRLDGSVEANKRQDIVNKFNSDPSYDVLLLTTSVGGLGLNLTGADTVIFVEHDWNPQKDLQAMDRA
HRIGQKKVVNVYRIITRGTLEEKILSLQRFKIDVASTVVNQQNAGLATMDTDQILDLFNLGESGPSLITDNKESIEGREE
DMVDIETGDVRRPGKKAAWLEGLGELWDNAQYEESFDLDGFLKTMQAAAWSHPQFEK
;
E
#
loop_
_chem_comp.id
_chem_comp.type
_chem_comp.name
_chem_comp.formula
ADP non-polymer ADENOSINE-5'-DIPHOSPHATE 'C10 H15 N5 O10 P2'
BEF non-polymer 'BERYLLIUM TRIFLUORIDE ION' 'Be F3 -1'
DA DNA linking 2'-DEOXYADENOSINE-5'-MONOPHOSPHATE 'C10 H14 N5 O6 P'
DC DNA linking 2'-DEOXYCYTIDINE-5'-MONOPHOSPHATE 'C9 H14 N3 O7 P'
DG DNA linking 2'-DEOXYGUANOSINE-5'-MONOPHOSPHATE 'C10 H14 N5 O7 P'
DT DNA linking THYMIDINE-5'-MONOPHOSPHATE 'C10 H15 N2 O8 P'
MG non-polymer 'MAGNESIUM ION' 'Mg 2'
#
# COMPACT_ATOMS: atom_id res chain seq x y z
N SER C 97 -5.54 -9.75 -42.87
CA SER C 97 -4.28 -8.99 -42.70
C SER C 97 -4.16 -8.47 -41.27
N GLY C 98 -2.93 -8.46 -40.73
CA GLY C 98 -2.69 -7.94 -39.40
C GLY C 98 -2.97 -8.94 -38.29
N ILE C 99 -2.78 -8.46 -37.06
CA ILE C 99 -2.89 -9.27 -35.85
C ILE C 99 -4.03 -8.72 -34.98
N THR C 100 -4.92 -9.61 -34.54
CA THR C 100 -6.26 -9.23 -34.11
C THR C 100 -6.21 -8.36 -32.85
N PRO C 101 -7.11 -7.37 -32.71
CA PRO C 101 -7.15 -6.60 -31.47
C PRO C 101 -7.96 -7.29 -30.38
N THR C 102 -7.58 -7.03 -29.14
CA THR C 102 -8.34 -7.47 -27.97
C THR C 102 -9.48 -6.49 -27.70
N LEU C 103 -10.40 -6.92 -26.83
CA LEU C 103 -11.39 -6.03 -26.23
C LEU C 103 -10.94 -5.67 -24.83
N GLN C 104 -11.40 -4.50 -24.37
CA GLN C 104 -11.08 -4.00 -23.04
C GLN C 104 -12.30 -3.58 -22.25
N ASN C 105 -13.40 -3.20 -22.90
CA ASN C 105 -14.57 -2.72 -22.18
C ASN C 105 -15.77 -2.75 -23.09
N ILE C 106 -16.88 -3.31 -22.59
CA ILE C 106 -18.15 -3.34 -23.28
C ILE C 106 -19.18 -2.62 -22.42
N VAL C 107 -19.82 -1.60 -22.98
CA VAL C 107 -20.84 -0.82 -22.29
C VAL C 107 -22.20 -1.26 -22.81
N ALA C 108 -23.07 -1.68 -21.89
CA ALA C 108 -24.38 -2.21 -22.22
C ALA C 108 -25.43 -1.47 -21.42
N THR C 109 -26.63 -1.37 -21.99
CA THR C 109 -27.68 -0.52 -21.44
C THR C 109 -28.94 -1.35 -21.23
N VAL C 110 -29.58 -1.15 -20.08
CA VAL C 110 -30.81 -1.85 -19.72
C VAL C 110 -31.81 -0.85 -19.17
N ASN C 111 -33.07 -1.02 -19.58
CA ASN C 111 -34.17 -0.21 -19.08
C ASN C 111 -34.97 -1.01 -18.07
N LEU C 112 -34.96 -0.56 -16.83
CA LEU C 112 -35.79 -1.16 -15.79
C LEU C 112 -37.18 -0.53 -15.82
N ASP C 113 -38.18 -1.35 -15.51
CA ASP C 113 -39.57 -0.90 -15.66
C ASP C 113 -39.91 0.23 -14.68
N CYS C 114 -39.52 0.10 -13.43
CA CYS C 114 -40.04 0.93 -12.35
C CYS C 114 -39.15 2.14 -12.08
N ARG C 115 -39.77 3.21 -11.60
CA ARG C 115 -39.03 4.31 -11.00
C ARG C 115 -38.37 3.83 -9.71
N LEU C 116 -37.14 4.29 -9.48
CA LEU C 116 -36.33 3.86 -8.35
C LEU C 116 -36.24 4.99 -7.32
N ASP C 117 -36.54 4.65 -6.06
CA ASP C 117 -36.25 5.54 -4.94
C ASP C 117 -34.74 5.45 -4.67
N LEU C 118 -33.99 6.19 -5.48
CA LEU C 118 -32.58 5.89 -5.69
C LEU C 118 -31.75 5.98 -4.41
N LYS C 119 -32.08 6.90 -3.51
CA LYS C 119 -31.28 7.05 -2.30
C LYS C 119 -31.30 5.79 -1.44
N THR C 120 -32.44 5.10 -1.40
CA THR C 120 -32.54 3.91 -0.56
C THR C 120 -31.62 2.80 -1.07
N ILE C 121 -31.31 2.79 -2.37
CA ILE C 121 -30.36 1.80 -2.87
C ILE C 121 -29.00 2.03 -2.24
N ALA C 122 -28.57 3.30 -2.15
CA ALA C 122 -27.33 3.61 -1.50
C ALA C 122 -27.39 3.33 -0.01
N LEU C 123 -28.53 3.56 0.62
CA LEU C 123 -28.63 3.33 2.05
C LEU C 123 -28.62 1.85 2.40
N HIS C 124 -29.17 0.99 1.55
CA HIS C 124 -29.33 -0.41 1.89
C HIS C 124 -28.16 -1.28 1.47
N ALA C 125 -27.59 -1.06 0.29
CA ALA C 125 -26.57 -1.94 -0.26
C ALA C 125 -25.19 -1.34 -0.03
N ARG C 126 -24.26 -2.18 0.44
CA ARG C 126 -22.90 -1.70 0.68
C ARG C 126 -22.16 -1.46 -0.62
N ASN C 127 -22.37 -2.33 -1.61
CA ASN C 127 -21.69 -2.22 -2.90
C ASN C 127 -22.42 -1.20 -3.78
N ALA C 128 -22.44 0.04 -3.30
CA ALA C 128 -23.14 1.11 -3.98
C ALA C 128 -22.75 2.43 -3.36
N GLU C 129 -22.70 3.47 -4.17
CA GLU C 129 -22.26 4.79 -3.75
C GLU C 129 -23.10 5.82 -4.46
N TYR C 130 -23.53 6.84 -3.73
CA TYR C 130 -24.44 7.85 -4.27
C TYR C 130 -24.09 9.22 -3.73
N ASN C 131 -23.82 10.16 -4.64
CA ASN C 131 -23.44 11.52 -4.30
C ASN C 131 -24.14 12.46 -5.28
N PRO C 132 -25.40 12.84 -5.01
CA PRO C 132 -26.15 13.60 -6.03
C PRO C 132 -25.51 14.92 -6.41
N LYS C 133 -24.81 15.56 -5.49
CA LYS C 133 -24.14 16.82 -5.80
C LYS C 133 -22.85 16.63 -6.60
N ARG C 134 -22.47 15.39 -6.96
CA ARG C 134 -21.37 15.16 -7.88
C ARG C 134 -21.87 14.49 -9.16
N PHE C 135 -22.58 13.37 -9.01
CA PHE C 135 -23.11 12.62 -10.13
C PHE C 135 -24.52 12.16 -9.78
N ALA C 136 -25.35 11.95 -10.80
CA ALA C 136 -26.79 11.79 -10.60
C ALA C 136 -27.24 10.34 -10.41
N ALA C 137 -26.35 9.36 -10.39
CA ALA C 137 -26.73 7.96 -10.34
C ALA C 137 -25.93 7.21 -9.30
N VAL C 138 -26.46 6.06 -8.88
CA VAL C 138 -25.83 5.22 -7.87
C VAL C 138 -24.98 4.17 -8.60
N ILE C 139 -23.69 4.17 -8.29
CA ILE C 139 -22.72 3.33 -9.01
C ILE C 139 -22.58 2.02 -8.24
N MET C 140 -23.37 1.02 -8.60
CA MET C 140 -23.21 -0.29 -8.00
C MET C 140 -21.99 -0.99 -8.58
N ARG C 141 -21.51 -2.00 -7.86
CA ARG C 141 -20.42 -2.84 -8.32
C ARG C 141 -20.67 -4.27 -7.90
N ILE C 142 -20.17 -5.21 -8.69
CA ILE C 142 -20.35 -6.64 -8.43
C ILE C 142 -19.04 -7.35 -8.77
N ARG C 143 -18.72 -8.39 -8.01
CA ARG C 143 -17.35 -8.91 -8.04
C ARG C 143 -17.14 -9.95 -9.13
N GLU C 144 -18.06 -10.89 -9.30
CA GLU C 144 -17.73 -12.08 -10.08
C GLU C 144 -17.56 -11.75 -11.56
N PRO C 145 -18.59 -11.27 -12.30
CA PRO C 145 -18.28 -10.61 -13.58
C PRO C 145 -18.02 -9.13 -13.36
N LYS C 146 -16.76 -8.82 -13.04
CA LYS C 146 -16.38 -7.55 -12.44
C LYS C 146 -16.82 -6.38 -13.29
N THR C 147 -17.80 -5.61 -12.79
CA THR C 147 -18.42 -4.53 -13.54
C THR C 147 -18.89 -3.47 -12.57
N THR C 148 -19.17 -2.28 -13.12
CA THR C 148 -19.86 -1.21 -12.42
C THR C 148 -21.09 -0.82 -13.22
N ALA C 149 -22.18 -0.55 -12.51
CA ALA C 149 -23.47 -0.31 -13.13
C ALA C 149 -24.03 1.03 -12.64
N LEU C 150 -24.08 2.01 -13.53
CA LEU C 150 -24.71 3.28 -13.21
C LEU C 150 -26.22 3.10 -13.30
N ILE C 151 -26.91 3.27 -12.18
CA ILE C 151 -28.35 3.07 -12.10
C ILE C 151 -28.98 4.44 -11.89
N PHE C 152 -29.75 4.89 -12.88
CA PHE C 152 -30.34 6.21 -12.86
C PHE C 152 -31.76 6.15 -12.30
N ALA C 153 -32.23 7.30 -11.82
CA ALA C 153 -33.57 7.35 -11.21
C ALA C 153 -34.68 7.02 -12.20
N SER C 154 -34.44 7.20 -13.50
CA SER C 154 -35.45 6.91 -14.51
C SER C 154 -35.63 5.42 -14.77
N GLY C 155 -34.82 4.57 -14.15
CA GLY C 155 -34.82 3.15 -14.45
C GLY C 155 -33.80 2.73 -15.49
N LYS C 156 -33.16 3.66 -16.18
CA LYS C 156 -32.08 3.29 -17.08
C LYS C 156 -30.91 2.74 -16.28
N MET C 157 -30.18 1.82 -16.91
CA MET C 157 -28.96 1.27 -16.34
C MET C 157 -27.90 1.23 -17.42
N VAL C 158 -26.65 1.54 -17.05
CA VAL C 158 -25.51 1.40 -17.94
C VAL C 158 -24.48 0.54 -17.22
N VAL C 159 -24.22 -0.64 -17.76
CA VAL C 159 -23.27 -1.59 -17.18
C VAL C 159 -21.96 -1.48 -17.96
N THR C 160 -20.85 -1.41 -17.25
CA THR C 160 -19.54 -1.23 -17.83
C THR C 160 -18.57 -2.23 -17.24
N GLY C 161 -17.52 -2.54 -18.00
CA GLY C 161 -16.39 -3.28 -17.50
C GLY C 161 -16.34 -4.75 -17.86
N ALA C 162 -17.40 -5.31 -18.44
CA ALA C 162 -17.33 -6.67 -18.93
C ALA C 162 -16.51 -6.71 -20.21
N LYS C 163 -16.00 -7.91 -20.53
CA LYS C 163 -15.17 -8.11 -21.72
C LYS C 163 -15.76 -9.13 -22.69
N SER C 164 -17.03 -9.49 -22.53
CA SER C 164 -17.71 -10.36 -23.49
C SER C 164 -19.19 -10.02 -23.50
N GLU C 165 -19.85 -10.30 -24.62
CA GLU C 165 -21.26 -9.95 -24.73
C GLU C 165 -22.11 -10.75 -23.73
N ASP C 166 -21.85 -12.06 -23.63
CA ASP C 166 -22.60 -12.86 -22.68
C ASP C 166 -22.25 -12.50 -21.25
N ASP C 167 -20.98 -12.15 -21.00
CA ASP C 167 -20.60 -11.70 -19.67
C ASP C 167 -21.32 -10.41 -19.29
N SER C 168 -21.45 -9.49 -20.23
CA SER C 168 -22.16 -8.24 -19.95
C SER C 168 -23.63 -8.51 -19.70
N LYS C 169 -24.23 -9.41 -20.48
CA LYS C 169 -25.63 -9.76 -20.24
C LYS C 169 -25.81 -10.38 -18.86
N LEU C 170 -24.92 -11.30 -18.49
CA LEU C 170 -25.01 -11.94 -17.17
C LEU C 170 -24.87 -10.92 -16.06
N ALA C 171 -23.90 -10.01 -16.18
CA ALA C 171 -23.72 -9.00 -15.16
C ALA C 171 -24.95 -8.11 -15.03
N SER C 172 -25.52 -7.69 -16.17
CA SER C 172 -26.69 -6.83 -16.11
C SER C 172 -27.88 -7.57 -15.51
N ARG C 173 -28.02 -8.86 -15.80
CA ARG C 173 -29.08 -9.64 -15.18
C ARG C 173 -28.89 -9.72 -13.67
N LYS C 174 -27.63 -9.87 -13.22
CA LYS C 174 -27.38 -9.90 -11.79
C LYS C 174 -27.71 -8.56 -11.14
N TYR C 175 -27.42 -7.45 -11.83
CA TYR C 175 -27.77 -6.15 -11.27
C TYR C 175 -29.28 -5.97 -11.19
N ALA C 176 -30.01 -6.42 -12.21
CA ALA C 176 -31.46 -6.36 -12.15
C ALA C 176 -31.99 -7.22 -11.01
N ARG C 177 -31.38 -8.39 -10.80
CA ARG C 177 -31.79 -9.24 -9.69
C ARG C 177 -31.53 -8.56 -8.36
N ILE C 178 -30.40 -7.87 -8.23
CA ILE C 178 -30.10 -7.17 -6.98
C ILE C 178 -31.14 -6.07 -6.73
N ILE C 179 -31.45 -5.29 -7.75
CA ILE C 179 -32.43 -4.22 -7.58
C ILE C 179 -33.80 -4.79 -7.27
N GLN C 180 -34.11 -5.97 -7.80
CA GLN C 180 -35.35 -6.63 -7.43
C GLN C 180 -35.33 -7.08 -5.98
N LYS C 181 -34.15 -7.47 -5.48
CA LYS C 181 -34.05 -7.94 -4.09
C LYS C 181 -34.29 -6.82 -3.09
N LEU C 182 -33.89 -5.59 -3.42
CA LEU C 182 -34.10 -4.47 -2.50
C LEU C 182 -35.57 -4.11 -2.34
N GLY C 183 -36.46 -4.66 -3.16
CA GLY C 183 -37.89 -4.46 -3.04
C GLY C 183 -38.55 -3.69 -4.16
N PHE C 184 -37.78 -3.11 -5.09
CA PHE C 184 -38.41 -2.42 -6.21
C PHE C 184 -38.93 -3.42 -7.23
N ASN C 185 -39.91 -2.97 -8.02
CA ASN C 185 -40.54 -3.81 -9.03
C ASN C 185 -39.75 -3.69 -10.34
N ALA C 186 -38.52 -4.20 -10.29
CA ALA C 186 -37.56 -4.03 -11.37
C ALA C 186 -37.54 -5.27 -12.26
N LYS C 187 -37.58 -5.06 -13.57
CA LYS C 187 -37.62 -6.13 -14.54
C LYS C 187 -36.56 -5.91 -15.63
N PHE C 188 -35.93 -6.99 -16.05
CA PHE C 188 -34.92 -6.96 -17.11
C PHE C 188 -35.60 -6.83 -18.46
N THR C 189 -36.19 -5.66 -18.73
CA THR C 189 -37.06 -5.52 -19.89
C THR C 189 -36.29 -5.43 -21.21
N ASP C 190 -35.10 -4.81 -21.20
CA ASP C 190 -34.41 -4.48 -22.45
C ASP C 190 -32.91 -4.57 -22.24
N PHE C 191 -32.20 -4.89 -23.32
CA PHE C 191 -30.74 -4.99 -23.28
C PHE C 191 -30.18 -4.67 -24.66
N LYS C 192 -29.30 -3.68 -24.72
CA LYS C 192 -28.59 -3.32 -25.94
C LYS C 192 -27.12 -3.05 -25.63
N ILE C 193 -26.25 -3.54 -26.50
CA ILE C 193 -24.86 -3.10 -26.47
C ILE C 193 -24.77 -1.73 -27.13
N GLN C 194 -23.95 -0.85 -26.55
CA GLN C 194 -23.81 0.52 -27.05
C GLN C 194 -22.39 0.90 -27.42
N ASN C 195 -21.37 0.20 -26.94
CA ASN C 195 -20.00 0.51 -27.32
C ASN C 195 -19.10 -0.65 -26.93
N ILE C 196 -18.37 -1.19 -27.90
CA ILE C 196 -17.34 -2.18 -27.67
C ILE C 196 -16.00 -1.52 -28.00
N VAL C 197 -15.12 -1.45 -27.01
CA VAL C 197 -13.86 -0.72 -27.13
C VAL C 197 -12.74 -1.74 -27.30
N GLY C 198 -12.11 -1.75 -28.47
CA GLY C 198 -11.01 -2.63 -28.76
C GLY C 198 -9.67 -1.96 -28.52
N SER C 199 -8.62 -2.76 -28.42
CA SER C 199 -7.28 -2.23 -28.24
C SER C 199 -6.26 -3.20 -28.81
N CYS C 200 -5.17 -2.65 -29.34
CA CYS C 200 -4.09 -3.46 -29.88
C CYS C 200 -2.79 -2.67 -29.84
N ASP C 201 -1.68 -3.42 -29.74
CA ASP C 201 -0.33 -2.87 -29.76
C ASP C 201 0.32 -3.29 -31.07
N ILE C 202 0.44 -2.34 -32.00
CA ILE C 202 1.19 -2.61 -33.22
C ILE C 202 2.68 -2.44 -32.93
N LYS C 203 3.49 -3.33 -33.50
CA LYS C 203 4.90 -3.42 -33.10
C LYS C 203 5.67 -2.14 -33.45
N PHE C 204 5.46 -1.62 -34.66
CA PHE C 204 6.29 -0.49 -35.11
C PHE C 204 5.70 0.83 -34.64
N PRO C 205 6.52 1.84 -34.31
CA PRO C 205 5.96 3.17 -34.04
C PRO C 205 5.35 3.79 -35.29
N ILE C 206 4.53 4.82 -35.08
CA ILE C 206 3.75 5.45 -36.13
C ILE C 206 4.36 6.80 -36.47
N ARG C 207 4.56 7.06 -37.77
CA ARG C 207 4.86 8.40 -38.28
C ARG C 207 3.54 9.16 -38.30
N LEU C 208 3.20 9.72 -37.15
CA LEU C 208 1.84 10.23 -36.93
C LEU C 208 1.52 11.45 -37.80
N GLU C 209 2.51 12.33 -38.03
CA GLU C 209 2.25 13.51 -38.84
C GLU C 209 1.90 13.12 -40.27
N GLY C 210 2.41 11.99 -40.75
CA GLY C 210 2.04 11.53 -42.08
C GLY C 210 0.56 11.22 -42.17
N LEU C 211 0.04 10.47 -41.20
CA LEU C 211 -1.40 10.22 -41.17
C LEU C 211 -2.19 11.50 -40.98
N ALA C 212 -1.66 12.44 -40.18
CA ALA C 212 -2.38 13.67 -39.94
C ALA C 212 -2.48 14.53 -41.21
N SER C 213 -1.47 14.49 -42.07
CA SER C 213 -1.37 15.40 -43.20
C SER C 213 -1.75 14.80 -44.53
N LYS C 214 -1.55 13.50 -44.72
CA LYS C 214 -1.93 12.88 -45.99
C LYS C 214 -3.44 12.72 -46.09
N HIS C 215 -4.01 11.95 -45.17
CA HIS C 215 -5.46 11.81 -45.12
C HIS C 215 -6.06 13.09 -44.52
N HIS C 216 -7.11 13.60 -45.16
CA HIS C 216 -7.80 14.82 -44.73
C HIS C 216 -9.20 14.56 -44.21
N ASN C 217 -10.02 13.87 -45.00
CA ASN C 217 -11.46 13.84 -44.75
C ASN C 217 -11.85 13.08 -43.48
N PHE C 218 -10.93 12.29 -42.89
CA PHE C 218 -11.29 11.50 -41.72
C PHE C 218 -10.20 11.47 -40.66
N SER C 219 -9.22 12.37 -40.70
CA SER C 219 -8.12 12.38 -39.76
C SER C 219 -8.00 13.74 -39.10
N SER C 220 -7.64 13.73 -37.82
CA SER C 220 -7.46 14.95 -37.04
C SER C 220 -6.37 14.72 -36.01
N TYR C 221 -5.51 15.72 -35.80
CA TYR C 221 -4.38 15.62 -34.87
C TYR C 221 -4.39 16.83 -33.95
N GLU C 222 -4.15 16.56 -32.66
CA GLU C 222 -4.18 17.58 -31.61
C GLU C 222 -3.04 17.31 -30.61
N PRO C 223 -1.80 17.69 -30.96
CA PRO C 223 -0.62 17.12 -30.27
C PRO C 223 -0.57 17.29 -28.75
N GLU C 224 -0.85 18.48 -28.22
CA GLU C 224 -0.76 18.70 -26.78
C GLU C 224 -2.07 18.40 -26.07
N LEU C 225 -3.21 18.61 -26.74
CA LEU C 225 -4.49 18.32 -26.11
C LEU C 225 -4.63 16.83 -25.82
N PHE C 226 -4.21 15.99 -26.75
CA PHE C 226 -4.31 14.54 -26.63
C PHE C 226 -3.26 13.95 -27.56
N PRO C 227 -2.30 13.16 -27.06
CA PRO C 227 -1.14 12.81 -27.90
C PRO C 227 -1.50 11.96 -29.12
N GLY C 228 -2.64 11.30 -29.14
CA GLY C 228 -2.98 10.44 -30.24
C GLY C 228 -3.73 11.15 -31.36
N LEU C 229 -3.57 10.60 -32.56
CA LEU C 229 -4.37 11.03 -33.69
C LEU C 229 -5.77 10.45 -33.57
N ILE C 230 -6.76 11.23 -33.99
CA ILE C 230 -8.15 10.80 -33.99
C ILE C 230 -8.54 10.50 -35.42
N TYR C 231 -8.84 9.23 -35.70
CA TYR C 231 -9.23 8.76 -37.01
C TYR C 231 -10.70 8.40 -36.96
N ARG C 232 -11.51 9.00 -37.83
CA ARG C 232 -12.96 8.80 -37.82
C ARG C 232 -13.38 8.14 -39.13
N MET C 233 -13.61 6.83 -39.06
CA MET C 233 -14.04 6.06 -40.22
C MET C 233 -15.47 6.44 -40.58
N ILE C 234 -15.86 6.12 -41.81
CA ILE C 234 -17.20 6.43 -42.33
C ILE C 234 -18.05 5.16 -42.50
N LYS C 235 -17.52 4.12 -43.15
CA LYS C 235 -18.33 2.94 -43.40
C LYS C 235 -18.64 2.18 -42.11
N PRO C 236 -17.68 1.84 -41.25
CA PRO C 236 -18.00 1.13 -40.00
C PRO C 236 -18.30 2.04 -38.81
N LYS C 237 -18.15 3.36 -38.96
CA LYS C 237 -18.43 4.33 -37.90
C LYS C 237 -17.67 3.99 -36.62
N ILE C 238 -16.38 3.76 -36.77
CA ILE C 238 -15.48 3.49 -35.66
C ILE C 238 -14.46 4.61 -35.59
N VAL C 239 -14.24 5.12 -34.37
CA VAL C 239 -13.22 6.12 -34.11
C VAL C 239 -11.98 5.42 -33.57
N LEU C 240 -10.84 5.61 -34.22
CA LEU C 240 -9.59 5.01 -33.79
C LEU C 240 -8.68 6.09 -33.21
N LEU C 241 -8.22 5.86 -31.98
CA LEU C 241 -7.21 6.70 -31.37
C LEU C 241 -5.84 6.06 -31.63
N ILE C 242 -5.01 6.73 -32.44
CA ILE C 242 -3.73 6.20 -32.89
C ILE C 242 -2.63 6.98 -32.18
N PHE C 243 -1.73 6.26 -31.51
CA PHE C 243 -0.65 6.86 -30.74
C PHE C 243 0.70 6.64 -31.43
N VAL C 244 1.65 7.54 -31.16
CA VAL C 244 2.99 7.42 -31.73
C VAL C 244 3.66 6.12 -31.29
N SER C 245 3.32 5.62 -30.11
CA SER C 245 3.89 4.39 -29.59
C SER C 245 3.34 3.14 -30.28
N GLY C 246 2.46 3.28 -31.26
CA GLY C 246 1.86 2.13 -31.92
C GLY C 246 0.60 1.62 -31.28
N LYS C 247 0.18 2.19 -30.15
CA LYS C 247 -1.09 1.80 -29.55
C LYS C 247 -2.24 2.30 -30.40
N ILE C 248 -3.20 1.42 -30.69
CA ILE C 248 -4.45 1.78 -31.32
C ILE C 248 -5.58 1.22 -30.47
N VAL C 249 -6.55 2.07 -30.12
CA VAL C 249 -7.76 1.65 -29.42
C VAL C 249 -8.95 2.13 -30.22
N LEU C 250 -9.89 1.22 -30.49
CA LEU C 250 -11.03 1.46 -31.36
C LEU C 250 -12.28 1.53 -30.51
N THR C 251 -13.21 2.42 -30.87
CA THR C 251 -14.40 2.63 -30.08
C THR C 251 -15.58 2.97 -30.99
N GLY C 252 -16.78 2.82 -30.44
CA GLY C 252 -18.00 3.10 -31.16
C GLY C 252 -18.57 1.93 -31.93
N ALA C 253 -17.93 0.78 -31.89
CA ALA C 253 -18.49 -0.40 -32.54
C ALA C 253 -19.68 -0.94 -31.76
N LYS C 254 -20.67 -1.45 -32.49
CA LYS C 254 -21.80 -2.13 -31.87
C LYS C 254 -21.54 -3.60 -31.63
N VAL C 255 -20.68 -4.22 -32.44
CA VAL C 255 -20.36 -5.64 -32.31
C VAL C 255 -18.90 -5.82 -32.70
N ARG C 256 -18.29 -6.89 -32.18
CA ARG C 256 -16.85 -7.08 -32.32
C ARG C 256 -16.41 -7.19 -33.78
N GLU C 257 -17.29 -7.68 -34.65
CA GLU C 257 -16.93 -7.82 -36.06
C GLU C 257 -16.55 -6.47 -36.66
N GLU C 258 -17.21 -5.40 -36.22
CA GLU C 258 -16.84 -4.07 -36.70
C GLU C 258 -15.46 -3.68 -36.21
N ILE C 259 -15.09 -4.07 -34.98
CA ILE C 259 -13.75 -3.78 -34.48
C ILE C 259 -12.71 -4.48 -35.34
N TYR C 260 -12.91 -5.76 -35.63
CA TYR C 260 -11.95 -6.48 -36.45
C TYR C 260 -11.87 -5.88 -37.85
N GLN C 261 -13.03 -5.52 -38.43
CA GLN C 261 -13.06 -4.90 -39.74
C GLN C 261 -12.27 -3.60 -39.75
N ALA C 262 -12.49 -2.75 -38.74
CA ALA C 262 -11.80 -1.47 -38.72
C ALA C 262 -10.31 -1.66 -38.59
N PHE C 263 -9.87 -2.60 -37.74
CA PHE C 263 -8.43 -2.79 -37.58
C PHE C 263 -7.80 -3.31 -38.86
N GLU C 264 -8.42 -4.30 -39.50
CA GLU C 264 -7.83 -4.82 -40.73
C GLU C 264 -7.97 -3.86 -41.90
N MET C 265 -8.78 -2.82 -41.77
CA MET C 265 -8.87 -1.78 -42.78
C MET C 265 -7.88 -0.65 -42.55
N ILE C 266 -7.56 -0.35 -41.28
CA ILE C 266 -6.58 0.70 -41.00
C ILE C 266 -5.16 0.16 -41.04
N TYR C 267 -4.95 -1.14 -40.78
CA TYR C 267 -3.59 -1.67 -40.77
C TYR C 267 -2.87 -1.48 -42.09
N PRO C 268 -3.43 -1.82 -43.25
CA PRO C 268 -2.74 -1.53 -44.51
C PRO C 268 -2.62 -0.05 -44.84
N VAL C 269 -3.14 0.86 -44.01
CA VAL C 269 -2.97 2.29 -44.23
C VAL C 269 -1.78 2.77 -43.42
N LEU C 270 -1.83 2.60 -42.10
CA LEU C 270 -0.71 3.05 -41.28
C LEU C 270 0.51 2.16 -41.44
N GLN C 271 0.40 1.02 -42.12
CA GLN C 271 1.59 0.27 -42.50
C GLN C 271 2.50 1.07 -43.43
N ASP C 272 1.94 2.03 -44.16
CA ASP C 272 2.70 2.92 -45.02
C ASP C 272 3.49 3.97 -44.25
N PHE C 273 3.32 4.05 -42.92
CA PHE C 273 3.90 5.11 -42.10
C PHE C 273 4.66 4.48 -40.94
N ARG C 274 5.93 4.17 -41.18
CA ARG C 274 6.82 3.58 -40.18
C ARG C 274 6.23 2.32 -39.56
N ALA D 2 5.45 11.67 22.59
CA ALA D 2 4.91 10.29 22.48
C ALA D 2 5.71 9.33 23.36
N THR D 3 5.13 8.16 23.61
CA THR D 3 5.76 7.11 24.40
C THR D 3 5.65 5.81 23.63
N ARG D 4 6.23 4.74 24.17
CA ARG D 4 6.16 3.45 23.50
C ARG D 4 4.71 3.00 23.33
N LEU D 5 3.90 3.19 24.36
CA LEU D 5 2.51 2.73 24.32
C LEU D 5 1.74 3.39 23.18
N ASP D 6 1.90 4.70 23.01
CA ASP D 6 1.14 5.40 21.96
C ASP D 6 1.52 4.88 20.58
N ARG D 7 2.82 4.66 20.34
CA ARG D 7 3.23 4.18 19.04
C ARG D 7 2.78 2.74 18.82
N LEU D 8 2.88 1.90 19.85
CA LEU D 8 2.45 0.51 19.74
C LEU D 8 0.96 0.42 19.43
N VAL D 9 0.15 1.28 20.07
CA VAL D 9 -1.27 1.31 19.76
C VAL D 9 -1.51 1.83 18.36
N THR D 10 -0.69 2.78 17.90
CA THR D 10 -0.84 3.28 16.54
C THR D 10 -0.51 2.19 15.52
N ILE D 11 0.33 1.22 15.87
CA ILE D 11 0.67 0.16 14.93
C ILE D 11 -0.58 -0.59 14.47
N LEU D 12 -1.59 -0.69 15.35
CA LEU D 12 -2.80 -1.43 14.98
C LEU D 12 -3.47 -0.82 13.76
N GLU D 13 -3.51 0.50 13.67
CA GLU D 13 -4.11 1.14 12.51
C GLU D 13 -3.29 0.90 11.26
N THR D 14 -2.01 1.27 11.30
CA THR D 14 -1.12 1.18 10.14
C THR D 14 -0.08 0.11 10.39
N GLY D 15 -0.06 -0.90 9.52
CA GLY D 15 0.86 -2.00 9.67
C GLY D 15 1.01 -2.72 8.35
N SER D 16 2.17 -3.36 8.18
CA SER D 16 2.48 -4.00 6.90
C SER D 16 1.55 -5.16 6.63
N THR D 17 1.39 -6.06 7.60
CA THR D 17 0.83 -7.38 7.34
C THR D 17 0.04 -7.83 8.55
N ARG D 18 -0.64 -8.98 8.40
CA ARG D 18 -1.27 -9.63 9.54
C ARG D 18 -0.29 -9.86 10.67
N LEU D 19 0.95 -10.23 10.34
CA LEU D 19 1.92 -10.60 11.36
C LEU D 19 2.29 -9.42 12.26
N ILE D 20 2.45 -8.24 11.68
CA ILE D 20 2.83 -7.07 12.48
C ILE D 20 1.70 -6.70 13.42
N ARG D 21 0.47 -6.68 12.92
CA ARG D 21 -0.67 -6.38 13.78
C ARG D 21 -0.82 -7.43 14.88
N ASP D 22 -0.59 -8.70 14.55
CA ASP D 22 -0.65 -9.75 15.55
C ASP D 22 0.39 -9.52 16.65
N THR D 23 1.60 -9.15 16.24
CA THR D 23 2.64 -8.87 17.23
C THR D 23 2.26 -7.67 18.09
N ALA D 24 1.67 -6.64 17.47
CA ALA D 24 1.29 -5.46 18.23
C ALA D 24 0.24 -5.81 19.29
N VAL D 25 -0.77 -6.61 18.91
CA VAL D 25 -1.80 -6.95 19.90
C VAL D 25 -1.23 -7.87 20.98
N ASN D 26 -0.34 -8.80 20.60
CA ASN D 26 0.28 -9.65 21.61
C ASN D 26 1.09 -8.84 22.60
N GLN D 27 1.83 -7.84 22.11
CA GLN D 27 2.64 -7.04 22.99
C GLN D 27 1.80 -6.10 23.85
N LEU D 28 0.66 -5.64 23.33
CA LEU D 28 -0.28 -4.91 24.18
C LEU D 28 -0.77 -5.80 25.31
N ALA D 29 -1.11 -7.04 25.00
CA ALA D 29 -1.55 -7.95 26.04
C ALA D 29 -0.48 -8.16 27.10
N ASP D 30 0.77 -8.37 26.67
CA ASP D 30 1.86 -8.53 27.62
C ASP D 30 2.06 -7.26 28.45
N TRP D 31 1.96 -6.09 27.81
CA TRP D 31 2.13 -4.84 28.53
C TRP D 31 1.06 -4.70 29.60
N GLN D 32 -0.15 -5.17 29.32
CA GLN D 32 -1.17 -5.16 30.36
C GLN D 32 -0.84 -6.17 31.46
N LYS D 33 -0.32 -7.34 31.09
CA LYS D 33 -0.03 -8.36 32.09
C LYS D 33 1.04 -7.89 33.07
N GLN D 34 2.08 -7.23 32.56
CA GLN D 34 3.17 -6.80 33.43
C GLN D 34 2.76 -5.65 34.34
N HIS D 35 1.86 -4.78 33.88
CA HIS D 35 1.38 -3.63 34.64
C HIS D 35 -0.14 -3.66 34.67
N PRO D 36 -0.74 -4.43 35.59
CA PRO D 36 -2.19 -4.64 35.52
C PRO D 36 -3.02 -3.38 35.68
N GLU D 37 -2.56 -2.41 36.47
CA GLU D 37 -3.35 -1.19 36.69
C GLU D 37 -3.47 -0.34 35.43
N GLU D 38 -2.67 -0.61 34.39
CA GLU D 38 -2.73 0.13 33.14
C GLU D 38 -3.90 -0.28 32.26
N LEU D 39 -4.79 -1.18 32.73
CA LEU D 39 -5.84 -1.74 31.90
C LEU D 39 -6.70 -0.68 31.23
N PHE D 40 -7.24 0.26 32.01
CA PHE D 40 -8.11 1.26 31.40
C PHE D 40 -7.34 2.32 30.64
N ASN D 41 -6.08 2.58 30.99
CA ASN D 41 -5.28 3.46 30.15
C ASN D 41 -5.00 2.84 28.79
N LEU D 42 -4.99 1.51 28.70
CA LEU D 42 -4.89 0.85 27.40
C LEU D 42 -6.22 0.86 26.67
N LEU D 43 -7.30 0.53 27.36
CA LEU D 43 -8.59 0.43 26.70
C LEU D 43 -9.06 1.78 26.20
N SER D 44 -8.79 2.86 26.94
CA SER D 44 -9.18 4.18 26.45
C SER D 44 -8.40 4.57 25.20
N ARG D 45 -7.28 3.91 24.92
CA ARG D 45 -6.49 4.14 23.72
C ARG D 45 -6.94 3.25 22.57
N VAL D 46 -7.35 2.03 22.86
CA VAL D 46 -7.71 1.07 21.81
C VAL D 46 -9.17 1.17 21.41
N VAL D 47 -10.08 1.45 22.34
CA VAL D 47 -11.51 1.55 22.09
C VAL D 47 -11.85 2.55 20.97
N PRO D 48 -11.26 3.74 20.91
CA PRO D 48 -11.64 4.66 19.82
C PRO D 48 -11.34 4.13 18.42
N TYR D 49 -10.54 3.07 18.27
CA TYR D 49 -10.39 2.46 16.97
C TYR D 49 -11.56 1.57 16.58
N LEU D 50 -12.47 1.26 17.50
CA LEU D 50 -13.66 0.53 17.12
C LEU D 50 -14.56 1.33 16.19
N ARG D 51 -14.47 2.66 16.22
CA ARG D 51 -15.25 3.52 15.34
C ARG D 51 -14.55 3.80 14.02
N HIS D 52 -13.39 3.19 13.77
CA HIS D 52 -12.58 3.53 12.61
C HIS D 52 -13.28 3.10 11.32
N LYS D 53 -12.94 3.80 10.24
CA LYS D 53 -13.61 3.59 8.96
C LYS D 53 -13.21 2.29 8.29
N ASP D 54 -12.05 1.72 8.61
CA ASP D 54 -11.50 0.60 7.87
C ASP D 54 -11.80 -0.71 8.61
N TRP D 55 -12.29 -1.71 7.85
CA TRP D 55 -12.68 -2.98 8.45
C TRP D 55 -11.54 -3.63 9.21
N GLU D 56 -10.35 -3.66 8.61
CA GLU D 56 -9.26 -4.39 9.24
C GLU D 56 -8.80 -3.71 10.51
N THR D 57 -8.74 -2.38 10.52
CA THR D 57 -8.43 -1.66 11.75
C THR D 57 -9.46 -1.94 12.83
N ARG D 58 -10.74 -1.96 12.46
CA ARG D 58 -11.80 -2.24 13.43
C ARG D 58 -11.66 -3.64 14.01
N THR D 59 -11.40 -4.63 13.16
CA THR D 59 -11.27 -6.00 13.63
C THR D 59 -10.03 -6.16 14.50
N THR D 60 -8.93 -5.51 14.13
CA THR D 60 -7.72 -5.60 14.94
C THR D 60 -7.91 -4.92 16.28
N ALA D 61 -8.64 -3.81 16.32
CA ALA D 61 -8.93 -3.18 17.60
C ALA D 61 -9.79 -4.08 18.46
N ALA D 62 -10.76 -4.78 17.85
CA ALA D 62 -11.56 -5.72 18.62
C ALA D 62 -10.69 -6.86 19.17
N LYS D 63 -9.80 -7.41 18.35
CA LYS D 63 -8.90 -8.45 18.82
C LYS D 63 -7.99 -7.93 19.93
N ALA D 64 -7.52 -6.70 19.81
CA ALA D 64 -6.68 -6.11 20.85
C ALA D 64 -7.44 -6.02 22.16
N ILE D 65 -8.71 -5.60 22.10
CA ILE D 65 -9.51 -5.57 23.32
C ILE D 65 -9.66 -6.98 23.89
N GLY D 66 -9.89 -7.96 23.02
CA GLY D 66 -10.02 -9.33 23.50
C GLY D 66 -8.80 -9.79 24.26
N LYS D 67 -7.63 -9.61 23.65
CA LYS D 67 -6.39 -10.07 24.28
C LYS D 67 -6.11 -9.29 25.55
N ILE D 68 -6.34 -7.97 25.54
CA ILE D 68 -6.09 -7.18 26.74
C ILE D 68 -7.00 -7.63 27.87
N ILE D 69 -8.28 -7.84 27.57
CA ILE D 69 -9.25 -8.23 28.60
C ILE D 69 -8.91 -9.59 29.17
N GLU D 70 -8.44 -10.53 28.33
CA GLU D 70 -8.15 -11.87 28.82
C GLU D 70 -7.11 -11.90 29.92
N ASN D 71 -6.26 -10.88 30.00
CA ASN D 71 -5.26 -10.79 31.06
C ASN D 71 -5.76 -10.04 32.28
N ALA D 72 -6.88 -9.35 32.20
CA ALA D 72 -7.44 -8.67 33.35
C ALA D 72 -8.11 -9.68 34.28
N PRO D 73 -8.16 -9.41 35.58
CA PRO D 73 -8.79 -10.37 36.50
C PRO D 73 -10.30 -10.37 36.35
N LEU D 74 -10.89 -11.55 36.53
CA LEU D 74 -12.34 -11.66 36.52
C LEU D 74 -12.92 -11.02 37.77
N TYR D 75 -14.19 -10.65 37.70
CA TYR D 75 -14.86 -9.89 38.74
C TYR D 75 -15.86 -10.76 39.48
N ASP D 76 -15.75 -10.80 40.80
CA ASP D 76 -16.71 -11.52 41.65
C ASP D 76 -16.66 -10.90 43.04
N PRO D 77 -17.58 -9.99 43.37
CA PRO D 77 -17.50 -9.32 44.67
C PRO D 77 -17.80 -10.22 45.85
N ASN D 78 -18.41 -11.38 45.63
CA ASN D 78 -18.74 -12.31 46.71
C ASN D 78 -17.66 -13.33 46.96
N ALA D 79 -16.56 -13.29 46.22
CA ALA D 79 -15.47 -14.24 46.40
C ALA D 79 -14.83 -14.04 47.77
N ASN D 108 -34.94 0.13 35.19
CA ASN D 108 -34.56 0.83 33.96
C ASN D 108 -34.14 -0.16 32.88
N PHE D 109 -33.77 -1.38 33.27
CA PHE D 109 -33.41 -2.40 32.29
C PHE D 109 -34.62 -2.82 31.48
N PHE D 110 -34.35 -3.29 30.26
CA PHE D 110 -35.37 -3.97 29.47
C PHE D 110 -35.51 -5.42 29.95
N ARG D 111 -36.74 -5.92 29.95
CA ARG D 111 -37.02 -7.29 30.32
C ARG D 111 -37.25 -8.11 29.05
N LEU D 112 -36.56 -9.24 28.94
CA LEU D 112 -36.62 -10.04 27.73
C LEU D 112 -38.02 -10.58 27.48
N GLU D 113 -38.73 -10.93 28.56
CA GLU D 113 -40.08 -11.48 28.41
C GLU D 113 -41.04 -10.51 27.74
N SER D 114 -40.80 -9.21 27.83
CA SER D 114 -41.72 -8.22 27.30
C SER D 114 -41.56 -7.97 25.81
N LEU D 115 -40.55 -8.55 25.16
CA LEU D 115 -40.28 -8.21 23.76
C LEU D 115 -41.42 -8.63 22.86
N ASP D 116 -42.14 -7.64 22.30
CA ASP D 116 -43.24 -7.88 21.37
C ASP D 116 -42.74 -7.60 19.96
N VAL D 117 -42.35 -8.67 19.27
CA VAL D 117 -41.67 -8.58 17.97
C VAL D 117 -42.46 -7.76 16.97
N ALA D 118 -43.79 -7.84 17.04
CA ALA D 118 -44.63 -7.14 16.05
C ALA D 118 -44.40 -5.63 16.09
N THR D 119 -44.30 -5.04 17.28
CA THR D 119 -44.18 -3.59 17.36
C THR D 119 -42.79 -3.13 16.90
N ILE D 120 -41.76 -3.90 17.22
CA ILE D 120 -40.40 -3.47 16.91
C ILE D 120 -40.18 -3.38 15.41
N VAL D 121 -40.88 -4.20 14.62
CA VAL D 121 -40.75 -4.16 13.16
C VAL D 121 -41.77 -3.21 12.54
N LYS D 122 -42.99 -3.14 13.10
CA LYS D 122 -43.97 -2.19 12.61
C LYS D 122 -43.50 -0.76 12.84
N TYR D 123 -43.11 -0.44 14.07
CA TYR D 123 -42.58 0.84 14.46
C TYR D 123 -41.06 0.74 14.55
N GLY D 124 -40.43 1.77 15.08
CA GLY D 124 -38.99 1.77 15.27
C GLY D 124 -38.25 2.20 14.03
N ARG D 125 -36.95 2.45 14.23
CA ARG D 125 -36.11 3.07 13.22
C ARG D 125 -35.28 2.00 12.53
N PRO D 126 -35.39 1.78 11.23
CA PRO D 126 -34.48 0.82 10.59
C PRO D 126 -33.06 1.33 10.64
N LEU D 127 -32.13 0.40 10.85
CA LEU D 127 -30.71 0.73 10.95
C LEU D 127 -30.06 0.47 9.61
N LEU D 128 -29.46 1.50 9.03
CA LEU D 128 -28.90 1.44 7.68
C LEU D 128 -27.55 2.14 7.71
N ARG D 129 -26.97 2.36 6.54
CA ARG D 129 -25.78 3.21 6.43
C ARG D 129 -26.27 4.64 6.59
N GLY D 130 -26.21 5.12 7.83
CA GLY D 130 -26.90 6.35 8.19
C GLY D 130 -26.43 7.55 7.40
N GLY D 131 -27.24 8.61 7.47
CA GLY D 131 -27.02 9.80 6.69
C GLY D 131 -25.79 10.57 7.14
N PRO D 132 -25.63 11.78 6.59
CA PRO D 132 -24.46 12.60 6.94
C PRO D 132 -24.41 12.95 8.42
N VAL D 133 -23.22 13.34 8.87
CA VAL D 133 -23.01 13.65 10.28
C VAL D 133 -23.78 14.91 10.66
N ASP D 134 -24.51 14.83 11.77
CA ASP D 134 -25.16 16.00 12.37
C ASP D 134 -24.20 16.57 13.41
N TYR D 135 -23.44 17.58 13.00
CA TYR D 135 -22.35 18.08 13.82
C TYR D 135 -22.82 18.76 15.11
N ASN D 136 -24.08 19.22 15.16
CA ASN D 136 -24.57 19.83 16.39
C ASN D 136 -24.61 18.83 17.55
N LEU D 137 -24.89 17.56 17.25
CA LEU D 137 -24.90 16.54 18.29
C LEU D 137 -23.50 16.03 18.60
N ALA D 138 -22.63 15.97 17.58
CA ALA D 138 -21.26 15.53 17.81
C ALA D 138 -20.50 16.47 18.73
N ALA D 139 -20.89 17.75 18.76
CA ALA D 139 -20.21 18.73 19.60
C ALA D 139 -20.50 18.56 21.08
N LEU D 140 -21.47 17.74 21.46
CA LEU D 140 -21.82 17.59 22.87
C LEU D 140 -20.66 16.95 23.64
N ASP D 141 -20.59 17.26 24.93
CA ASP D 141 -19.67 16.55 25.81
C ASP D 141 -20.00 15.06 25.76
N PRO D 142 -19.01 14.16 25.80
CA PRO D 142 -19.33 12.73 25.64
C PRO D 142 -20.37 12.18 26.61
N GLN D 143 -20.37 12.64 27.87
CA GLN D 143 -21.34 12.11 28.82
C GLN D 143 -22.76 12.60 28.51
N LYS D 144 -22.92 13.88 28.16
CA LYS D 144 -24.25 14.35 27.78
C LYS D 144 -24.66 13.81 26.42
N ARG D 145 -23.71 13.58 25.52
CA ARG D 145 -24.01 12.89 24.28
C ARG D 145 -24.57 11.51 24.56
N LEU D 146 -23.93 10.77 25.46
CA LEU D 146 -24.45 9.46 25.85
C LEU D 146 -25.84 9.57 26.45
N ALA D 147 -26.06 10.57 27.30
CA ALA D 147 -27.36 10.72 27.93
C ALA D 147 -28.45 10.99 26.89
N HIS D 148 -28.15 11.85 25.91
CA HIS D 148 -29.14 12.17 24.88
C HIS D 148 -29.43 10.96 24.00
N LEU D 149 -28.39 10.24 23.59
CA LEU D 149 -28.62 9.03 22.79
C LEU D 149 -29.37 7.99 23.60
N LYS D 150 -29.12 7.90 24.90
CA LYS D 150 -29.88 6.98 25.74
C LYS D 150 -31.34 7.37 25.81
N LYS D 151 -31.64 8.67 25.82
CA LYS D 151 -33.03 9.10 25.76
C LYS D 151 -33.67 8.71 24.43
N THR D 152 -32.95 8.93 23.33
CA THR D 152 -33.51 8.64 22.02
C THR D 152 -33.64 7.13 21.79
N LEU D 153 -32.87 6.31 22.52
CA LEU D 153 -32.86 4.86 22.30
C LEU D 153 -34.25 4.27 22.47
N ASN D 154 -34.96 4.64 23.53
CA ASN D 154 -36.28 4.08 23.77
C ASN D 154 -37.23 4.41 22.64
N GLY D 155 -37.11 5.61 22.07
CA GLY D 155 -37.93 5.95 20.93
C GLY D 155 -37.58 5.14 19.70
N ARG D 156 -36.28 5.02 19.41
CA ARG D 156 -35.87 4.37 18.18
C ARG D 156 -36.18 2.88 18.18
N LEU D 157 -36.23 2.25 19.36
CA LEU D 157 -36.64 0.86 19.43
C LEU D 157 -38.11 0.66 19.10
N GLY D 158 -38.90 1.72 19.15
CA GLY D 158 -40.31 1.63 18.82
C GLY D 158 -41.22 1.26 19.97
N LEU D 159 -40.73 1.30 21.21
CA LEU D 159 -41.61 1.02 22.35
C LEU D 159 -42.67 2.08 22.57
N LEU D 160 -42.55 3.25 21.94
CA LEU D 160 -43.54 4.31 22.11
C LEU D 160 -44.89 3.97 21.51
N GLY D 161 -45.00 2.92 20.70
CA GLY D 161 -46.23 2.65 19.99
C GLY D 161 -46.44 3.52 18.77
N ARG D 162 -45.42 4.24 18.33
CA ARG D 162 -45.49 5.02 17.11
C ARG D 162 -44.08 5.29 16.62
N VAL D 163 -43.95 5.57 15.34
CA VAL D 163 -42.64 5.79 14.73
C VAL D 163 -42.05 7.08 15.31
N PHE D 164 -40.88 6.96 15.94
CA PHE D 164 -40.24 8.10 16.57
C PHE D 164 -39.56 8.96 15.52
N GLU D 165 -39.75 10.27 15.63
CA GLU D 165 -39.13 11.25 14.74
C GLU D 165 -38.13 12.08 15.54
N ASP D 166 -36.98 12.36 14.91
CA ASP D 166 -35.88 12.99 15.64
C ASP D 166 -36.23 14.37 16.17
N GLU D 167 -37.20 15.05 15.54
CA GLU D 167 -37.54 16.41 15.96
C GLU D 167 -38.08 16.46 17.39
N GLU D 168 -38.59 15.35 17.92
CA GLU D 168 -39.19 15.37 19.25
C GLU D 168 -38.15 15.60 20.34
N MET D 169 -36.88 15.35 20.07
CA MET D 169 -35.81 15.47 21.06
C MET D 169 -34.79 16.51 20.58
N PRO D 170 -34.81 17.73 21.10
CA PRO D 170 -33.83 18.73 20.65
C PRO D 170 -32.43 18.37 21.13
N VAL D 171 -31.45 18.58 20.25
CA VAL D 171 -30.08 18.23 20.58
C VAL D 171 -29.55 19.12 21.70
N GLU D 172 -29.79 20.42 21.61
CA GLU D 172 -29.28 21.38 22.58
C GLU D 172 -30.25 22.53 22.78
N GLU D 299 -11.06 10.55 32.75
CA GLU D 299 -12.28 11.31 32.50
C GLU D 299 -12.92 10.96 31.16
N ILE D 300 -12.20 10.20 30.32
CA ILE D 300 -12.76 9.77 29.05
C ILE D 300 -13.91 8.79 29.31
N GLU D 301 -14.83 8.71 28.36
CA GLU D 301 -16.05 7.92 28.55
C GLU D 301 -15.74 6.45 28.85
N ALA D 302 -14.72 5.88 28.20
CA ALA D 302 -14.36 4.49 28.44
C ALA D 302 -13.65 4.28 29.77
N ASP D 303 -13.21 5.34 30.44
CA ASP D 303 -12.43 5.20 31.66
C ASP D 303 -13.29 4.68 32.80
N ASP D 304 -12.62 4.22 33.86
CA ASP D 304 -13.31 3.71 35.04
C ASP D 304 -14.07 4.82 35.75
N GLY D 308 -13.83 -0.88 42.87
CA GLY D 308 -14.27 -2.26 42.93
C GLY D 308 -15.71 -2.44 43.39
N ALA D 309 -16.44 -1.33 43.50
CA ALA D 309 -17.83 -1.40 43.94
C ALA D 309 -18.74 -2.03 42.88
N GLU D 310 -18.32 -2.04 41.62
CA GLU D 310 -19.13 -2.58 40.54
C GLU D 310 -18.22 -3.21 39.50
N TRP D 311 -18.84 -3.88 38.53
CA TRP D 311 -18.11 -4.45 37.41
C TRP D 311 -17.30 -3.35 36.72
N PRO D 312 -15.97 -3.52 36.54
CA PRO D 312 -15.18 -2.39 36.02
C PRO D 312 -15.60 -1.91 34.65
N PHE D 313 -15.97 -2.81 33.75
CA PHE D 313 -16.32 -2.42 32.38
C PHE D 313 -17.74 -1.92 32.25
N GLU D 314 -18.42 -1.65 33.36
CA GLU D 314 -19.81 -1.20 33.28
C GLU D 314 -19.93 0.07 32.47
N ARG D 315 -19.01 1.01 32.64
CA ARG D 315 -19.07 2.24 31.85
C ARG D 315 -18.85 1.97 30.37
N LEU D 316 -17.89 1.10 30.05
CA LEU D 316 -17.62 0.79 28.65
C LEU D 316 -18.80 0.10 28.00
N CYS D 317 -19.43 -0.83 28.72
CA CYS D 317 -20.58 -1.52 28.15
C CYS D 317 -21.79 -0.60 28.06
N GLU D 318 -21.96 0.30 29.02
CA GLU D 318 -23.03 1.30 28.91
C GLU D 318 -22.82 2.17 27.68
N PHE D 319 -21.58 2.47 27.34
CA PHE D 319 -21.29 3.23 26.13
C PHE D 319 -21.57 2.40 24.89
N LEU D 320 -21.09 1.16 24.85
CA LEU D 320 -21.20 0.36 23.64
C LEU D 320 -22.63 -0.10 23.39
N LYS D 321 -23.42 -0.34 24.44
CA LYS D 321 -24.79 -0.78 24.23
C LYS D 321 -25.63 0.28 23.53
N VAL D 322 -25.31 1.56 23.76
CA VAL D 322 -26.01 2.65 23.07
C VAL D 322 -25.38 2.94 21.73
N ASP D 323 -24.06 2.77 21.62
CA ASP D 323 -23.40 2.87 20.32
C ASP D 323 -23.88 1.78 19.37
N LEU D 324 -24.39 0.67 19.90
CA LEU D 324 -24.85 -0.45 19.09
C LEU D 324 -26.01 -0.08 18.17
N PHE D 325 -26.69 1.04 18.42
CA PHE D 325 -27.79 1.51 17.59
C PHE D 325 -27.44 2.78 16.81
N ASP D 326 -26.16 3.14 16.72
CA ASP D 326 -25.80 4.37 16.04
C ASP D 326 -26.17 4.27 14.56
N PRO D 327 -26.54 5.39 13.91
CA PRO D 327 -26.91 5.29 12.49
C PRO D 327 -25.82 4.79 11.58
N GLN D 328 -24.56 5.16 11.82
CA GLN D 328 -23.49 4.70 10.95
C GLN D 328 -23.32 3.20 11.07
N TRP D 329 -23.04 2.54 9.94
CA TRP D 329 -22.86 1.09 9.97
C TRP D 329 -21.52 0.71 10.58
N GLU D 330 -20.49 1.56 10.40
CA GLU D 330 -19.18 1.28 10.98
C GLU D 330 -19.26 1.23 12.50
N THR D 331 -19.95 2.19 13.10
CA THR D 331 -20.02 2.24 14.55
C THR D 331 -20.85 1.09 15.11
N ARG D 332 -21.90 0.66 14.40
CA ARG D 332 -22.64 -0.51 14.85
C ARG D 332 -21.77 -1.76 14.80
N HIS D 333 -20.97 -1.90 13.74
CA HIS D 333 -20.03 -3.01 13.67
C HIS D 333 -19.05 -2.97 14.85
N GLY D 334 -18.48 -1.80 15.10
CA GLY D 334 -17.52 -1.64 16.18
C GLY D 334 -18.11 -1.99 17.54
N ALA D 335 -19.29 -1.46 17.83
CA ALA D 335 -19.94 -1.76 19.10
C ALA D 335 -20.26 -3.23 19.22
N ALA D 336 -20.71 -3.86 18.14
CA ALA D 336 -21.03 -5.28 18.22
C ALA D 336 -19.81 -6.11 18.52
N MET D 337 -18.67 -5.79 17.90
CA MET D 337 -17.46 -6.57 18.18
C MET D 337 -16.93 -6.29 19.58
N GLY D 338 -17.00 -5.04 20.04
CA GLY D 338 -16.55 -4.74 21.39
C GLY D 338 -17.36 -5.47 22.43
N LEU D 339 -18.69 -5.45 22.29
CA LEU D 339 -19.53 -6.21 23.20
C LEU D 339 -19.23 -7.70 23.08
N ARG D 340 -18.96 -8.17 21.87
CA ARG D 340 -18.64 -9.59 21.67
C ARG D 340 -17.45 -10.00 22.52
N GLU D 341 -16.37 -9.24 22.45
CA GLU D 341 -15.16 -9.61 23.19
C GLU D 341 -15.35 -9.43 24.69
N VAL D 342 -15.88 -8.28 25.12
CA VAL D 342 -16.02 -8.02 26.56
C VAL D 342 -16.93 -9.06 27.20
N ILE D 343 -18.06 -9.37 26.56
CA ILE D 343 -18.96 -10.37 27.13
C ILE D 343 -18.32 -11.75 27.10
N ARG D 344 -17.71 -12.12 25.97
CA ARG D 344 -17.10 -13.44 25.83
C ARG D 344 -16.14 -13.73 26.96
N VAL D 345 -15.37 -12.73 27.38
CA VAL D 345 -14.40 -12.97 28.45
C VAL D 345 -15.03 -12.79 29.83
N HIS D 346 -15.68 -11.66 30.10
CA HIS D 346 -16.03 -11.26 31.45
C HIS D 346 -17.52 -11.28 31.77
N GLY D 347 -18.35 -11.93 30.94
CA GLY D 347 -19.78 -11.79 31.10
C GLY D 347 -20.30 -12.26 32.44
N ALA D 348 -19.68 -13.31 32.99
CA ALA D 348 -20.17 -13.91 34.23
C ALA D 348 -20.21 -12.91 35.37
N GLY D 349 -19.36 -11.89 35.35
CA GLY D 349 -19.38 -10.84 36.35
C GLY D 349 -20.26 -9.66 36.01
N ALA D 350 -20.94 -9.70 34.87
CA ALA D 350 -21.63 -8.53 34.37
C ALA D 350 -22.74 -8.09 35.31
N GLY D 351 -22.74 -6.80 35.63
CA GLY D 351 -23.79 -6.24 36.45
C GLY D 351 -23.75 -6.59 37.91
N ARG D 352 -22.79 -7.40 38.35
CA ARG D 352 -22.66 -7.68 39.77
C ARG D 352 -22.33 -6.39 40.50
N ARG D 353 -22.62 -6.34 41.79
CA ARG D 353 -22.24 -5.19 42.60
C ARG D 353 -21.83 -5.64 43.99
N ARG D 354 -20.98 -4.83 44.61
CA ARG D 354 -20.41 -5.19 45.91
C ARG D 354 -21.46 -5.11 47.00
N GLY D 355 -21.25 -5.90 48.06
CA GLY D 355 -22.11 -5.93 49.23
C GLY D 355 -23.28 -6.90 49.14
N LYS D 356 -23.96 -6.91 47.99
CA LYS D 356 -25.08 -7.82 47.81
C LYS D 356 -24.63 -9.27 47.88
N THR D 357 -25.54 -10.12 48.34
CA THR D 357 -25.25 -11.55 48.46
C THR D 357 -25.11 -12.19 47.09
N ARG D 358 -24.47 -13.37 47.08
CA ARG D 358 -24.27 -14.10 45.83
C ARG D 358 -25.61 -14.45 45.18
N LYS D 359 -26.62 -14.78 45.99
CA LYS D 359 -27.94 -15.06 45.45
C LYS D 359 -28.49 -13.83 44.73
N GLU D 360 -28.35 -12.65 45.33
CA GLU D 360 -28.86 -11.43 44.71
C GLU D 360 -28.01 -11.01 43.52
N ASN D 361 -26.69 -11.20 43.61
CA ASN D 361 -25.84 -10.89 42.48
C ASN D 361 -26.14 -11.79 41.29
N ASN D 362 -26.61 -13.02 41.53
CA ASN D 362 -27.04 -13.85 40.42
C ASN D 362 -28.25 -13.25 39.72
N ASP D 363 -29.19 -12.69 40.49
CA ASP D 363 -30.34 -12.03 39.89
C ASP D 363 -29.92 -10.82 39.09
N LEU D 364 -28.99 -10.03 39.62
CA LEU D 364 -28.52 -8.85 38.88
C LEU D 364 -27.82 -9.27 37.59
N ASN D 365 -27.02 -10.33 37.63
CA ASN D 365 -26.36 -10.78 36.41
C ASN D 365 -27.36 -11.26 35.37
N ARG D 366 -28.37 -12.04 35.81
CA ARG D 366 -29.41 -12.49 34.89
C ARG D 366 -30.13 -11.30 34.26
N GLN D 367 -30.48 -10.30 35.08
CA GLN D 367 -31.16 -9.13 34.56
C GLN D 367 -30.31 -8.40 33.53
N TRP D 368 -29.01 -8.26 33.81
CA TRP D 368 -28.16 -7.52 32.89
C TRP D 368 -28.00 -8.26 31.57
N LEU D 369 -27.78 -9.57 31.60
CA LEU D 369 -27.61 -10.29 30.35
C LEU D 369 -28.90 -10.39 29.56
N ASP D 370 -30.05 -10.46 30.24
CA ASP D 370 -31.32 -10.35 29.53
C ASP D 370 -31.45 -8.99 28.85
N ASP D 371 -31.07 -7.92 29.57
CA ASP D 371 -31.10 -6.60 28.99
C ASP D 371 -30.22 -6.49 27.76
N LEU D 372 -29.09 -7.17 27.76
CA LEU D 372 -28.22 -7.12 26.59
C LEU D 372 -28.80 -7.92 25.42
N ALA D 373 -29.30 -9.12 25.70
CA ALA D 373 -29.85 -9.93 24.62
C ALA D 373 -31.09 -9.29 24.01
N TYR D 374 -31.83 -8.51 24.80
CA TYR D 374 -32.94 -7.73 24.26
C TYR D 374 -32.46 -6.82 23.13
N ARG D 375 -31.39 -6.06 23.38
CA ARG D 375 -30.88 -5.16 22.36
C ARG D 375 -30.31 -5.93 21.18
N LEU D 376 -29.67 -7.06 21.42
CA LEU D 376 -29.11 -7.82 20.30
C LEU D 376 -30.23 -8.33 19.39
N LEU D 377 -31.33 -8.82 19.97
CA LEU D 377 -32.47 -9.22 19.13
C LEU D 377 -33.08 -8.03 18.41
N CYS D 378 -33.19 -6.88 19.09
CA CYS D 378 -33.71 -5.69 18.44
C CYS D 378 -32.88 -5.33 17.23
N VAL D 379 -31.55 -5.41 17.35
CA VAL D 379 -30.70 -5.12 16.20
C VAL D 379 -30.86 -6.19 15.13
N LEU D 380 -31.04 -7.45 15.54
CA LEU D 380 -31.19 -8.51 14.55
C LEU D 380 -32.39 -8.27 13.66
N MET D 381 -33.50 -7.80 14.24
CA MET D 381 -34.71 -7.61 13.46
C MET D 381 -34.79 -6.24 12.80
N LEU D 382 -34.14 -5.21 13.39
CA LEU D 382 -34.21 -3.87 12.83
C LEU D 382 -33.21 -3.61 11.71
N ASP D 383 -32.09 -4.32 11.69
CA ASP D 383 -31.00 -3.99 10.78
C ASP D 383 -31.26 -4.57 9.40
N LYS D 384 -31.13 -3.74 8.37
CA LYS D 384 -31.39 -4.14 6.99
C LYS D 384 -30.19 -3.93 6.06
N PHE D 385 -29.06 -3.43 6.56
CA PHE D 385 -27.91 -3.20 5.71
C PHE D 385 -27.34 -4.52 5.22
N THR D 386 -26.98 -4.58 3.93
CA THR D 386 -26.49 -5.82 3.33
C THR D 386 -25.47 -5.49 2.24
N ASP D 387 -24.66 -6.48 1.90
CA ASP D 387 -23.68 -6.39 0.84
C ASP D 387 -24.03 -7.41 -0.24
N TYR D 388 -24.22 -6.95 -1.47
CA TYR D 388 -24.60 -7.79 -2.60
C TYR D 388 -23.46 -8.03 -3.57
N SER D 389 -22.22 -7.79 -3.16
CA SER D 389 -21.09 -7.91 -4.08
C SER D 389 -20.95 -9.33 -4.61
N SER D 390 -21.02 -10.32 -3.73
CA SER D 390 -20.83 -11.71 -4.12
C SER D 390 -22.18 -12.32 -4.51
N ASP D 391 -22.15 -13.60 -4.90
CA ASP D 391 -23.37 -14.28 -5.34
C ASP D 391 -24.39 -14.41 -4.22
N THR D 392 -23.95 -14.50 -2.97
CA THR D 392 -24.83 -14.59 -1.81
C THR D 392 -24.69 -13.32 -0.99
N SER D 393 -25.82 -12.66 -0.71
CA SER D 393 -25.77 -11.42 0.05
C SER D 393 -25.27 -11.68 1.46
N VAL D 394 -24.45 -10.76 1.97
CA VAL D 394 -23.93 -10.81 3.33
C VAL D 394 -24.44 -9.60 4.08
N ALA D 395 -24.87 -9.81 5.32
CA ALA D 395 -25.44 -8.78 6.18
C ALA D 395 -24.49 -8.60 7.35
N PRO D 396 -23.41 -7.81 7.19
CA PRO D 396 -22.30 -7.88 8.16
C PRO D 396 -22.69 -7.53 9.59
N ILE D 397 -23.58 -6.56 9.79
CA ILE D 397 -23.89 -6.14 11.15
C ILE D 397 -24.67 -7.20 11.89
N ARG D 398 -25.71 -7.76 11.26
CA ARG D 398 -26.48 -8.77 11.98
C ARG D 398 -25.77 -10.11 12.03
N GLU D 399 -24.79 -10.36 11.16
CA GLU D 399 -23.91 -11.51 11.36
C GLU D 399 -23.06 -11.32 12.62
N THR D 400 -22.47 -10.12 12.77
CA THR D 400 -21.68 -9.83 13.96
C THR D 400 -22.55 -9.90 15.22
N VAL D 401 -23.79 -9.41 15.12
CA VAL D 401 -24.69 -9.46 16.26
C VAL D 401 -25.14 -10.88 16.54
N GLY D 402 -25.22 -11.73 15.52
CA GLY D 402 -25.40 -13.14 15.77
C GLY D 402 -24.26 -13.72 16.59
N GLN D 403 -23.03 -13.34 16.23
CA GLN D 403 -21.88 -13.78 17.01
C GLN D 403 -21.96 -13.25 18.44
N THR D 404 -22.37 -12.00 18.62
CA THR D 404 -22.47 -11.45 19.96
C THR D 404 -23.57 -12.13 20.76
N LEU D 405 -24.67 -12.51 20.11
CA LEU D 405 -25.72 -13.25 20.78
C LEU D 405 -25.21 -14.62 21.20
N GLY D 406 -24.41 -15.26 20.35
CA GLY D 406 -23.72 -16.46 20.77
C GLY D 406 -22.84 -16.22 21.98
N ALA D 407 -22.17 -15.08 22.01
CA ALA D 407 -21.27 -14.77 23.12
C ALA D 407 -22.02 -14.64 24.43
N VAL D 408 -23.13 -13.90 24.44
CA VAL D 408 -23.90 -13.78 25.67
C VAL D 408 -24.53 -15.11 26.03
N LEU D 409 -24.89 -15.93 25.04
CA LEU D 409 -25.57 -17.20 25.33
C LEU D 409 -24.72 -18.16 26.15
N ARG D 410 -23.39 -18.01 26.15
CA ARG D 410 -22.57 -18.91 26.94
C ARG D 410 -22.90 -18.81 28.42
N HIS D 411 -23.11 -17.58 28.91
CA HIS D 411 -23.25 -17.32 30.34
C HIS D 411 -24.70 -17.21 30.79
N ILE D 412 -25.61 -16.83 29.89
CA ILE D 412 -26.98 -16.52 30.29
C ILE D 412 -27.66 -17.76 30.87
N SER D 413 -28.51 -17.54 31.86
CA SER D 413 -29.10 -18.65 32.61
C SER D 413 -29.92 -19.54 31.70
N VAL D 414 -30.05 -20.80 32.11
CA VAL D 414 -30.67 -21.82 31.25
C VAL D 414 -32.11 -21.46 30.93
N GLU D 415 -32.82 -20.87 31.89
CA GLU D 415 -34.21 -20.53 31.66
C GLU D 415 -34.36 -19.43 30.61
N SER D 416 -33.45 -18.46 30.61
CA SER D 416 -33.56 -17.35 29.66
C SER D 416 -33.19 -17.77 28.25
N VAL D 417 -32.43 -18.85 28.09
CA VAL D 417 -32.18 -19.37 26.76
C VAL D 417 -33.50 -19.75 26.09
N HIS D 418 -34.47 -20.23 26.88
CA HIS D 418 -35.76 -20.55 26.31
C HIS D 418 -36.52 -19.30 25.87
N ALA D 419 -36.39 -18.20 26.60
CA ALA D 419 -37.02 -16.96 26.14
C ALA D 419 -36.38 -16.47 24.85
N ILE D 420 -35.05 -16.52 24.77
CA ILE D 420 -34.35 -16.14 23.54
C ILE D 420 -34.79 -17.04 22.39
N TYR D 421 -34.88 -18.35 22.66
CA TYR D 421 -35.28 -19.29 21.63
C TYR D 421 -36.70 -19.03 21.16
N ARG D 422 -37.61 -18.75 22.08
CA ARG D 422 -38.99 -18.45 21.69
C ARG D 422 -39.05 -17.20 20.83
N LEU D 423 -38.28 -16.17 21.18
CA LEU D 423 -38.33 -14.94 20.39
C LEU D 423 -37.73 -15.15 19.01
N LEU D 424 -36.62 -15.87 18.91
CA LEU D 424 -36.04 -16.16 17.60
C LEU D 424 -37.00 -17.02 16.77
N TYR D 425 -37.64 -18.00 17.41
CA TYR D 425 -38.61 -18.84 16.72
C TYR D 425 -39.78 -18.02 16.19
N CYS D 426 -40.26 -17.07 16.98
CA CYS D 426 -41.30 -16.18 16.52
C CYS D 426 -40.83 -15.35 15.34
N MET D 427 -39.61 -14.83 15.40
CA MET D 427 -39.07 -14.06 14.28
C MET D 427 -38.98 -14.90 13.02
N VAL D 428 -38.70 -16.20 13.15
CA VAL D 428 -38.54 -17.03 11.96
C VAL D 428 -39.90 -17.44 11.40
N THR D 429 -40.80 -17.92 12.25
CA THR D 429 -42.10 -18.36 11.76
C THR D 429 -42.95 -17.16 11.30
N GLN D 430 -42.89 -16.06 12.04
CA GLN D 430 -43.66 -14.85 11.72
C GLN D 430 -45.16 -15.14 11.69
N GLU D 431 -45.65 -15.75 12.76
CA GLU D 431 -47.04 -16.15 12.82
C GLU D 431 -48.01 -14.97 12.93
N ASP D 432 -47.52 -13.78 13.32
CA ASP D 432 -48.39 -12.63 13.54
C ASP D 432 -47.91 -11.35 12.86
N LEU D 433 -46.74 -11.35 12.24
CA LEU D 433 -46.22 -10.16 11.60
C LEU D 433 -46.99 -9.86 10.31
N PRO D 434 -46.93 -8.62 9.82
CA PRO D 434 -47.58 -8.32 8.53
C PRO D 434 -47.00 -9.14 7.39
N SER D 435 -47.88 -9.54 6.46
CA SER D 435 -47.48 -10.29 5.28
C SER D 435 -46.95 -9.31 4.24
N GLU D 436 -45.64 -9.06 4.31
CA GLU D 436 -44.99 -8.07 3.45
C GLU D 436 -43.58 -8.58 3.10
N GLN D 437 -42.87 -7.77 2.29
CA GLN D 437 -41.47 -8.03 2.01
C GLN D 437 -40.58 -7.93 3.25
N ASN D 438 -41.10 -7.34 4.33
CA ASN D 438 -40.35 -7.26 5.58
C ASN D 438 -39.91 -8.64 6.10
N MET D 439 -40.59 -9.70 5.66
CA MET D 439 -40.27 -11.05 6.08
C MET D 439 -38.80 -11.38 5.91
N TRP D 440 -38.16 -10.88 4.85
CA TRP D 440 -36.84 -11.33 4.46
C TRP D 440 -35.79 -11.04 5.55
N ALA D 441 -35.65 -9.77 5.92
CA ALA D 441 -34.62 -9.40 6.90
C ALA D 441 -34.88 -10.04 8.25
N VAL D 442 -36.14 -10.04 8.68
CA VAL D 442 -36.47 -10.59 10.00
C VAL D 442 -36.18 -12.09 10.03
N CYS D 443 -36.55 -12.80 8.96
CA CYS D 443 -36.31 -14.23 8.92
C CYS D 443 -34.81 -14.54 8.89
N HIS D 444 -34.03 -13.81 8.09
CA HIS D 444 -32.60 -14.05 8.07
C HIS D 444 -31.97 -13.81 9.44
N GLY D 445 -32.38 -12.73 10.11
CA GLY D 445 -31.89 -12.48 11.46
C GLY D 445 -32.23 -13.60 12.41
N GLY D 446 -33.48 -14.07 12.34
CA GLY D 446 -33.87 -15.17 13.20
C GLY D 446 -33.07 -16.43 12.93
N MET D 447 -32.75 -16.68 11.66
CA MET D 447 -32.00 -17.88 11.33
C MET D 447 -30.55 -17.80 11.81
N VAL D 448 -29.90 -16.64 11.70
CA VAL D 448 -28.54 -16.57 12.25
C VAL D 448 -28.58 -16.71 13.77
N GLY D 449 -29.60 -16.13 14.41
CA GLY D 449 -29.73 -16.30 15.84
C GLY D 449 -29.90 -17.75 16.24
N LEU D 450 -30.76 -18.49 15.52
CA LEU D 450 -30.95 -19.90 15.80
C LEU D 450 -29.67 -20.68 15.52
N ARG D 451 -28.90 -20.26 14.51
CA ARG D 451 -27.63 -20.92 14.24
C ARG D 451 -26.72 -20.84 15.44
N TYR D 452 -26.61 -19.66 16.05
CA TYR D 452 -25.71 -19.57 17.21
C TYR D 452 -26.31 -20.22 18.46
N VAL D 453 -27.63 -20.20 18.59
CA VAL D 453 -28.27 -20.88 19.72
C VAL D 453 -28.00 -22.38 19.66
N VAL D 454 -28.17 -23.00 18.49
CA VAL D 454 -27.89 -24.43 18.39
C VAL D 454 -26.39 -24.70 18.43
N ALA D 455 -25.56 -23.77 17.94
CA ALA D 455 -24.13 -24.02 17.90
C ALA D 455 -23.51 -24.02 19.29
N VAL D 456 -23.81 -22.98 20.09
CA VAL D 456 -23.09 -22.79 21.35
C VAL D 456 -23.75 -23.45 22.55
N ARG D 457 -24.97 -23.96 22.40
CA ARG D 457 -25.73 -24.54 23.50
C ARG D 457 -26.29 -25.90 23.11
N LYS D 458 -25.41 -26.78 22.62
CA LYS D 458 -25.80 -28.16 22.34
C LYS D 458 -26.45 -28.81 23.55
N ASP D 459 -25.98 -28.47 24.76
CA ASP D 459 -26.47 -29.10 25.97
C ASP D 459 -27.96 -28.91 26.20
N LEU D 460 -28.56 -27.88 25.59
CA LEU D 460 -29.99 -27.66 25.77
C LEU D 460 -30.83 -28.55 24.87
N LEU D 461 -30.37 -28.80 23.65
CA LEU D 461 -31.18 -29.55 22.69
C LEU D 461 -31.45 -30.96 23.16
N LEU D 462 -30.48 -31.60 23.82
CA LEU D 462 -30.64 -33.00 24.23
C LEU D 462 -31.69 -33.16 25.33
N GLN D 463 -32.00 -32.10 26.08
CA GLN D 463 -32.78 -32.27 27.29
C GLN D 463 -34.25 -32.56 27.00
N ASP D 464 -34.84 -31.85 26.03
CA ASP D 464 -36.27 -31.99 25.76
C ASP D 464 -36.53 -31.76 24.27
N GLY D 465 -37.63 -32.36 23.81
CA GLY D 465 -37.87 -32.45 22.38
C GLY D 465 -38.43 -31.20 21.73
N ASP D 466 -39.08 -30.33 22.49
CA ASP D 466 -39.75 -29.19 21.88
C ASP D 466 -38.77 -28.25 21.20
N MET D 467 -37.61 -28.03 21.82
CA MET D 467 -36.63 -27.10 21.26
C MET D 467 -36.05 -27.64 19.95
N ILE D 468 -35.66 -28.91 19.94
CA ILE D 468 -35.11 -29.47 18.71
C ILE D 468 -36.19 -29.52 17.63
N ASP D 469 -37.44 -29.82 18.03
CA ASP D 469 -38.53 -29.84 17.06
C ASP D 469 -38.75 -28.46 16.45
N GLY D 470 -38.70 -27.42 17.27
CA GLY D 470 -38.94 -26.09 16.73
C GLY D 470 -37.80 -25.58 15.87
N VAL D 471 -36.56 -25.91 16.22
CA VAL D 471 -35.47 -25.47 15.33
C VAL D 471 -35.54 -26.21 14.00
N VAL D 472 -35.87 -27.51 14.02
CA VAL D 472 -35.98 -28.19 12.72
C VAL D 472 -37.23 -27.74 11.97
N ARG D 473 -38.28 -27.32 12.67
CA ARG D 473 -39.42 -26.72 11.99
C ARG D 473 -39.00 -25.45 11.27
N CYS D 474 -38.21 -24.60 11.94
CA CYS D 474 -37.73 -23.39 11.30
C CYS D 474 -36.87 -23.71 10.10
N VAL D 475 -35.98 -24.69 10.23
CA VAL D 475 -35.10 -25.05 9.11
C VAL D 475 -35.92 -25.58 7.93
N MET D 476 -36.88 -26.45 8.20
CA MET D 476 -37.69 -27.00 7.13
C MET D 476 -38.52 -25.92 6.44
N GLN D 477 -39.08 -25.00 7.22
CA GLN D 477 -39.81 -23.88 6.62
C GLN D 477 -38.89 -23.03 5.75
N GLY D 478 -37.67 -22.77 6.24
CA GLY D 478 -36.77 -21.90 5.51
C GLY D 478 -36.28 -22.51 4.22
N LEU D 479 -36.02 -23.82 4.21
CA LEU D 479 -35.55 -24.45 2.98
C LEU D 479 -36.58 -24.35 1.86
N GLY D 480 -37.87 -24.33 2.21
CA GLY D 480 -38.94 -24.14 1.26
C GLY D 480 -39.26 -22.70 0.92
N ASP D 481 -38.52 -21.74 1.47
CA ASP D 481 -38.85 -20.34 1.32
C ASP D 481 -38.55 -19.85 -0.10
N ILE D 482 -39.23 -18.78 -0.50
CA ILE D 482 -39.03 -18.20 -1.82
C ILE D 482 -37.65 -17.54 -1.91
N ASP D 483 -37.23 -16.84 -0.86
CA ASP D 483 -36.01 -16.06 -0.89
C ASP D 483 -34.79 -16.97 -0.84
N ASP D 484 -33.81 -16.71 -1.71
CA ASP D 484 -32.64 -17.58 -1.79
C ASP D 484 -31.73 -17.42 -0.58
N ASP D 485 -31.64 -16.21 0.00
CA ASP D 485 -30.76 -16.04 1.14
C ASP D 485 -31.31 -16.72 2.38
N VAL D 486 -32.63 -16.74 2.54
CA VAL D 486 -33.25 -17.51 3.62
C VAL D 486 -32.97 -18.99 3.44
N ARG D 487 -33.04 -19.48 2.19
CA ARG D 487 -32.73 -20.88 1.94
C ARG D 487 -31.27 -21.18 2.27
N SER D 488 -30.35 -20.30 1.87
CA SER D 488 -28.95 -20.52 2.16
C SER D 488 -28.68 -20.57 3.66
N VAL D 489 -29.19 -19.58 4.39
CA VAL D 489 -28.91 -19.55 5.82
C VAL D 489 -29.62 -20.70 6.54
N SER D 490 -30.78 -21.14 6.04
CA SER D 490 -31.43 -22.29 6.64
C SER D 490 -30.62 -23.55 6.42
N ALA D 491 -30.08 -23.72 5.21
CA ALA D 491 -29.21 -24.87 4.94
C ALA D 491 -27.99 -24.82 5.85
N ALA D 492 -27.43 -23.64 6.05
CA ALA D 492 -26.28 -23.49 6.94
C ALA D 492 -26.64 -23.69 8.40
N THR D 493 -27.91 -23.51 8.78
CA THR D 493 -28.27 -23.54 10.19
C THR D 493 -28.17 -24.94 10.78
N LEU D 494 -28.46 -25.97 9.99
CA LEU D 494 -28.51 -27.32 10.52
C LEU D 494 -27.17 -28.04 10.51
N ILE D 495 -26.21 -27.56 9.70
CA ILE D 495 -24.92 -28.24 9.59
C ILE D 495 -24.21 -28.36 10.96
N PRO D 496 -24.14 -27.32 11.79
CA PRO D 496 -23.45 -27.48 13.08
C PRO D 496 -24.08 -28.50 14.01
N MET D 497 -25.34 -28.89 13.79
CA MET D 497 -26.09 -29.71 14.72
C MET D 497 -26.51 -31.05 14.13
N ALA D 498 -25.90 -31.49 13.02
CA ALA D 498 -26.36 -32.71 12.36
C ALA D 498 -26.21 -33.94 13.25
N LYS D 499 -25.04 -34.10 13.86
CA LYS D 499 -24.81 -35.29 14.67
C LYS D 499 -25.63 -35.25 15.96
N GLU D 500 -26.03 -34.06 16.40
CA GLU D 500 -26.97 -33.96 17.50
C GLU D 500 -28.38 -34.32 17.06
N PHE D 501 -28.74 -33.96 15.82
CA PHE D 501 -30.11 -34.14 15.36
C PHE D 501 -30.40 -35.58 14.95
N VAL D 502 -29.40 -36.32 14.47
CA VAL D 502 -29.67 -37.67 13.95
C VAL D 502 -30.31 -38.57 15.01
N MET D 503 -30.10 -38.29 16.29
CA MET D 503 -30.74 -39.10 17.32
C MET D 503 -32.25 -38.89 17.38
N MET D 504 -32.76 -37.80 16.79
CA MET D 504 -34.16 -37.44 16.97
C MET D 504 -35.08 -38.46 16.32
N ARG D 505 -36.35 -38.38 16.72
CA ARG D 505 -37.42 -39.25 16.21
C ARG D 505 -37.34 -39.40 14.69
N ARG D 506 -37.59 -40.62 14.24
CA ARG D 506 -37.45 -41.00 12.84
C ARG D 506 -38.24 -40.10 11.90
N SER D 507 -39.41 -39.64 12.33
CA SER D 507 -40.27 -38.86 11.44
C SER D 507 -39.62 -37.55 11.03
N ALA D 508 -38.99 -36.86 11.99
CA ALA D 508 -38.34 -35.59 11.67
C ALA D 508 -37.19 -35.81 10.69
N LEU D 509 -36.38 -36.84 10.92
CA LEU D 509 -35.25 -37.12 10.03
C LEU D 509 -35.73 -37.49 8.64
N ASP D 510 -36.79 -38.31 8.55
CA ASP D 510 -37.32 -38.67 7.24
C ASP D 510 -37.84 -37.46 6.50
N SER D 511 -38.56 -36.57 7.19
CA SER D 511 -39.08 -35.38 6.53
C SER D 511 -37.96 -34.44 6.11
N LEU D 512 -36.91 -34.32 6.93
CA LEU D 512 -35.80 -33.44 6.56
C LEU D 512 -35.08 -33.97 5.32
N ILE D 513 -34.82 -35.28 5.29
CA ILE D 513 -34.18 -35.88 4.12
C ILE D 513 -35.06 -35.69 2.90
N ASN D 514 -36.37 -35.89 3.06
CA ASN D 514 -37.29 -35.72 1.95
C ASN D 514 -37.21 -34.30 1.38
N ILE D 515 -37.29 -33.29 2.25
CA ILE D 515 -37.35 -31.93 1.75
C ILE D 515 -36.00 -31.47 1.21
N VAL D 516 -34.90 -31.88 1.83
CA VAL D 516 -33.59 -31.46 1.32
C VAL D 516 -33.31 -32.10 -0.03
N TRP D 517 -33.78 -33.33 -0.25
CA TRP D 517 -33.65 -33.92 -1.57
C TRP D 517 -34.60 -33.24 -2.56
N GLU D 518 -35.82 -32.91 -2.14
CA GLU D 518 -36.79 -32.36 -3.07
C GLU D 518 -36.47 -30.92 -3.43
N SER D 519 -35.69 -30.22 -2.62
CA SER D 519 -35.23 -28.88 -2.96
C SER D 519 -34.26 -28.88 -4.12
N LEU D 520 -33.72 -30.04 -4.51
CA LEU D 520 -32.92 -30.19 -5.71
C LEU D 520 -33.75 -30.72 -6.88
N SER D 521 -34.92 -31.29 -6.61
CA SER D 521 -35.73 -31.87 -7.68
C SER D 521 -36.15 -30.79 -8.67
N ASN D 522 -36.66 -29.68 -8.18
CA ASN D 522 -36.92 -28.52 -9.01
C ASN D 522 -35.65 -27.69 -9.16
N LEU D 523 -35.46 -27.14 -10.36
CA LEU D 523 -34.37 -26.19 -10.56
C LEU D 523 -34.74 -24.85 -9.94
N GLY D 524 -33.77 -24.23 -9.28
CA GLY D 524 -33.97 -22.91 -8.73
C GLY D 524 -33.86 -21.86 -9.81
N ASP D 525 -33.87 -20.60 -9.38
CA ASP D 525 -33.60 -19.52 -10.30
C ASP D 525 -32.18 -19.66 -10.85
N ASP D 526 -31.99 -19.25 -12.10
CA ASP D 526 -30.71 -19.45 -12.78
C ASP D 526 -29.54 -18.88 -11.99
N LEU D 527 -29.72 -17.72 -11.38
CA LEU D 527 -28.64 -17.02 -10.68
C LEU D 527 -28.64 -17.25 -9.18
N SER D 528 -29.48 -18.14 -8.67
CA SER D 528 -29.55 -18.37 -7.23
C SER D 528 -28.41 -19.28 -6.79
N ALA D 529 -27.52 -18.74 -5.97
CA ALA D 529 -26.37 -19.49 -5.48
C ALA D 529 -26.69 -20.31 -4.23
N SER D 530 -27.91 -20.24 -3.71
CA SER D 530 -28.24 -20.90 -2.45
C SER D 530 -28.14 -22.41 -2.53
N THR D 531 -28.20 -23.00 -3.73
CA THR D 531 -28.15 -24.44 -3.84
C THR D 531 -26.86 -25.02 -3.29
N GLY D 532 -25.77 -24.26 -3.37
CA GLY D 532 -24.51 -24.74 -2.84
C GLY D 532 -24.59 -25.08 -1.37
N LYS D 533 -25.21 -24.21 -0.57
CA LYS D 533 -25.34 -24.47 0.85
C LYS D 533 -26.24 -25.69 1.11
N ILE D 534 -27.31 -25.83 0.33
CA ILE D 534 -28.19 -26.99 0.51
C ILE D 534 -27.44 -28.28 0.20
N MET D 535 -26.59 -28.27 -0.82
CA MET D 535 -25.83 -29.46 -1.13
C MET D 535 -24.74 -29.72 -0.10
N ASP D 536 -24.20 -28.68 0.52
CA ASP D 536 -23.29 -28.90 1.65
C ASP D 536 -24.03 -29.56 2.81
N LEU D 537 -25.26 -29.12 3.08
CA LEU D 537 -26.08 -29.77 4.09
C LEU D 537 -26.32 -31.22 3.73
N LEU D 538 -26.61 -31.49 2.47
CA LEU D 538 -26.87 -32.86 2.03
C LEU D 538 -25.63 -33.73 2.18
N ALA D 539 -24.46 -33.19 1.83
CA ALA D 539 -23.24 -33.96 1.97
C ALA D 539 -22.96 -34.28 3.43
N THR D 540 -23.15 -33.32 4.33
CA THR D 540 -22.92 -33.60 5.74
C THR D 540 -23.94 -34.59 6.28
N LEU D 541 -25.20 -34.49 5.86
CA LEU D 541 -26.21 -35.44 6.32
C LEU D 541 -25.87 -36.86 5.86
N CYS D 542 -25.47 -37.01 4.60
CA CYS D 542 -25.21 -38.35 4.07
C CYS D 542 -23.93 -38.97 4.63
N SER D 543 -23.16 -38.26 5.44
CA SER D 543 -22.00 -38.85 6.07
C SER D 543 -22.36 -39.78 7.22
N PHE D 544 -23.57 -39.63 7.82
CA PHE D 544 -23.95 -40.38 9.01
C PHE D 544 -24.71 -41.63 8.62
N PRO D 545 -24.45 -42.79 9.24
CA PRO D 545 -25.14 -44.01 8.78
C PRO D 545 -26.64 -44.00 9.01
N GLU D 546 -27.12 -43.24 10.00
CA GLU D 546 -28.56 -43.20 10.25
C GLU D 546 -29.30 -42.62 9.04
N VAL D 547 -28.72 -41.60 8.41
CA VAL D 547 -29.35 -41.02 7.23
C VAL D 547 -29.41 -42.05 6.11
N LEU D 548 -28.34 -42.81 5.91
CA LEU D 548 -28.35 -43.83 4.86
C LEU D 548 -29.37 -44.92 5.16
N GLU D 549 -29.49 -45.31 6.43
CA GLU D 549 -30.53 -46.26 6.80
C GLU D 549 -31.92 -45.70 6.50
N ALA D 550 -32.09 -44.39 6.70
CA ALA D 550 -33.35 -43.76 6.31
C ALA D 550 -33.56 -43.84 4.81
N MET D 551 -32.48 -43.72 4.02
CA MET D 551 -32.63 -43.92 2.58
C MET D 551 -33.07 -45.34 2.27
N LYS D 552 -32.54 -46.33 3.00
CA LYS D 552 -32.98 -47.71 2.79
C LYS D 552 -34.45 -47.88 3.15
N VAL D 553 -34.89 -47.25 4.24
CA VAL D 553 -36.29 -47.33 4.64
C VAL D 553 -37.18 -46.70 3.56
N SER D 554 -36.76 -45.56 3.02
CA SER D 554 -37.55 -44.93 1.97
C SER D 554 -37.60 -45.79 0.72
N ALA D 555 -36.48 -46.42 0.37
CA ALA D 555 -36.45 -47.31 -0.79
C ALA D 555 -37.40 -48.48 -0.61
N SER D 556 -37.54 -48.98 0.61
CA SER D 556 -38.35 -50.17 0.86
C SER D 556 -39.83 -49.94 0.59
N GLN D 557 -40.26 -48.68 0.44
CA GLN D 557 -41.65 -48.34 0.18
C GLN D 557 -41.85 -47.51 -1.06
N ASP D 558 -40.80 -46.89 -1.61
CA ASP D 558 -40.90 -46.13 -2.84
C ASP D 558 -39.53 -46.16 -3.52
N GLU D 559 -39.40 -46.94 -4.59
CA GLU D 559 -38.10 -47.07 -5.25
C GLU D 559 -37.63 -45.73 -5.82
N GLU D 560 -38.55 -44.84 -6.15
CA GLU D 560 -38.15 -43.57 -6.76
C GLU D 560 -37.32 -42.69 -5.82
N ARG D 561 -37.33 -42.96 -4.51
CA ARG D 561 -36.55 -42.19 -3.55
C ARG D 561 -35.39 -43.00 -2.99
N SER D 562 -34.92 -44.00 -3.74
CA SER D 562 -33.73 -44.72 -3.35
C SER D 562 -32.50 -43.86 -3.61
N PHE D 563 -31.43 -44.12 -2.86
CA PHE D 563 -30.25 -43.26 -2.93
C PHE D 563 -29.63 -43.28 -4.32
N THR D 564 -29.44 -44.47 -4.89
CA THR D 564 -28.77 -44.59 -6.18
C THR D 564 -29.55 -43.94 -7.30
N LEU D 565 -30.86 -43.81 -7.14
CA LEU D 565 -31.72 -43.16 -8.12
C LEU D 565 -32.03 -41.70 -7.76
N LEU D 566 -31.68 -41.27 -6.55
CA LEU D 566 -31.81 -39.86 -6.18
C LEU D 566 -30.55 -39.07 -6.54
N VAL D 567 -29.38 -39.69 -6.40
CA VAL D 567 -28.10 -39.00 -6.63
C VAL D 567 -28.04 -38.34 -8.00
N PRO D 568 -28.57 -38.94 -9.08
CA PRO D 568 -28.60 -38.21 -10.36
C PRO D 568 -29.26 -36.84 -10.34
N ARG D 569 -30.00 -36.48 -9.29
CA ARG D 569 -30.53 -35.13 -9.21
C ARG D 569 -29.44 -34.08 -9.07
N LEU D 570 -28.23 -34.47 -8.68
CA LEU D 570 -27.14 -33.51 -8.58
C LEU D 570 -26.50 -33.18 -9.92
N TYR D 571 -26.63 -34.06 -10.92
CA TYR D 571 -25.94 -33.86 -12.19
C TYR D 571 -26.34 -32.57 -12.92
N PRO D 572 -27.61 -32.16 -12.97
CA PRO D 572 -27.93 -30.91 -13.68
C PRO D 572 -27.24 -29.67 -13.13
N PHE D 573 -26.74 -29.72 -11.89
CA PHE D 573 -26.08 -28.57 -11.29
C PHE D 573 -24.59 -28.53 -11.57
N LEU D 574 -24.03 -29.54 -12.24
CA LEU D 574 -22.60 -29.53 -12.54
C LEU D 574 -22.24 -28.32 -13.40
N ARG D 575 -23.06 -28.01 -14.41
CA ARG D 575 -22.81 -26.90 -15.33
C ARG D 575 -23.56 -25.64 -14.92
N HIS D 576 -23.86 -25.47 -13.64
CA HIS D 576 -24.67 -24.35 -13.19
C HIS D 576 -23.97 -23.02 -13.44
N THR D 577 -24.79 -21.98 -13.66
CA THR D 577 -24.27 -20.68 -14.05
C THR D 577 -23.34 -20.08 -13.01
N ILE D 578 -23.50 -20.42 -11.73
CA ILE D 578 -22.72 -19.84 -10.65
C ILE D 578 -21.61 -20.82 -10.30
N THR D 579 -20.37 -20.31 -10.28
CA THR D 579 -19.22 -21.18 -10.03
C THR D 579 -19.29 -21.87 -8.68
N SER D 580 -19.84 -21.17 -7.67
CA SER D 580 -19.95 -21.78 -6.35
C SER D 580 -20.83 -23.01 -6.39
N VAL D 581 -21.86 -23.01 -7.24
CA VAL D 581 -22.75 -24.16 -7.32
C VAL D 581 -22.03 -25.34 -7.95
N ARG D 582 -21.23 -25.09 -8.99
CA ARG D 582 -20.45 -26.18 -9.59
C ARG D 582 -19.48 -26.78 -8.59
N LEU D 583 -18.76 -25.94 -7.87
CA LEU D 583 -17.81 -26.44 -6.88
C LEU D 583 -18.52 -27.23 -5.78
N ALA D 584 -19.68 -26.73 -5.34
CA ALA D 584 -20.43 -27.45 -4.30
C ALA D 584 -20.91 -28.80 -4.81
N VAL D 585 -21.36 -28.88 -6.07
CA VAL D 585 -21.80 -30.16 -6.62
C VAL D 585 -20.65 -31.14 -6.65
N LEU D 586 -19.49 -30.70 -7.11
CA LEU D 586 -18.35 -31.62 -7.20
C LEU D 586 -17.93 -32.10 -5.82
N LYS D 587 -17.92 -31.20 -4.83
CA LYS D 587 -17.56 -31.63 -3.48
C LYS D 587 -18.61 -32.60 -2.91
N ALA D 588 -19.90 -32.35 -3.17
CA ALA D 588 -20.92 -33.24 -2.66
C ALA D 588 -20.80 -34.63 -3.28
N LEU D 589 -20.56 -34.69 -4.60
CA LEU D 589 -20.38 -35.97 -5.25
C LEU D 589 -19.15 -36.69 -4.71
N MET D 590 -18.08 -35.94 -4.41
CA MET D 590 -16.92 -36.58 -3.80
C MET D 590 -17.26 -37.15 -2.43
N THR D 591 -18.06 -36.42 -1.64
CA THR D 591 -18.47 -36.94 -0.34
C THR D 591 -19.33 -38.19 -0.48
N PHE D 592 -20.14 -38.26 -1.55
CA PHE D 592 -20.93 -39.47 -1.76
C PHE D 592 -20.08 -40.65 -2.21
N ALA D 593 -19.01 -40.40 -2.96
CA ALA D 593 -18.20 -41.51 -3.45
C ALA D 593 -17.52 -42.23 -2.30
N ASN D 594 -16.99 -41.48 -1.33
CA ASN D 594 -16.27 -42.05 -0.19
C ASN D 594 -17.27 -42.54 0.88
N LEU D 595 -18.05 -43.54 0.50
CA LEU D 595 -18.96 -44.23 1.41
C LEU D 595 -18.81 -45.72 1.19
N GLY D 596 -19.54 -46.50 2.00
CA GLY D 596 -19.61 -47.93 1.81
C GLY D 596 -20.04 -48.29 0.40
N GLY D 597 -19.29 -49.21 -0.23
CA GLY D 597 -19.50 -49.50 -1.63
C GLY D 597 -20.91 -49.96 -1.97
N GLU D 598 -21.58 -50.61 -1.02
CA GLU D 598 -22.94 -51.06 -1.27
C GLU D 598 -23.89 -49.89 -1.53
N THR D 599 -23.65 -48.74 -0.89
CA THR D 599 -24.54 -47.60 -1.10
C THR D 599 -24.32 -46.96 -2.47
N SER D 600 -23.07 -46.88 -2.93
CA SER D 600 -22.72 -46.08 -4.09
C SER D 600 -22.57 -46.89 -5.37
N GLN D 601 -22.52 -48.22 -5.29
CA GLN D 601 -22.29 -49.01 -6.49
C GLN D 601 -23.38 -48.89 -7.54
N GLY D 602 -24.53 -48.31 -7.19
CA GLY D 602 -25.62 -48.19 -8.15
C GLY D 602 -25.51 -47.01 -9.09
N TRP D 603 -24.84 -45.94 -8.68
CA TRP D 603 -24.75 -44.72 -9.49
C TRP D 603 -23.37 -44.47 -10.07
N LEU D 604 -22.32 -45.06 -9.53
CA LEU D 604 -21.01 -45.02 -10.18
C LEU D 604 -21.11 -45.87 -11.43
N ASN D 605 -21.20 -45.20 -12.58
CA ASN D 605 -21.43 -45.89 -13.85
C ASN D 605 -20.87 -45.01 -14.95
N GLY D 606 -21.05 -45.47 -16.20
CA GLY D 606 -20.52 -44.73 -17.33
C GLY D 606 -21.03 -43.30 -17.40
N ARG D 607 -22.31 -43.10 -17.08
CA ARG D 607 -22.93 -41.80 -17.25
C ARG D 607 -22.22 -40.72 -16.42
N ILE D 608 -22.02 -40.98 -15.13
CA ILE D 608 -21.36 -39.96 -14.32
C ILE D 608 -19.92 -39.79 -14.74
N LEU D 609 -19.26 -40.87 -15.19
CA LEU D 609 -17.89 -40.73 -15.67
C LEU D 609 -17.83 -39.79 -16.87
N ARG D 610 -18.75 -39.95 -17.82
CA ARG D 610 -18.77 -39.05 -18.96
C ARG D 610 -19.05 -37.63 -18.52
N LEU D 611 -19.99 -37.45 -17.59
CA LEU D 611 -20.33 -36.10 -17.15
C LEU D 611 -19.14 -35.41 -16.51
N ILE D 612 -18.39 -36.12 -15.66
CA ILE D 612 -17.24 -35.49 -15.02
C ILE D 612 -16.13 -35.24 -16.04
N PHE D 613 -15.93 -36.16 -16.99
CA PHE D 613 -14.88 -35.94 -17.97
C PHE D 613 -15.18 -34.73 -18.83
N GLN D 614 -16.43 -34.56 -19.27
CA GLN D 614 -16.75 -33.38 -20.05
C GLN D 614 -16.77 -32.14 -19.19
N ASN D 615 -16.96 -32.29 -17.88
CA ASN D 615 -16.74 -31.17 -16.99
C ASN D 615 -15.26 -30.91 -16.70
N ILE D 616 -14.36 -31.77 -17.15
CA ILE D 616 -12.91 -31.52 -17.05
C ILE D 616 -12.40 -30.74 -18.25
N ILE D 617 -13.13 -30.71 -19.36
CA ILE D 617 -12.71 -30.04 -20.57
C ILE D 617 -13.27 -28.62 -20.64
N VAL D 618 -14.58 -28.47 -20.39
CA VAL D 618 -15.24 -27.19 -20.68
C VAL D 618 -15.16 -26.17 -19.55
N GLU D 619 -14.65 -26.53 -18.38
CA GLU D 619 -14.63 -25.61 -17.25
C GLU D 619 -13.42 -24.67 -17.36
N ARG D 620 -13.69 -23.37 -17.22
CA ARG D 620 -12.63 -22.36 -17.29
C ARG D 620 -12.03 -22.08 -15.91
N ASP D 621 -12.86 -22.09 -14.86
CA ASP D 621 -12.40 -21.70 -13.53
C ASP D 621 -11.41 -22.73 -12.99
N GLN D 622 -10.31 -22.24 -12.41
CA GLN D 622 -9.25 -23.13 -11.94
C GLN D 622 -9.74 -24.06 -10.84
N ASP D 623 -10.46 -23.53 -9.85
CA ASP D 623 -10.87 -24.36 -8.72
C ASP D 623 -11.82 -25.46 -9.16
N THR D 624 -12.77 -25.13 -10.03
CA THR D 624 -13.66 -26.16 -10.55
C THR D 624 -12.88 -27.21 -11.33
N LEU D 625 -11.87 -26.78 -12.10
CA LEU D 625 -11.05 -27.73 -12.83
C LEU D 625 -10.37 -28.71 -11.88
N ASN D 626 -9.67 -28.19 -10.87
CA ASN D 626 -8.92 -29.05 -9.97
C ASN D 626 -9.84 -29.98 -9.19
N MET D 627 -10.98 -29.46 -8.73
CA MET D 627 -11.93 -30.31 -8.01
C MET D 627 -12.52 -31.38 -8.93
N SER D 628 -12.80 -31.02 -10.19
CA SER D 628 -13.32 -32.01 -11.13
C SER D 628 -12.29 -33.11 -11.36
N LEU D 629 -11.02 -32.74 -11.45
CA LEU D 629 -10.00 -33.76 -11.68
C LEU D 629 -9.81 -34.64 -10.45
N GLU D 630 -9.90 -34.08 -9.24
CA GLU D 630 -9.85 -34.91 -8.04
C GLU D 630 -11.05 -35.85 -7.97
N LEU D 631 -12.24 -35.35 -8.30
CA LEU D 631 -13.43 -36.18 -8.31
C LEU D 631 -13.27 -37.31 -9.32
N TRP D 632 -12.73 -37.00 -10.49
CA TRP D 632 -12.50 -38.02 -11.50
C TRP D 632 -11.55 -39.08 -10.98
N THR D 633 -10.49 -38.65 -10.29
CA THR D 633 -9.55 -39.62 -9.74
C THR D 633 -10.24 -40.55 -8.74
N THR D 634 -11.04 -39.99 -7.83
CA THR D 634 -11.71 -40.85 -6.84
C THR D 634 -12.71 -41.78 -7.52
N LEU D 635 -13.48 -41.27 -8.49
CA LEU D 635 -14.46 -42.10 -9.17
C LEU D 635 -13.80 -43.25 -9.90
N VAL D 636 -12.79 -42.96 -10.73
CA VAL D 636 -12.20 -43.99 -11.56
C VAL D 636 -11.44 -44.99 -10.68
N ARG D 637 -10.76 -44.51 -9.64
CA ARG D 637 -10.04 -45.42 -8.76
C ARG D 637 -11.01 -46.34 -8.02
N ARG D 638 -12.13 -45.80 -7.55
CA ARG D 638 -13.08 -46.62 -6.81
C ARG D 638 -13.78 -47.63 -7.70
N LEU D 639 -14.05 -47.24 -8.95
CA LEU D 639 -14.58 -48.21 -9.91
C LEU D 639 -13.57 -49.31 -10.17
N ALA D 640 -12.30 -48.94 -10.36
CA ALA D 640 -11.27 -49.95 -10.62
C ALA D 640 -11.13 -50.91 -9.45
N ALA D 641 -11.23 -50.40 -8.22
CA ALA D 641 -11.04 -51.24 -7.05
C ALA D 641 -12.04 -52.39 -6.98
N ARG D 642 -13.24 -52.22 -7.54
CA ARG D 642 -14.20 -53.32 -7.55
C ARG D 642 -13.78 -54.38 -8.56
N ASP D 643 -13.54 -53.96 -9.80
CA ASP D 643 -12.98 -54.85 -10.82
C ASP D 643 -12.53 -54.01 -12.01
N PRO D 644 -11.29 -54.14 -12.51
CA PRO D 644 -10.93 -53.40 -13.73
C PRO D 644 -11.85 -53.70 -14.91
N ALA D 645 -12.36 -54.94 -14.99
CA ALA D 645 -13.30 -55.26 -16.05
C ALA D 645 -14.58 -54.46 -15.92
N ILE D 646 -15.01 -54.16 -14.69
CA ILE D 646 -16.19 -53.34 -14.49
C ILE D 646 -15.96 -51.93 -15.01
N LEU D 647 -14.80 -51.34 -14.68
CA LEU D 647 -14.49 -50.01 -15.19
C LEU D 647 -14.44 -50.01 -16.70
N ALA D 648 -13.83 -51.04 -17.30
CA ALA D 648 -13.77 -51.13 -18.74
C ALA D 648 -15.17 -51.19 -19.33
N ASP D 649 -16.06 -52.01 -18.74
CA ASP D 649 -17.41 -52.14 -19.25
C ASP D 649 -18.17 -50.82 -19.15
N GLU D 650 -17.98 -50.08 -18.06
CA GLU D 650 -18.70 -48.83 -17.88
C GLU D 650 -18.23 -47.78 -18.89
N PHE D 651 -16.91 -47.61 -19.03
CA PHE D 651 -16.38 -46.56 -19.90
C PHE D 651 -16.23 -47.02 -21.35
N GLU D 652 -16.60 -48.25 -21.68
CA GLU D 652 -16.48 -48.73 -23.06
C GLU D 652 -17.24 -47.84 -24.04
N ALA D 653 -18.52 -47.59 -23.76
CA ALA D 653 -19.36 -46.88 -24.72
C ALA D 653 -18.93 -45.42 -24.91
N HIS D 654 -18.19 -44.85 -23.96
CA HIS D 654 -17.72 -43.48 -24.03
C HIS D 654 -16.23 -43.38 -24.32
N ALA D 655 -15.55 -44.50 -24.54
CA ALA D 655 -14.13 -44.45 -24.87
C ALA D 655 -13.86 -43.54 -26.07
N GLU D 656 -14.65 -43.67 -27.14
CA GLU D 656 -14.31 -42.95 -28.36
C GLU D 656 -14.70 -41.48 -28.32
N PRO D 657 -15.92 -41.09 -27.92
CA PRO D 657 -16.22 -39.64 -27.88
C PRO D 657 -15.33 -38.84 -26.96
N MET D 658 -15.05 -39.35 -25.76
CA MET D 658 -14.20 -38.59 -24.84
C MET D 658 -12.74 -38.62 -25.28
N MET D 659 -12.31 -39.66 -25.99
CA MET D 659 -10.97 -39.62 -26.56
C MET D 659 -10.89 -38.58 -27.67
N GLN D 660 -11.95 -38.44 -28.48
CA GLN D 660 -11.96 -37.37 -29.48
C GLN D 660 -11.92 -36.00 -28.81
N LEU D 661 -12.70 -35.82 -27.75
CA LEU D 661 -12.69 -34.52 -27.07
C LEU D 661 -11.36 -34.25 -26.40
N ALA D 662 -10.66 -35.29 -25.95
CA ALA D 662 -9.37 -35.08 -25.30
C ALA D 662 -8.29 -34.63 -26.28
N LEU D 663 -8.35 -35.09 -27.53
CA LEU D 663 -7.31 -34.83 -28.52
C LEU D 663 -7.69 -33.73 -29.50
N HIS D 664 -8.74 -32.97 -29.23
CA HIS D 664 -9.24 -32.02 -30.21
C HIS D 664 -8.21 -30.90 -30.43
N PRO D 665 -8.11 -30.33 -31.66
CA PRO D 665 -7.22 -29.19 -31.85
C PRO D 665 -7.66 -27.94 -31.11
N ILE D 666 -6.88 -26.86 -31.22
CA ILE D 666 -7.16 -25.61 -30.51
C ILE D 666 -7.46 -24.47 -31.48
N GLY D 667 -6.60 -24.27 -32.48
CA GLY D 667 -6.81 -23.21 -33.46
C GLY D 667 -6.17 -21.89 -33.06
N VAL D 668 -6.63 -20.84 -33.72
CA VAL D 668 -6.07 -19.49 -33.61
C VAL D 668 -7.20 -18.49 -33.49
N PRO D 669 -6.92 -17.25 -33.03
CA PRO D 669 -8.00 -16.38 -32.50
C PRO D 669 -9.24 -16.21 -33.36
N ARG D 670 -9.11 -15.86 -34.63
CA ARG D 670 -10.26 -15.59 -35.48
C ARG D 670 -10.60 -16.77 -36.41
N HIS D 671 -9.93 -17.91 -36.24
CA HIS D 671 -10.22 -19.12 -37.01
C HIS D 671 -10.33 -20.33 -36.09
N PRO D 672 -11.35 -20.35 -35.23
CA PRO D 672 -11.46 -21.47 -34.27
C PRO D 672 -11.86 -22.76 -34.96
N ILE D 673 -11.63 -23.85 -34.24
CA ILE D 673 -11.96 -25.20 -34.71
C ILE D 673 -12.96 -25.80 -33.72
N PRO D 674 -14.26 -25.64 -33.94
CA PRO D 674 -15.21 -25.97 -32.86
C PRO D 674 -15.35 -27.46 -32.63
N MET D 675 -15.52 -27.83 -31.36
CA MET D 675 -15.80 -29.20 -30.99
C MET D 675 -17.21 -29.58 -31.41
N ASN D 676 -17.40 -30.83 -31.80
CA ASN D 676 -18.70 -31.29 -32.24
C ASN D 676 -19.65 -31.34 -31.04
N PRO D 677 -20.74 -30.57 -31.02
CA PRO D 677 -21.62 -30.61 -29.84
C PRO D 677 -22.28 -31.95 -29.60
N ALA D 678 -22.39 -32.81 -30.61
CA ALA D 678 -23.02 -34.11 -30.40
C ALA D 678 -22.27 -34.96 -29.39
N LEU D 679 -20.99 -34.70 -29.16
CA LEU D 679 -20.20 -35.50 -28.24
C LEU D 679 -20.50 -35.20 -26.79
N PHE D 680 -21.15 -34.06 -26.49
CA PHE D 680 -21.45 -33.66 -25.13
C PHE D 680 -22.83 -34.17 -24.75
N GLN D 681 -22.88 -35.03 -23.73
CA GLN D 681 -24.12 -35.64 -23.28
C GLN D 681 -24.76 -34.79 -22.21
N LYS D 682 -26.09 -34.67 -22.28
CA LYS D 682 -26.80 -33.81 -21.35
C LYS D 682 -26.86 -34.46 -19.97
N PRO D 683 -26.83 -33.67 -18.89
CA PRO D 683 -26.90 -34.28 -17.55
C PRO D 683 -28.19 -35.02 -17.29
N SER D 684 -29.30 -34.59 -17.88
CA SER D 684 -30.59 -35.23 -17.65
C SER D 684 -30.75 -36.55 -18.39
N GLY D 685 -29.73 -37.04 -19.08
CA GLY D 685 -29.80 -38.30 -19.80
C GLY D 685 -30.02 -38.17 -21.29
N GLY D 686 -30.35 -36.97 -21.78
CA GLY D 686 -30.55 -36.77 -23.20
C GLY D 686 -29.27 -36.85 -23.99
N HIS D 729 -30.65 -18.45 -18.51
CA HIS D 729 -30.40 -18.93 -19.86
C HIS D 729 -29.02 -18.48 -20.38
N ASP D 730 -28.01 -18.66 -19.54
CA ASP D 730 -26.62 -18.43 -19.90
C ASP D 730 -25.96 -19.77 -20.16
N VAL D 731 -25.47 -19.98 -21.38
CA VAL D 731 -24.82 -21.23 -21.77
C VAL D 731 -23.32 -20.99 -21.85
N ASP D 732 -22.55 -21.89 -21.24
CA ASP D 732 -21.08 -21.84 -21.27
C ASP D 732 -20.56 -22.43 -22.59
N GLY D 733 -20.94 -21.76 -23.67
CA GLY D 733 -20.72 -22.24 -25.02
C GLY D 733 -19.43 -21.78 -25.67
N HIS D 734 -18.78 -20.74 -25.12
CA HIS D 734 -17.55 -20.24 -25.71
C HIS D 734 -16.46 -21.31 -25.73
N MET D 735 -16.38 -22.10 -24.66
CA MET D 735 -15.32 -23.12 -24.60
C MET D 735 -15.59 -24.26 -25.56
N ILE D 736 -16.85 -24.59 -25.83
CA ILE D 736 -17.14 -25.70 -26.73
C ILE D 736 -16.78 -25.34 -28.17
N GLN D 737 -17.01 -24.07 -28.56
CA GLN D 737 -16.68 -23.64 -29.91
C GLN D 737 -15.18 -23.49 -30.14
N GLY D 738 -14.34 -23.66 -29.13
CA GLY D 738 -12.92 -23.43 -29.29
C GLY D 738 -12.59 -22.01 -29.61
N GLU D 739 -13.35 -21.05 -29.10
CA GLU D 739 -13.19 -19.63 -29.44
C GLU D 739 -11.98 -19.10 -28.68
N VAL D 740 -10.83 -19.18 -29.35
CA VAL D 740 -9.56 -18.82 -28.72
C VAL D 740 -9.48 -17.35 -28.38
N ASP D 741 -10.29 -16.50 -29.03
CA ASP D 741 -10.21 -15.08 -28.78
C ASP D 741 -10.93 -14.67 -27.50
N LEU D 742 -12.07 -15.30 -27.20
CA LEU D 742 -12.82 -14.96 -25.99
C LEU D 742 -12.24 -15.67 -24.77
N VAL D 743 -11.74 -16.89 -24.95
CA VAL D 743 -11.08 -17.67 -23.90
C VAL D 743 -9.62 -17.78 -24.29
N GLY D 744 -8.73 -17.27 -23.43
CA GLY D 744 -7.32 -17.21 -23.80
C GLY D 744 -6.75 -18.57 -24.12
N VAL D 745 -5.76 -18.59 -25.01
CA VAL D 745 -5.19 -19.84 -25.49
C VAL D 745 -4.60 -20.65 -24.36
N ASP D 746 -4.12 -19.99 -23.31
CA ASP D 746 -3.60 -20.72 -22.16
C ASP D 746 -4.69 -21.54 -21.49
N VAL D 747 -5.93 -21.03 -21.48
CA VAL D 747 -7.03 -21.78 -20.89
C VAL D 747 -7.32 -23.05 -21.70
N LEU D 748 -7.31 -22.93 -23.03
CA LEU D 748 -7.55 -24.10 -23.86
C LEU D 748 -6.43 -25.13 -23.69
N ILE D 749 -5.18 -24.67 -23.64
CA ILE D 749 -4.08 -25.60 -23.44
C ILE D 749 -4.22 -26.29 -22.08
N ARG D 750 -4.62 -25.54 -21.05
CA ARG D 750 -4.83 -26.12 -19.74
C ARG D 750 -5.93 -27.19 -19.77
N SER D 751 -7.02 -26.92 -20.48
CA SER D 751 -8.08 -27.92 -20.58
C SER D 751 -7.58 -29.17 -21.30
N ARG D 752 -6.79 -28.99 -22.36
CA ARG D 752 -6.27 -30.15 -23.07
C ARG D 752 -5.33 -30.97 -22.20
N ILE D 753 -4.45 -30.32 -21.44
CA ILE D 753 -3.53 -31.10 -20.61
C ILE D 753 -4.28 -31.78 -19.47
N SER D 754 -5.32 -31.15 -18.95
CA SER D 754 -6.09 -31.79 -17.89
C SER D 754 -6.90 -32.98 -18.42
N ALA D 755 -7.50 -32.84 -19.60
CA ALA D 755 -8.14 -33.99 -20.21
C ALA D 755 -7.14 -35.10 -20.48
N ALA D 756 -5.91 -34.74 -20.86
CA ALA D 756 -4.88 -35.75 -21.03
C ALA D 756 -4.57 -36.46 -19.72
N LYS D 757 -4.51 -35.71 -18.62
CA LYS D 757 -4.30 -36.33 -17.31
C LYS D 757 -5.40 -37.33 -16.99
N ALA D 758 -6.66 -36.92 -17.15
CA ALA D 758 -7.77 -37.81 -16.82
C ALA D 758 -7.78 -39.05 -17.70
N MET D 759 -7.55 -38.90 -19.01
CA MET D 759 -7.58 -40.04 -19.89
C MET D 759 -6.40 -40.97 -19.64
N GLY D 760 -5.23 -40.40 -19.35
CA GLY D 760 -4.10 -41.22 -18.97
C GLY D 760 -4.37 -42.00 -17.71
N LEU D 761 -5.07 -41.39 -16.74
CA LEU D 761 -5.40 -42.10 -15.52
C LEU D 761 -6.30 -43.29 -15.81
N ILE D 762 -7.39 -43.07 -16.54
CA ILE D 762 -8.34 -44.15 -16.75
C ILE D 762 -7.77 -45.23 -17.65
N MET D 763 -6.89 -44.88 -18.59
CA MET D 763 -6.26 -45.90 -19.42
C MET D 763 -5.43 -46.87 -18.59
N SER D 764 -4.91 -46.43 -17.44
CA SER D 764 -4.01 -47.28 -16.67
C SER D 764 -4.72 -48.51 -16.12
N PHE D 765 -5.98 -48.38 -15.69
CA PHE D 765 -6.64 -49.45 -14.97
C PHE D 765 -7.22 -50.51 -15.88
N ILE D 766 -7.66 -50.13 -17.07
CA ILE D 766 -8.24 -51.10 -18.01
C ILE D 766 -7.18 -52.14 -18.36
N PRO D 767 -7.49 -53.44 -18.37
CA PRO D 767 -6.47 -54.42 -18.78
C PRO D 767 -6.07 -54.21 -20.23
N THR D 768 -4.78 -54.39 -20.51
CA THR D 768 -4.22 -53.97 -21.79
C THR D 768 -4.85 -54.62 -23.03
N PRO D 769 -5.39 -55.84 -23.02
CA PRO D 769 -6.06 -56.31 -24.25
C PRO D 769 -7.27 -55.49 -24.63
N ARG D 770 -7.91 -54.81 -23.69
CA ARG D 770 -9.10 -54.04 -23.97
C ARG D 770 -8.79 -52.60 -24.37
N LEU D 771 -7.53 -52.16 -24.27
CA LEU D 771 -7.18 -50.80 -24.60
C LEU D 771 -7.08 -50.54 -26.10
N ALA D 772 -7.37 -51.53 -26.94
CA ALA D 772 -7.13 -51.41 -28.38
C ALA D 772 -7.79 -50.18 -28.98
N SER D 773 -9.01 -49.85 -28.55
CA SER D 773 -9.67 -48.68 -29.09
C SER D 773 -8.94 -47.40 -28.69
N TYR D 774 -8.50 -47.32 -27.44
CA TYR D 774 -7.77 -46.15 -26.99
C TYR D 774 -6.43 -46.06 -27.71
N ASP D 775 -5.74 -47.19 -27.85
CA ASP D 775 -4.44 -47.23 -28.52
C ASP D 775 -4.56 -46.74 -29.95
N THR D 776 -5.51 -47.27 -30.72
CA THR D 776 -5.64 -46.82 -32.10
C THR D 776 -6.06 -45.36 -32.16
N ALA D 777 -6.93 -44.94 -31.24
CA ALA D 777 -7.39 -43.56 -31.25
C ALA D 777 -6.28 -42.56 -30.95
N VAL D 778 -5.25 -42.97 -30.19
CA VAL D 778 -4.15 -42.04 -29.89
C VAL D 778 -3.05 -42.18 -30.94
N LEU D 779 -2.84 -43.40 -31.45
CA LEU D 779 -1.83 -43.59 -32.47
C LEU D 779 -2.21 -42.91 -33.78
N GLN D 780 -3.50 -42.88 -34.12
CA GLN D 780 -3.95 -42.10 -35.26
C GLN D 780 -3.79 -40.61 -35.04
N ALA D 781 -3.67 -40.18 -33.79
CA ALA D 781 -3.52 -38.76 -33.46
C ALA D 781 -2.07 -38.32 -33.40
N LEU D 782 -1.14 -39.22 -33.09
CA LEU D 782 0.27 -38.84 -33.09
C LEU D 782 0.74 -38.36 -34.46
N SER D 783 0.10 -38.80 -35.55
CA SER D 783 0.44 -38.36 -36.90
C SER D 783 -0.60 -37.39 -37.45
N SER D 784 -1.42 -36.79 -36.58
CA SER D 784 -2.50 -35.93 -37.03
C SER D 784 -1.94 -34.69 -37.71
N PRO D 785 -2.64 -34.14 -38.72
CA PRO D 785 -2.12 -32.93 -39.38
C PRO D 785 -2.09 -31.69 -38.51
N TYR D 786 -2.77 -31.69 -37.37
CA TYR D 786 -2.78 -30.55 -36.46
C TYR D 786 -1.64 -30.70 -35.47
N ALA D 787 -0.96 -29.59 -35.19
CA ALA D 787 0.09 -29.62 -34.16
C ALA D 787 -0.50 -29.94 -32.79
N SER D 788 -1.64 -29.32 -32.45
CA SER D 788 -2.22 -29.50 -31.14
C SER D 788 -2.68 -30.93 -30.91
N THR D 789 -3.15 -31.61 -31.95
CA THR D 789 -3.54 -33.00 -31.78
C THR D 789 -2.34 -33.86 -31.45
N GLN D 790 -1.21 -33.62 -32.11
CA GLN D 790 0.00 -34.38 -31.80
C GLN D 790 0.46 -34.10 -30.39
N LEU D 791 0.42 -32.84 -29.97
CA LEU D 791 0.80 -32.51 -28.61
C LEU D 791 -0.09 -33.21 -27.59
N ALA D 792 -1.41 -33.15 -27.80
CA ALA D 792 -2.34 -33.78 -26.87
C ALA D 792 -2.16 -35.29 -26.81
N ALA D 793 -1.97 -35.92 -27.96
CA ALA D 793 -1.73 -37.36 -27.98
C ALA D 793 -0.46 -37.71 -27.24
N ALA D 794 0.60 -36.93 -27.44
CA ALA D 794 1.85 -37.18 -26.72
C ALA D 794 1.64 -37.06 -25.22
N MET D 795 0.85 -36.07 -24.79
CA MET D 795 0.60 -35.92 -23.36
C MET D 795 -0.24 -37.07 -22.81
N VAL D 796 -1.21 -37.57 -23.60
CA VAL D 796 -2.01 -38.70 -23.14
C VAL D 796 -1.11 -39.91 -22.92
N ILE D 797 -0.20 -40.17 -23.86
CA ILE D 797 0.71 -41.29 -23.71
C ILE D 797 1.64 -41.05 -22.53
N ASP D 798 2.05 -39.80 -22.33
CA ASP D 798 2.92 -39.48 -21.21
C ASP D 798 2.24 -39.80 -19.88
N GLU D 799 1.01 -39.31 -19.70
CA GLU D 799 0.33 -39.53 -18.43
C GLU D 799 0.02 -41.02 -18.22
N TYR D 800 -0.36 -41.72 -19.28
CA TYR D 800 -0.59 -43.16 -19.16
C TYR D 800 0.67 -43.88 -18.72
N ALA D 801 1.80 -43.57 -19.35
CA ALA D 801 3.06 -44.17 -18.91
C ALA D 801 3.42 -43.74 -17.49
N LYS D 802 3.06 -42.52 -17.11
CA LYS D 802 3.53 -41.97 -15.84
C LYS D 802 2.85 -42.64 -14.67
N ASN D 803 1.51 -42.66 -14.64
CA ASN D 803 0.80 -43.20 -13.50
C ASN D 803 0.47 -44.68 -13.67
N CYS D 804 0.87 -45.29 -14.78
CA CYS D 804 0.89 -46.75 -14.84
C CYS D 804 1.95 -47.29 -13.88
N SER D 805 1.74 -48.53 -13.44
CA SER D 805 2.59 -49.09 -12.39
C SER D 805 4.02 -49.31 -12.86
N THR D 806 4.22 -49.63 -14.15
CA THR D 806 5.53 -50.03 -14.65
C THR D 806 5.72 -49.61 -16.10
N PRO D 807 6.87 -49.04 -16.50
CA PRO D 807 7.03 -48.64 -17.90
C PRO D 807 6.98 -49.80 -18.88
N GLU D 808 7.33 -51.02 -18.45
CA GLU D 808 7.29 -52.15 -19.37
C GLU D 808 5.89 -52.41 -19.89
N VAL D 809 4.86 -52.02 -19.13
CA VAL D 809 3.49 -52.14 -19.62
C VAL D 809 3.23 -51.14 -20.73
N ALA D 810 3.74 -49.93 -20.60
CA ALA D 810 3.54 -48.86 -21.56
C ALA D 810 4.53 -48.91 -22.72
N SER D 811 5.48 -49.84 -22.70
CA SER D 811 6.57 -49.83 -23.67
C SER D 811 6.10 -49.92 -25.12
N ARG D 812 4.89 -50.41 -25.38
CA ARG D 812 4.45 -50.61 -26.76
C ARG D 812 4.39 -49.31 -27.54
N PHE D 813 4.26 -48.18 -26.88
CA PHE D 813 4.19 -46.88 -27.56
C PHE D 813 5.56 -46.35 -27.97
N ILE D 814 6.64 -47.06 -27.63
CA ILE D 814 7.96 -46.44 -27.61
C ILE D 814 8.40 -46.02 -29.01
N GLU D 815 8.10 -46.84 -30.02
CA GLU D 815 8.58 -46.50 -31.37
C GLU D 815 7.80 -45.33 -31.96
N PRO D 816 6.46 -45.30 -31.86
CA PRO D 816 5.75 -44.09 -32.31
C PRO D 816 6.22 -42.81 -31.63
N LEU D 817 6.61 -42.88 -30.35
CA LEU D 817 7.11 -41.68 -29.68
C LEU D 817 8.50 -41.32 -30.19
N GLN D 818 9.38 -42.30 -30.28
CA GLN D 818 10.76 -42.03 -30.66
C GLN D 818 10.86 -41.52 -32.10
N LYS D 819 9.97 -41.97 -32.97
CA LYS D 819 9.99 -41.48 -34.34
C LYS D 819 9.70 -39.98 -34.41
N ILE D 820 9.00 -39.43 -33.43
CA ILE D 820 8.70 -38.01 -33.47
C ILE D 820 9.96 -37.18 -33.27
N ILE D 821 10.83 -37.61 -32.36
CA ILE D 821 12.07 -36.86 -32.12
C ILE D 821 13.13 -37.23 -33.15
N ASP D 822 13.09 -38.43 -33.70
CA ASP D 822 14.12 -38.82 -34.66
C ASP D 822 13.88 -38.23 -36.05
N LEU D 823 12.67 -38.41 -36.59
CA LEU D 823 12.43 -38.11 -37.99
C LEU D 823 12.18 -36.62 -38.23
N GLU D 824 12.38 -36.21 -39.48
CA GLU D 824 12.09 -34.84 -39.89
C GLU D 824 10.61 -34.53 -39.69
N ARG D 825 10.34 -33.37 -39.08
CA ARG D 825 8.96 -32.97 -38.85
C ARG D 825 8.30 -32.55 -40.17
N PRO D 826 6.97 -32.64 -40.26
CA PRO D 826 6.29 -32.13 -41.45
C PRO D 826 6.51 -30.63 -41.61
N SER D 827 6.51 -30.18 -42.86
CA SER D 827 6.76 -28.77 -43.16
C SER D 827 5.54 -27.88 -42.90
N HIS D 828 4.38 -28.45 -42.58
CA HIS D 828 3.16 -27.68 -42.43
C HIS D 828 2.30 -28.29 -41.34
N TYR D 829 1.42 -27.46 -40.79
CA TYR D 829 0.41 -27.91 -39.85
C TYR D 829 -0.89 -27.20 -40.15
N ARG D 830 -2.01 -27.94 -40.12
CA ARG D 830 -3.30 -27.34 -40.44
C ARG D 830 -3.69 -26.29 -39.41
N ASP D 831 -3.17 -26.41 -38.20
CA ASP D 831 -3.38 -25.37 -37.19
C ASP D 831 -2.77 -24.04 -37.63
N LEU D 832 -1.69 -24.08 -38.40
CA LEU D 832 -0.94 -22.89 -38.78
C LEU D 832 -1.31 -22.36 -40.17
N VAL D 833 -2.37 -22.89 -40.79
CA VAL D 833 -2.69 -22.49 -42.16
C VAL D 833 -2.96 -21.00 -42.27
N THR D 834 -3.39 -20.36 -41.17
CA THR D 834 -3.62 -18.92 -41.21
C THR D 834 -2.33 -18.16 -41.52
N TYR D 835 -1.22 -18.58 -40.92
CA TYR D 835 0.05 -17.90 -41.18
C TYR D 835 0.46 -18.02 -42.62
N VAL D 836 0.33 -19.21 -43.20
CA VAL D 836 0.76 -19.37 -44.59
C VAL D 836 -0.19 -18.65 -45.53
N GLN D 837 -1.47 -18.58 -45.18
CA GLN D 837 -2.39 -17.80 -46.02
C GLN D 837 -2.07 -16.31 -45.96
N ARG D 838 -1.64 -15.81 -44.80
CA ARG D 838 -1.21 -14.42 -44.71
C ARG D 838 0.06 -14.19 -45.52
N VAL D 839 0.97 -15.16 -45.51
CA VAL D 839 2.16 -15.08 -46.35
C VAL D 839 1.76 -14.99 -47.82
N ARG D 840 0.81 -15.83 -48.22
CA ARG D 840 0.36 -15.82 -49.62
C ARG D 840 -0.25 -14.48 -49.99
N SER D 841 -1.09 -13.94 -49.11
CA SER D 841 -1.72 -12.64 -49.39
C SER D 841 -0.67 -11.55 -49.54
N ALA D 842 0.32 -11.52 -48.64
CA ALA D 842 1.34 -10.48 -48.71
C ALA D 842 2.18 -10.63 -49.97
N SER D 843 2.57 -11.85 -50.33
CA SER D 843 3.37 -12.06 -51.52
C SER D 843 2.58 -11.66 -52.77
N GLN D 844 1.29 -11.99 -52.80
CA GLN D 844 0.45 -11.56 -53.91
C GLN D 844 0.37 -10.04 -53.96
N GLN D 845 0.31 -9.38 -52.81
CA GLN D 845 0.30 -7.92 -52.80
C GLN D 845 1.59 -7.36 -53.36
N LEU D 846 2.72 -7.97 -53.04
CA LEU D 846 4.01 -7.53 -53.61
C LEU D 846 4.01 -7.71 -55.12
N ILE D 847 3.52 -8.86 -55.60
CA ILE D 847 3.46 -9.09 -57.03
C ILE D 847 2.55 -8.06 -57.69
N ASN D 848 1.43 -7.74 -57.06
CA ASN D 848 0.53 -6.71 -57.59
C ASN D 848 1.23 -5.36 -57.65
N LEU D 849 2.02 -5.04 -56.62
CA LEU D 849 2.78 -3.81 -56.63
C LEU D 849 3.75 -3.76 -57.81
N PHE D 850 4.38 -4.91 -58.11
CA PHE D 850 5.21 -4.98 -59.31
C PHE D 850 4.38 -4.76 -60.57
N ARG D 851 3.18 -5.35 -60.61
CA ARG D 851 2.37 -5.30 -61.83
C ARG D 851 1.82 -3.90 -62.09
N ASP D 852 1.49 -3.16 -61.03
CA ASP D 852 0.81 -1.87 -61.19
C ASP D 852 1.77 -0.69 -61.20
N HIS D 853 2.72 -0.65 -60.26
CA HIS D 853 3.63 0.49 -60.13
C HIS D 853 5.04 0.18 -60.60
N GLY D 854 5.47 -1.08 -60.57
CA GLY D 854 6.62 -1.47 -61.36
C GLY D 854 6.33 -1.57 -62.84
N LYS D 855 5.06 -1.76 -63.20
CA LYS D 855 4.62 -1.83 -64.59
C LYS D 855 5.41 -2.88 -65.37
N VAL D 856 5.73 -3.98 -64.70
CA VAL D 856 6.39 -5.09 -65.37
C VAL D 856 5.44 -5.72 -66.37
N SER D 857 6.01 -6.35 -67.39
CA SER D 857 5.21 -7.07 -68.37
C SER D 857 4.45 -8.20 -67.70
N GLN D 858 3.11 -8.16 -67.79
CA GLN D 858 2.29 -9.21 -67.20
C GLN D 858 2.55 -10.52 -67.92
N GLY D 859 2.51 -11.62 -67.16
CA GLY D 859 2.69 -12.95 -67.71
C GLY D 859 4.10 -13.49 -67.63
N LYS D 860 5.09 -12.65 -67.35
CA LYS D 860 6.46 -13.09 -67.09
C LYS D 860 6.74 -13.21 -65.60
N LEU D 861 5.72 -13.50 -64.79
CA LEU D 861 5.81 -13.53 -63.35
C LEU D 861 4.93 -14.65 -62.84
N PRO D 862 5.20 -15.21 -61.66
CA PRO D 862 4.49 -16.41 -61.23
C PRO D 862 3.09 -16.09 -60.71
N THR D 863 2.10 -16.85 -61.18
CA THR D 863 0.76 -16.80 -60.61
C THR D 863 0.74 -17.70 -59.38
N LEU D 864 0.65 -17.10 -58.19
CA LEU D 864 0.68 -17.86 -56.96
C LEU D 864 -0.55 -18.75 -56.84
N ALA D 865 -0.37 -19.95 -56.29
CA ALA D 865 -1.45 -20.92 -56.19
C ALA D 865 -2.56 -20.41 -55.28
N VAL D 866 -3.81 -20.73 -55.64
CA VAL D 866 -4.95 -20.26 -54.87
C VAL D 866 -5.06 -21.00 -53.54
N VAL D 867 -4.73 -22.28 -53.49
CA VAL D 867 -4.87 -23.11 -52.29
C VAL D 867 -3.54 -23.17 -51.58
N VAL D 868 -3.57 -23.06 -50.26
CA VAL D 868 -2.36 -22.98 -49.44
C VAL D 868 -2.11 -24.33 -48.79
N GLN D 869 -0.84 -24.70 -48.67
CA GLN D 869 -0.45 -25.94 -48.03
C GLN D 869 -1.03 -26.00 -46.63
N GLY D 870 -1.56 -27.18 -46.27
CA GLY D 870 -2.18 -27.40 -44.99
C GLY D 870 -3.69 -27.31 -45.01
N GLU D 871 -4.27 -26.72 -46.05
CA GLU D 871 -5.71 -26.75 -46.19
C GLU D 871 -6.16 -28.19 -46.39
N PRO D 872 -7.40 -28.52 -46.03
CA PRO D 872 -7.82 -29.94 -46.02
C PRO D 872 -7.68 -30.59 -47.39
N GLU D 873 -6.83 -31.61 -47.44
CA GLU D 873 -6.55 -32.38 -48.66
C GLU D 873 -6.10 -31.50 -49.82
N ALA D 874 -5.36 -30.44 -49.53
CA ALA D 874 -4.74 -29.64 -50.58
C ALA D 874 -3.66 -30.45 -51.29
N GLY D 875 -3.63 -30.37 -52.62
CA GLY D 875 -2.71 -31.13 -53.42
C GLY D 875 -1.28 -30.62 -53.31
N PRO D 876 -0.33 -31.36 -53.91
CA PRO D 876 1.08 -30.96 -53.80
C PRO D 876 1.40 -29.63 -54.45
N GLY D 877 0.55 -29.13 -55.35
CA GLY D 877 0.76 -27.85 -55.97
C GLY D 877 0.44 -26.65 -55.11
N ALA D 878 0.01 -26.87 -53.88
CA ALA D 878 -0.39 -25.78 -53.00
C ALA D 878 0.77 -24.86 -52.68
N PHE D 879 0.46 -23.60 -52.42
CA PHE D 879 1.47 -22.61 -52.06
C PHE D 879 2.11 -22.98 -50.73
N SER D 880 3.41 -22.69 -50.61
CA SER D 880 4.18 -23.01 -49.42
C SER D 880 5.17 -21.90 -49.14
N ILE D 881 5.60 -21.81 -47.88
CA ILE D 881 6.55 -20.77 -47.48
C ILE D 881 7.86 -20.89 -48.23
N ALA D 882 8.21 -22.09 -48.70
CA ALA D 882 9.38 -22.23 -49.54
C ALA D 882 9.21 -21.44 -50.83
N ASN D 883 8.00 -21.45 -51.39
CA ASN D 883 7.76 -20.64 -52.58
C ASN D 883 7.81 -19.15 -52.25
N ALA D 884 7.38 -18.77 -51.05
CA ALA D 884 7.52 -17.38 -50.63
C ALA D 884 8.98 -16.98 -50.54
N GLU D 885 9.83 -17.86 -50.02
CA GLU D 885 11.27 -17.60 -49.99
C GLU D 885 11.81 -17.44 -51.41
N LYS D 886 11.38 -18.33 -52.31
CA LYS D 886 11.82 -18.24 -53.70
C LYS D 886 11.41 -16.91 -54.32
N VAL D 887 10.20 -16.45 -54.00
CA VAL D 887 9.74 -15.17 -54.53
C VAL D 887 10.61 -14.03 -54.01
N VAL D 888 10.63 -13.86 -52.69
CA VAL D 888 11.27 -12.68 -52.12
C VAL D 888 12.78 -12.68 -52.31
N ASN D 889 13.42 -13.84 -52.45
CA ASN D 889 14.88 -13.88 -52.59
C ASN D 889 15.33 -13.79 -54.04
N GLU D 890 14.76 -14.63 -54.91
CA GLU D 890 15.21 -14.74 -56.30
C GLU D 890 14.32 -13.99 -57.28
N ASP D 891 13.00 -14.17 -57.19
CA ASP D 891 12.11 -13.55 -58.17
C ASP D 891 12.10 -12.03 -58.03
N PHE D 892 12.27 -11.54 -56.80
CA PHE D 892 12.28 -10.09 -56.59
C PHE D 892 13.40 -9.43 -57.37
N GLU D 893 14.63 -9.92 -57.20
CA GLU D 893 15.74 -9.36 -57.95
C GLU D 893 15.59 -9.63 -59.43
N ARG D 894 14.96 -10.75 -59.81
CA ARG D 894 14.74 -11.02 -61.22
C ARG D 894 13.83 -9.97 -61.83
N LEU D 895 12.78 -9.57 -61.11
CA LEU D 895 11.93 -8.51 -61.64
C LEU D 895 12.65 -7.18 -61.62
N LYS D 896 13.53 -6.94 -60.65
CA LYS D 896 14.34 -5.74 -60.70
C LYS D 896 15.24 -5.71 -61.93
N ARG D 897 15.74 -6.88 -62.36
CA ARG D 897 16.42 -6.95 -63.65
C ARG D 897 15.46 -6.65 -64.78
N LEU D 898 14.23 -7.18 -64.69
CA LEU D 898 13.28 -7.06 -65.78
C LEU D 898 12.76 -5.63 -65.92
N MET D 899 12.62 -4.91 -64.81
CA MET D 899 12.07 -3.56 -64.85
C MET D 899 12.97 -2.64 -65.67
N ALA D 900 12.34 -1.81 -66.51
CA ALA D 900 13.05 -0.91 -67.39
C ALA D 900 13.53 0.32 -66.64
N PRO D 901 14.56 1.02 -67.13
CA PRO D 901 14.91 2.32 -66.56
C PRO D 901 13.78 3.31 -66.77
N GLY D 902 13.66 4.25 -65.83
CA GLY D 902 12.54 5.16 -65.78
C GLY D 902 11.37 4.64 -64.98
N GLN D 903 11.31 3.34 -64.71
CA GLN D 903 10.34 2.73 -63.81
C GLN D 903 10.99 2.31 -62.49
N ARG D 904 12.22 1.79 -62.56
CA ARG D 904 12.94 1.36 -61.36
C ARG D 904 13.01 2.48 -60.31
N LEU D 905 13.47 3.66 -60.73
CA LEU D 905 13.74 4.72 -59.76
C LEU D 905 12.49 5.16 -59.01
N ILE D 906 11.30 4.97 -59.60
CA ILE D 906 10.04 5.30 -58.93
C ILE D 906 9.35 4.09 -58.33
N ALA D 907 9.64 2.88 -58.82
CA ALA D 907 8.97 1.69 -58.30
C ALA D 907 9.66 1.19 -57.03
N LEU D 908 10.99 1.23 -56.98
CA LEU D 908 11.74 0.71 -55.84
C LEU D 908 11.32 1.27 -54.48
N PRO D 909 11.08 2.57 -54.30
CA PRO D 909 10.76 3.05 -52.94
C PRO D 909 9.44 2.54 -52.38
N GLN D 910 8.67 1.76 -53.14
CA GLN D 910 7.52 1.02 -52.64
C GLN D 910 7.79 -0.48 -52.59
N LEU D 911 8.48 -0.99 -53.61
CA LEU D 911 8.79 -2.41 -53.67
C LEU D 911 9.67 -2.83 -52.51
N ASN D 912 10.57 -1.96 -52.06
CA ASN D 912 11.41 -2.31 -50.91
C ASN D 912 10.57 -2.53 -49.66
N GLU D 913 9.66 -1.61 -49.36
CA GLU D 913 8.82 -1.76 -48.18
C GLU D 913 7.88 -2.97 -48.31
N ALA D 914 7.38 -3.21 -49.52
CA ALA D 914 6.55 -4.40 -49.73
C ALA D 914 7.34 -5.67 -49.50
N ARG D 915 8.60 -5.70 -49.95
CA ARG D 915 9.44 -6.85 -49.73
C ARG D 915 9.70 -7.07 -48.25
N GLU D 916 9.95 -5.99 -47.51
CA GLU D 916 10.21 -6.16 -46.09
C GLU D 916 8.96 -6.63 -45.35
N GLN D 917 7.77 -6.15 -45.76
CA GLN D 917 6.54 -6.68 -45.18
C GLN D 917 6.42 -8.17 -45.44
N THR D 918 6.65 -8.58 -46.70
CA THR D 918 6.51 -9.99 -47.04
C THR D 918 7.54 -10.85 -46.31
N VAL D 919 8.76 -10.36 -46.18
CA VAL D 919 9.80 -11.17 -45.57
C VAL D 919 9.59 -11.27 -44.06
N GLU D 920 9.10 -10.21 -43.41
CA GLU D 920 8.81 -10.34 -41.99
C GLU D 920 7.63 -11.27 -41.75
N VAL D 921 6.62 -11.26 -42.63
CA VAL D 921 5.52 -12.20 -42.47
C VAL D 921 6.01 -13.63 -42.67
N ILE D 922 6.91 -13.84 -43.64
CA ILE D 922 7.46 -15.17 -43.87
C ILE D 922 8.22 -15.64 -42.64
N GLU D 923 9.03 -14.76 -42.06
CA GLU D 923 9.78 -15.14 -40.86
C GLU D 923 8.82 -15.45 -39.71
N GLU D 924 7.71 -14.72 -39.61
CA GLU D 924 6.73 -15.01 -38.58
C GLU D 924 6.13 -16.40 -38.75
N ALA D 925 5.80 -16.76 -39.99
CA ALA D 925 5.26 -18.10 -40.25
C ALA D 925 6.27 -19.17 -39.87
N LYS D 926 7.54 -18.97 -40.27
CA LYS D 926 8.58 -19.93 -39.94
C LYS D 926 8.76 -20.05 -38.43
N ALA D 927 8.72 -18.93 -37.72
CA ALA D 927 8.88 -18.97 -36.27
C ALA D 927 7.74 -19.73 -35.61
N ALA D 928 6.51 -19.53 -36.07
CA ALA D 928 5.39 -20.25 -35.49
C ALA D 928 5.52 -21.75 -35.73
N LYS D 929 5.91 -22.14 -36.95
CA LYS D 929 6.09 -23.57 -37.23
C LYS D 929 7.19 -24.14 -36.35
N GLU D 930 8.29 -23.41 -36.19
CA GLU D 930 9.39 -23.92 -35.37
C GLU D 930 8.96 -24.05 -33.91
N ALA D 931 8.14 -23.11 -33.43
CA ALA D 931 7.64 -23.21 -32.06
C ALA D 931 6.80 -24.47 -31.88
N ARG D 932 5.93 -24.77 -32.86
CA ARG D 932 5.15 -26.00 -32.76
C ARG D 932 6.04 -27.23 -32.79
N ASP D 933 7.06 -27.23 -33.65
CA ASP D 933 7.98 -28.36 -33.70
C ASP D 933 8.64 -28.57 -32.35
N ALA D 934 9.10 -27.48 -31.73
CA ALA D 934 9.76 -27.58 -30.42
C ALA D 934 8.79 -28.14 -29.38
N ARG D 935 7.55 -27.66 -29.40
CA ARG D 935 6.57 -28.10 -28.39
C ARG D 935 6.26 -29.58 -28.54
N ILE D 936 6.02 -30.03 -29.76
CA ILE D 936 5.68 -31.44 -29.98
C ILE D 936 6.87 -32.33 -29.63
N LYS D 937 8.08 -31.92 -30.04
CA LYS D 937 9.26 -32.71 -29.71
C LYS D 937 9.46 -32.79 -28.21
N ALA D 938 9.23 -31.70 -27.50
CA ALA D 938 9.38 -31.72 -26.05
C ALA D 938 8.36 -32.66 -25.40
N ALA D 939 7.11 -32.63 -25.87
CA ALA D 939 6.12 -33.53 -25.32
C ALA D 939 6.49 -34.98 -25.57
N ALA D 940 6.99 -35.28 -26.76
CA ALA D 940 7.42 -36.64 -27.06
C ALA D 940 8.58 -37.06 -26.17
N ALA D 941 9.55 -36.18 -25.98
CA ALA D 941 10.71 -36.51 -25.14
C ALA D 941 10.28 -36.74 -23.71
N CYS D 942 9.32 -35.94 -23.22
CA CYS D 942 8.82 -36.15 -21.86
C CYS D 942 8.13 -37.50 -21.75
N ALA D 943 7.35 -37.88 -22.76
CA ALA D 943 6.72 -39.20 -22.75
C ALA D 943 7.76 -40.30 -22.71
N LEU D 944 8.86 -40.15 -23.47
CA LEU D 944 9.92 -41.15 -23.44
C LEU D 944 10.60 -41.22 -22.08
N VAL D 945 10.85 -40.05 -21.47
CA VAL D 945 11.48 -40.03 -20.16
C VAL D 945 10.61 -40.73 -19.13
N ALA D 946 9.29 -40.59 -19.25
CA ALA D 946 8.39 -41.27 -18.32
C ALA D 946 8.50 -42.79 -18.44
N MET D 947 8.72 -43.30 -19.65
CA MET D 947 8.91 -44.73 -19.86
C MET D 947 10.32 -45.21 -19.53
N LYS D 948 11.15 -44.36 -18.91
CA LYS D 948 12.47 -44.75 -18.39
C LYS D 948 13.39 -45.32 -19.48
N VAL D 949 13.20 -44.95 -20.75
CA VAL D 949 14.18 -45.28 -21.78
C VAL D 949 15.28 -44.23 -21.79
N LEU D 950 16.53 -44.69 -21.92
CA LEU D 950 17.71 -43.83 -21.95
C LEU D 950 18.51 -44.19 -23.19
N PRO D 951 18.28 -43.51 -24.32
CA PRO D 951 19.01 -43.88 -25.54
C PRO D 951 20.51 -43.71 -25.38
N LYS D 952 21.27 -44.51 -26.13
CA LYS D 952 22.72 -44.45 -26.07
C LYS D 952 23.27 -43.14 -26.62
N LYS D 953 22.49 -42.41 -27.42
CA LYS D 953 22.82 -41.05 -27.87
C LYS D 953 21.68 -40.15 -27.42
N PRO D 954 21.69 -39.68 -26.17
CA PRO D 954 20.54 -38.95 -25.63
C PRO D 954 20.45 -37.50 -26.08
N SER D 955 21.34 -37.03 -26.95
CA SER D 955 21.30 -35.63 -27.35
C SER D 955 19.96 -35.19 -27.94
N PRO D 956 19.22 -36.00 -28.70
CA PRO D 956 17.90 -35.51 -29.14
C PRO D 956 16.93 -35.30 -27.99
N LEU D 957 16.87 -36.23 -27.03
CA LEU D 957 16.01 -36.04 -25.86
C LEU D 957 16.39 -34.77 -25.12
N ILE D 958 17.67 -34.62 -24.81
CA ILE D 958 18.13 -33.47 -24.04
C ILE D 958 17.86 -32.19 -24.80
N LYS D 959 18.11 -32.19 -26.11
CA LYS D 959 17.91 -30.99 -26.91
C LYS D 959 16.45 -30.59 -26.92
N ALA D 960 15.55 -31.55 -27.12
CA ALA D 960 14.13 -31.21 -27.16
C ALA D 960 13.66 -30.65 -25.83
N ILE D 961 14.05 -31.30 -24.73
CA ILE D 961 13.57 -30.86 -23.42
C ILE D 961 14.13 -29.48 -23.11
N MET D 962 15.42 -29.27 -23.37
CA MET D 962 16.02 -27.96 -23.11
C MET D 962 15.40 -26.88 -23.99
N ASP D 963 15.13 -27.19 -25.25
CA ASP D 963 14.47 -26.21 -26.12
C ASP D 963 13.12 -25.81 -25.57
N SER D 964 12.40 -26.76 -24.97
CA SER D 964 11.12 -26.39 -24.37
C SER D 964 11.30 -25.55 -23.12
N ILE D 965 12.25 -25.93 -22.26
CA ILE D 965 12.51 -25.14 -21.06
C ILE D 965 12.93 -23.72 -21.42
N LYS D 966 13.74 -23.61 -22.48
CA LYS D 966 14.30 -22.32 -22.87
C LYS D 966 13.28 -21.39 -23.52
N THR D 967 12.17 -21.93 -24.03
CA THR D 967 11.33 -21.18 -24.97
C THR D 967 9.85 -21.11 -24.61
N GLU D 968 9.31 -22.15 -23.96
CA GLU D 968 7.86 -22.29 -23.84
C GLU D 968 7.23 -21.16 -23.05
N GLU D 969 6.46 -20.32 -23.73
CA GLU D 969 5.80 -19.21 -23.05
C GLU D 969 4.74 -19.73 -22.08
N ASN D 970 3.97 -20.73 -22.49
CA ASN D 970 2.88 -21.23 -21.68
C ASN D 970 3.45 -21.88 -20.42
N GLN D 971 2.98 -21.42 -19.26
CA GLN D 971 3.59 -21.84 -17.99
C GLN D 971 3.43 -23.34 -17.75
N GLU D 972 2.28 -23.91 -18.10
CA GLU D 972 2.02 -25.32 -17.81
C GLU D 972 3.00 -26.21 -18.55
N LEU D 973 3.16 -25.99 -19.86
CA LEU D 973 4.07 -26.80 -20.65
C LEU D 973 5.51 -26.66 -20.16
N GLN D 974 5.90 -25.44 -19.81
CA GLN D 974 7.25 -25.23 -19.33
C GLN D 974 7.50 -25.96 -18.02
N SER D 975 6.52 -25.93 -17.10
CA SER D 975 6.68 -26.66 -15.85
C SER D 975 6.72 -28.16 -16.08
N ARG D 976 5.92 -28.67 -17.02
CA ARG D 976 6.01 -30.09 -17.35
C ARG D 976 7.41 -30.45 -17.84
N SER D 977 7.96 -29.62 -18.73
CA SER D 977 9.30 -29.90 -19.25
C SER D 977 10.36 -29.80 -18.16
N ALA D 978 10.20 -28.85 -17.24
CA ALA D 978 11.16 -28.73 -16.15
C ALA D 978 11.14 -29.97 -15.26
N ALA D 979 9.94 -30.46 -14.92
CA ALA D 979 9.87 -31.69 -14.16
C ALA D 979 10.48 -32.85 -14.93
N THR D 980 10.32 -32.86 -16.25
CA THR D 980 10.91 -33.92 -17.06
C THR D 980 12.43 -33.92 -16.93
N ILE D 981 13.06 -32.77 -17.12
CA ILE D 981 14.53 -32.75 -17.08
C ILE D 981 15.01 -33.06 -15.67
N ALA D 982 14.27 -32.62 -14.65
CA ALA D 982 14.65 -32.92 -13.28
C ALA D 982 14.63 -34.42 -13.03
N ARG D 983 13.63 -35.12 -13.58
CA ARG D 983 13.61 -36.58 -13.45
C ARG D 983 14.72 -37.22 -14.27
N LEU D 984 15.00 -36.67 -15.46
CA LEU D 984 15.99 -37.27 -16.34
C LEU D 984 17.38 -37.24 -15.73
N VAL D 985 17.72 -36.16 -15.01
CA VAL D 985 19.01 -36.11 -14.32
C VAL D 985 19.11 -37.25 -13.33
N GLN D 986 18.04 -37.50 -12.57
CA GLN D 986 18.06 -38.59 -11.60
C GLN D 986 18.22 -39.93 -12.30
N LEU D 987 17.53 -40.13 -13.42
CA LEU D 987 17.66 -41.38 -14.16
C LEU D 987 19.11 -41.61 -14.57
N PHE D 988 19.74 -40.59 -15.15
CA PHE D 988 21.12 -40.73 -15.58
C PHE D 988 22.05 -41.01 -14.40
N THR D 989 21.89 -40.28 -13.29
CA THR D 989 22.82 -40.48 -12.18
C THR D 989 22.65 -41.86 -11.54
N GLU D 990 21.41 -42.34 -11.43
CA GLU D 990 21.23 -43.68 -10.88
C GLU D 990 21.76 -44.74 -11.82
N SER D 991 21.61 -44.54 -13.13
CA SER D 991 22.18 -45.47 -14.09
C SER D 991 23.71 -45.41 -14.14
N GLY D 992 24.32 -44.37 -13.58
CA GLY D 992 25.75 -44.18 -13.66
C GLY D 992 26.24 -43.51 -14.93
N ARG D 993 25.32 -43.07 -15.80
CA ARG D 993 25.69 -42.42 -17.05
C ARG D 993 25.87 -40.92 -16.80
N ARG D 994 26.95 -40.61 -16.10
CA ARG D 994 27.09 -39.28 -15.51
C ARG D 994 27.31 -38.19 -16.55
N GLY D 995 27.86 -38.52 -17.71
CA GLY D 995 28.23 -37.52 -18.70
C GLY D 995 27.08 -36.61 -19.12
N PRO D 996 26.03 -37.19 -19.69
CA PRO D 996 24.85 -36.36 -20.02
C PRO D 996 24.27 -35.64 -18.82
N ALA D 997 24.31 -36.26 -17.64
CA ALA D 997 23.77 -35.63 -16.46
C ALA D 997 24.52 -34.34 -16.12
N GLU D 998 25.85 -34.40 -16.14
CA GLU D 998 26.60 -33.19 -15.84
C GLU D 998 26.45 -32.16 -16.94
N LYS D 999 26.30 -32.59 -18.19
CA LYS D 999 26.09 -31.63 -19.26
C LYS D 999 24.77 -30.88 -19.09
N VAL D 1000 23.69 -31.61 -18.76
CA VAL D 1000 22.41 -30.93 -18.58
C VAL D 1000 22.44 -30.06 -17.33
N VAL D 1001 23.11 -30.51 -16.26
CA VAL D 1001 23.17 -29.68 -15.06
C VAL D 1001 23.92 -28.39 -15.34
N ALA D 1002 25.02 -28.46 -16.08
CA ALA D 1002 25.74 -27.24 -16.42
C ALA D 1002 24.90 -26.33 -17.31
N ASN D 1003 24.12 -26.91 -18.22
CA ASN D 1003 23.26 -26.09 -19.07
C ASN D 1003 22.15 -25.42 -18.28
N LEU D 1004 21.55 -26.14 -17.34
CA LEU D 1004 20.54 -25.54 -16.47
C LEU D 1004 21.14 -24.40 -15.65
N VAL D 1005 22.35 -24.61 -15.13
CA VAL D 1005 23.01 -23.56 -14.36
C VAL D 1005 23.23 -22.33 -15.24
N LYS D 1006 23.63 -22.54 -16.50
CA LYS D 1006 23.77 -21.42 -17.42
C LYS D 1006 22.44 -20.70 -17.62
N PHE D 1007 21.35 -21.44 -17.84
CA PHE D 1007 20.06 -20.80 -18.06
C PHE D 1007 19.63 -19.99 -16.85
N SER D 1008 19.89 -20.48 -15.64
CA SER D 1008 19.37 -19.81 -14.45
C SER D 1008 19.90 -18.38 -14.30
N CYS D 1009 21.03 -18.08 -14.92
CA CYS D 1009 21.68 -16.77 -14.81
C CYS D 1009 21.31 -15.80 -15.93
N VAL D 1010 20.34 -16.11 -16.77
CA VAL D 1010 20.14 -15.33 -17.99
C VAL D 1010 19.39 -14.01 -17.76
N GLU D 1011 18.56 -13.90 -16.73
CA GLU D 1011 17.79 -12.66 -16.55
C GLU D 1011 18.73 -11.55 -16.13
N VAL D 1012 19.11 -10.70 -17.08
CA VAL D 1012 20.04 -9.60 -16.80
C VAL D 1012 19.49 -8.66 -15.74
N ALA D 1013 18.17 -8.54 -15.62
CA ALA D 1013 17.59 -7.69 -14.60
C ALA D 1013 17.87 -8.17 -13.19
N GLU D 1014 18.28 -9.43 -13.01
CA GLU D 1014 18.56 -10.01 -11.71
C GLU D 1014 20.01 -10.45 -11.56
N THR D 1015 20.62 -10.99 -12.60
CA THR D 1015 22.03 -11.35 -12.61
C THR D 1015 22.80 -10.41 -13.52
N PRO D 1016 23.64 -9.51 -13.03
CA PRO D 1016 24.31 -8.57 -13.93
C PRO D 1016 25.27 -9.26 -14.87
N GLU D 1017 25.44 -8.70 -16.07
CA GLU D 1017 26.45 -9.16 -17.01
C GLU D 1017 27.76 -8.47 -16.66
N PHE D 1018 28.76 -9.25 -16.25
CA PHE D 1018 30.02 -8.70 -15.77
C PHE D 1018 30.75 -7.82 -16.76
N PRO D 1019 30.89 -8.16 -18.04
CA PRO D 1019 31.76 -7.36 -18.92
C PRO D 1019 31.33 -5.91 -19.07
N ILE D 1020 30.07 -5.58 -18.80
CA ILE D 1020 29.64 -4.19 -18.91
C ILE D 1020 29.97 -3.43 -17.63
N HIS D 1021 29.67 -4.01 -16.47
CA HIS D 1021 29.81 -3.33 -15.19
C HIS D 1021 31.17 -3.55 -14.54
N ALA D 1022 32.09 -4.25 -15.20
CA ALA D 1022 33.32 -4.66 -14.54
C ALA D 1022 34.13 -3.47 -14.04
N HIS D 1023 34.17 -2.39 -14.82
CA HIS D 1023 34.97 -1.24 -14.41
C HIS D 1023 34.35 -0.43 -13.29
N LYS D 1024 33.04 -0.55 -13.08
CA LYS D 1024 32.35 0.33 -12.14
C LYS D 1024 32.88 0.14 -10.73
N THR D 1025 33.30 1.23 -10.12
CA THR D 1025 33.89 1.23 -8.79
C THR D 1025 33.32 2.40 -8.00
N ASN D 1026 33.04 2.15 -6.72
CA ASN D 1026 32.45 3.14 -5.82
C ASN D 1026 31.14 3.70 -6.34
N VAL D 1027 30.35 2.89 -7.04
CA VAL D 1027 28.96 3.19 -7.35
C VAL D 1027 28.08 2.15 -6.67
N ILE D 1028 27.08 2.60 -5.92
CA ILE D 1028 26.10 1.69 -5.33
C ILE D 1028 25.19 1.22 -6.45
N LEU D 1029 25.37 -0.04 -6.88
CA LEU D 1029 24.69 -0.51 -8.08
C LEU D 1029 23.18 -0.64 -7.85
N SER D 1030 22.75 -0.80 -6.59
CA SER D 1030 21.33 -0.90 -6.32
C SER D 1030 20.56 0.38 -6.65
N MET D 1031 21.24 1.53 -6.63
CA MET D 1031 20.57 2.78 -6.98
C MET D 1031 20.57 2.98 -8.49
N GLN D 1032 21.73 2.84 -9.13
CA GLN D 1032 21.82 3.09 -10.56
C GLN D 1032 21.00 2.10 -11.36
N LYS D 1033 21.04 0.82 -10.98
CA LYS D 1033 20.36 -0.23 -11.72
C LYS D 1033 18.85 -0.03 -11.68
N ALA D 1043 15.62 -0.25 -28.53
CA ALA D 1043 14.54 -0.62 -29.43
C ALA D 1043 13.64 -1.67 -28.79
N VAL D 1044 12.69 -2.20 -29.56
CA VAL D 1044 11.79 -3.25 -29.09
C VAL D 1044 12.58 -4.51 -28.74
N LYS D 1045 13.76 -4.68 -29.34
CA LYS D 1045 14.59 -5.84 -29.01
C LYS D 1045 14.96 -5.84 -27.53
N TYR D 1046 15.00 -4.67 -26.91
CA TYR D 1046 15.23 -4.60 -25.46
C TYR D 1046 14.14 -5.34 -24.70
N ALA D 1047 12.88 -5.00 -24.97
CA ALA D 1047 11.77 -5.63 -24.25
C ALA D 1047 11.60 -7.09 -24.66
N ARG D 1048 11.78 -7.39 -25.95
CA ARG D 1048 11.68 -8.78 -26.40
C ARG D 1048 12.72 -9.65 -25.73
N GLU D 1049 13.97 -9.17 -25.68
CA GLU D 1049 15.03 -9.95 -25.04
C GLU D 1049 14.79 -10.07 -23.55
N ALA D 1050 14.28 -9.01 -22.92
CA ALA D 1050 13.94 -9.11 -21.50
C ALA D 1050 12.89 -10.18 -21.27
N LYS D 1051 11.87 -10.23 -22.13
CA LYS D 1051 10.81 -11.22 -21.97
C LYS D 1051 11.35 -12.63 -22.16
N ALA D 1052 12.19 -12.83 -23.18
CA ALA D 1052 12.76 -14.15 -23.40
C ALA D 1052 13.64 -14.58 -22.23
N ALA D 1053 14.39 -13.63 -21.67
CA ALA D 1053 15.23 -13.96 -20.52
C ALA D 1053 14.38 -14.34 -19.33
N ARG D 1054 13.26 -13.64 -19.11
CA ARG D 1054 12.37 -14.02 -18.02
C ARG D 1054 11.81 -15.42 -18.21
N ILE D 1055 11.41 -15.75 -19.45
CA ILE D 1055 10.87 -17.08 -19.72
C ILE D 1055 11.90 -18.16 -19.40
N THR D 1056 13.11 -18.01 -19.94
CA THR D 1056 14.11 -19.06 -19.75
C THR D 1056 14.54 -19.18 -18.30
N ARG D 1057 14.66 -18.04 -17.59
CA ARG D 1057 15.00 -18.15 -16.18
C ARG D 1057 13.89 -18.81 -15.39
N ARG D 1058 12.63 -18.51 -15.70
CA ARG D 1058 11.52 -19.19 -15.04
C ARG D 1058 11.64 -20.69 -15.20
N GLY D 1059 11.89 -21.14 -16.42
CA GLY D 1059 12.01 -22.55 -16.66
C GLY D 1059 13.16 -23.19 -15.91
N ALA D 1060 14.34 -22.60 -16.01
CA ALA D 1060 15.50 -23.20 -15.36
C ALA D 1060 15.40 -23.14 -13.85
N LYS D 1061 14.81 -22.09 -13.30
CA LYS D 1061 14.64 -21.99 -11.85
C LYS D 1061 13.68 -23.07 -11.35
N GLU D 1062 12.58 -23.30 -12.06
CA GLU D 1062 11.69 -24.39 -11.67
C GLU D 1062 12.40 -25.73 -11.78
N ALA D 1063 13.22 -25.91 -12.82
CA ALA D 1063 13.95 -27.16 -12.97
C ALA D 1063 14.88 -27.40 -11.80
N LEU D 1064 15.61 -26.38 -11.37
CA LEU D 1064 16.53 -26.54 -10.26
C LEU D 1064 15.79 -26.72 -8.93
N GLU D 1065 14.64 -26.06 -8.76
CA GLU D 1065 13.85 -26.28 -7.55
C GLU D 1065 13.40 -27.74 -7.46
N ILE D 1066 12.88 -28.28 -8.56
CA ILE D 1066 12.43 -29.67 -8.54
C ILE D 1066 13.63 -30.60 -8.34
N LEU D 1067 14.79 -30.24 -8.90
CA LEU D 1067 15.99 -31.03 -8.67
C LEU D 1067 16.32 -31.10 -7.18
N SER D 1068 16.26 -29.95 -6.50
CA SER D 1068 16.56 -29.93 -5.08
C SER D 1068 15.57 -30.77 -4.30
N LYS D 1069 14.28 -30.60 -4.58
CA LYS D 1069 13.26 -31.34 -3.84
C LYS D 1069 13.39 -32.84 -4.08
N ASN D 1070 13.75 -33.23 -5.30
CA ASN D 1070 13.86 -34.63 -5.66
C ASN D 1070 15.06 -35.28 -4.98
N PHE D 1071 16.22 -34.63 -5.03
CA PHE D 1071 17.43 -35.25 -4.51
C PHE D 1071 17.53 -35.16 -2.98
N GLY D 1072 16.88 -34.18 -2.36
CA GLY D 1072 16.86 -34.14 -0.91
C GLY D 1072 18.22 -33.86 -0.31
N ALA D 1073 18.52 -34.56 0.79
CA ALA D 1073 19.67 -34.21 1.62
C ALA D 1073 21.01 -34.45 0.94
N GLU D 1074 21.05 -35.28 -0.11
CA GLU D 1074 22.30 -35.72 -0.70
C GLU D 1074 22.53 -35.16 -2.10
N LEU D 1075 21.88 -34.05 -2.46
CA LEU D 1075 22.04 -33.49 -3.79
C LEU D 1075 23.50 -33.13 -4.05
N LEU D 1076 24.16 -32.46 -3.10
CA LEU D 1076 25.54 -32.06 -3.31
C LEU D 1076 26.48 -33.26 -3.43
N GLU D 1077 26.07 -34.43 -2.95
CA GLU D 1077 26.86 -35.65 -3.10
C GLU D 1077 26.58 -36.34 -4.43
N ARG D 1078 25.32 -36.36 -4.87
CA ARG D 1078 24.96 -37.06 -6.09
C ARG D 1078 25.28 -36.27 -7.35
N VAL D 1079 25.37 -34.95 -7.25
CA VAL D 1079 25.56 -34.07 -8.41
C VAL D 1079 26.77 -33.19 -8.15
N PRO D 1080 28.00 -33.72 -8.23
CA PRO D 1080 29.18 -32.91 -7.85
C PRO D 1080 29.36 -31.64 -8.64
N THR D 1081 29.00 -31.65 -9.93
CA THR D 1081 29.28 -30.49 -10.78
C THR D 1081 28.60 -29.24 -10.27
N LEU D 1082 27.43 -29.36 -9.64
CA LEU D 1082 26.78 -28.20 -9.05
C LEU D 1082 27.58 -27.65 -7.87
N ARG D 1083 28.18 -28.55 -7.07
CA ARG D 1083 29.08 -28.11 -6.02
C ARG D 1083 30.26 -27.35 -6.61
N THR D 1084 30.84 -27.90 -7.67
CA THR D 1084 31.92 -27.20 -8.37
C THR D 1084 31.47 -25.82 -8.81
N PHE D 1085 30.31 -25.74 -9.46
CA PHE D 1085 29.81 -24.46 -9.96
C PHE D 1085 29.73 -23.42 -8.86
N MET D 1086 29.08 -23.76 -7.75
CA MET D 1086 28.81 -22.76 -6.73
C MET D 1086 29.89 -22.67 -5.65
N GLU D 1087 30.99 -23.42 -5.76
CA GLU D 1087 32.08 -23.34 -4.79
C GLU D 1087 33.44 -22.96 -5.37
N GLU D 1088 33.74 -23.31 -6.61
CA GLU D 1088 35.10 -23.12 -7.13
C GLU D 1088 35.40 -21.65 -7.45
N PRO D 1089 34.52 -20.92 -8.14
CA PRO D 1089 34.83 -19.51 -8.41
C PRO D 1089 35.05 -18.68 -7.16
N LEU D 1090 34.25 -18.91 -6.11
CA LEU D 1090 34.37 -18.08 -4.92
C LEU D 1090 35.64 -18.43 -4.14
N VAL D 1091 35.96 -19.72 -4.02
CA VAL D 1091 37.18 -20.07 -3.29
C VAL D 1091 38.42 -19.63 -4.07
N ARG D 1092 38.37 -19.65 -5.40
CA ARG D 1092 39.47 -19.09 -6.17
C ARG D 1092 39.59 -17.58 -5.93
N ALA D 1093 38.47 -16.86 -6.05
CA ALA D 1093 38.56 -15.41 -6.10
C ALA D 1093 38.80 -14.77 -4.74
N PHE D 1094 38.30 -15.38 -3.65
CA PHE D 1094 38.24 -14.73 -2.35
C PHE D 1094 38.88 -15.54 -1.22
N SER D 1095 39.57 -16.64 -1.52
CA SER D 1095 40.38 -17.26 -0.49
C SER D 1095 41.54 -16.35 -0.10
N GLY D 1096 42.29 -15.88 -1.10
CA GLY D 1096 43.23 -14.80 -0.96
C GLY D 1096 42.68 -13.52 -1.54
N ASP D 1097 43.59 -12.63 -1.93
CA ASP D 1097 43.17 -11.43 -2.62
C ASP D 1097 42.69 -11.79 -4.03
N LEU D 1098 41.97 -10.87 -4.65
CA LEU D 1098 41.45 -11.11 -5.99
C LEU D 1098 42.60 -11.39 -6.95
N PRO D 1099 42.59 -12.50 -7.69
CA PRO D 1099 43.53 -12.64 -8.80
C PRO D 1099 43.32 -11.52 -9.81
N PRO D 1100 44.40 -10.98 -10.40
CA PRO D 1100 44.21 -9.81 -11.27
C PRO D 1100 43.37 -10.09 -12.50
N GLU D 1101 43.30 -11.35 -12.93
CA GLU D 1101 42.46 -11.69 -14.07
C GLU D 1101 40.97 -11.50 -13.79
N ALA D 1102 40.58 -11.46 -12.52
CA ALA D 1102 39.15 -11.30 -12.20
C ALA D 1102 38.61 -9.95 -12.61
N ARG D 1103 39.46 -8.94 -12.76
CA ARG D 1103 39.00 -7.62 -13.16
C ARG D 1103 38.84 -7.47 -14.67
N ASP D 1104 39.43 -8.34 -15.46
CA ASP D 1104 39.44 -8.17 -16.91
C ASP D 1104 38.05 -8.45 -17.47
N PRO D 1105 37.41 -7.49 -18.17
CA PRO D 1105 36.11 -7.81 -18.78
C PRO D 1105 36.18 -8.91 -19.81
N GLU D 1106 37.33 -9.13 -20.44
CA GLU D 1106 37.45 -10.11 -21.51
C GLU D 1106 37.79 -11.51 -21.00
N ASN D 1107 37.93 -11.69 -19.70
CA ASN D 1107 38.15 -12.99 -19.09
C ASN D 1107 36.86 -13.42 -18.41
N ALA D 1108 36.42 -14.64 -18.70
CA ALA D 1108 35.12 -15.11 -18.22
C ALA D 1108 35.08 -15.29 -16.70
N PHE D 1109 36.22 -15.26 -16.02
CA PHE D 1109 36.26 -15.60 -14.59
C PHE D 1109 35.39 -14.67 -13.76
N GLY D 1110 35.30 -13.39 -14.12
CA GLY D 1110 34.37 -12.51 -13.43
C GLY D 1110 32.93 -12.99 -13.55
N GLN D 1111 32.53 -13.39 -14.76
CA GLN D 1111 31.19 -13.91 -14.93
C GLN D 1111 31.01 -15.23 -14.21
N GLU D 1112 32.07 -16.02 -14.07
CA GLU D 1112 31.99 -17.23 -13.27
C GLU D 1112 31.68 -16.90 -11.82
N ILE D 1113 32.31 -15.85 -11.28
CA ILE D 1113 32.03 -15.44 -9.90
C ILE D 1113 30.58 -14.99 -9.76
N VAL D 1114 30.13 -14.14 -10.68
CA VAL D 1114 28.77 -13.64 -10.61
C VAL D 1114 27.76 -14.79 -10.73
N ASP D 1115 28.03 -15.73 -11.64
CA ASP D 1115 27.13 -16.87 -11.78
C ASP D 1115 27.13 -17.75 -10.54
N ALA D 1116 28.29 -17.92 -9.90
CA ALA D 1116 28.33 -18.68 -8.65
C ALA D 1116 27.44 -18.04 -7.60
N MET D 1117 27.52 -16.72 -7.46
CA MET D 1117 26.66 -16.05 -6.48
C MET D 1117 25.19 -16.18 -6.85
N SER D 1118 24.88 -16.09 -8.15
CA SER D 1118 23.49 -16.24 -8.56
C SER D 1118 22.97 -17.65 -8.33
N VAL D 1119 23.81 -18.67 -8.53
CA VAL D 1119 23.41 -20.05 -8.27
C VAL D 1119 23.16 -20.24 -6.80
N ILE D 1120 24.01 -19.70 -5.93
CA ILE D 1120 23.76 -19.80 -4.49
C ILE D 1120 22.42 -19.14 -4.15
N ARG D 1121 22.16 -17.97 -4.74
CA ARG D 1121 20.94 -17.25 -4.42
C ARG D 1121 19.70 -18.04 -4.87
N THR D 1122 19.77 -18.69 -6.03
CA THR D 1122 18.62 -19.41 -6.56
C THR D 1122 18.45 -20.80 -5.95
N MET D 1123 19.52 -21.40 -5.46
CA MET D 1123 19.42 -22.73 -4.88
C MET D 1123 19.04 -22.68 -3.41
N THR D 1124 19.66 -21.78 -2.63
CA THR D 1124 19.57 -21.89 -1.17
C THR D 1124 18.18 -21.73 -0.55
N PRO D 1125 17.19 -21.04 -1.16
CA PRO D 1125 15.87 -21.04 -0.53
C PRO D 1125 15.09 -22.34 -0.67
N THR D 1126 15.54 -23.26 -1.52
CA THR D 1126 14.93 -24.59 -1.63
C THR D 1126 15.85 -25.72 -1.21
N LEU D 1127 17.14 -25.46 -1.01
CA LEU D 1127 18.09 -26.50 -0.65
C LEU D 1127 17.67 -27.17 0.65
N HIS D 1128 17.84 -28.50 0.69
CA HIS D 1128 17.37 -29.28 1.83
C HIS D 1128 18.10 -28.85 3.10
N PRO D 1129 17.45 -28.85 4.27
CA PRO D 1129 18.11 -28.33 5.47
C PRO D 1129 19.41 -29.02 5.85
N ALA D 1130 19.63 -30.26 5.43
CA ALA D 1130 20.90 -30.92 5.72
C ALA D 1130 22.07 -30.29 4.99
N LEU D 1131 21.83 -29.46 3.99
CA LEU D 1131 22.87 -28.81 3.21
C LEU D 1131 23.11 -27.36 3.60
N HIS D 1132 22.39 -26.84 4.61
CA HIS D 1132 22.70 -25.51 5.11
C HIS D 1132 24.11 -25.36 5.69
N PRO D 1133 24.74 -26.36 6.31
CA PRO D 1133 26.16 -26.16 6.67
C PRO D 1133 27.06 -25.87 5.48
N PHE D 1134 26.74 -26.38 4.28
CA PHE D 1134 27.50 -26.00 3.10
C PHE D 1134 27.34 -24.52 2.78
N VAL D 1135 26.11 -24.00 2.85
CA VAL D 1135 25.92 -22.58 2.57
C VAL D 1135 26.63 -21.74 3.62
N MET D 1136 26.54 -22.14 4.89
CA MET D 1136 27.26 -21.39 5.92
C MET D 1136 28.77 -21.48 5.73
N GLN D 1137 29.25 -22.58 5.15
CA GLN D 1137 30.65 -22.66 4.77
C GLN D 1137 30.99 -21.74 3.61
N GLN D 1138 30.01 -21.39 2.78
CA GLN D 1138 30.23 -20.40 1.73
C GLN D 1138 30.13 -18.97 2.23
N VAL D 1139 29.44 -18.74 3.35
CA VAL D 1139 29.26 -17.35 3.82
C VAL D 1139 30.54 -16.62 4.07
N PRO D 1140 31.59 -17.21 4.67
CA PRO D 1140 32.84 -16.45 4.86
C PRO D 1140 33.43 -15.91 3.57
N LEU D 1141 33.27 -16.61 2.45
CA LEU D 1141 33.76 -16.11 1.18
C LEU D 1141 32.87 -15.01 0.62
N VAL D 1142 31.55 -15.14 0.80
CA VAL D 1142 30.65 -14.10 0.29
C VAL D 1142 30.86 -12.80 1.05
N ILE D 1143 31.03 -12.86 2.37
CA ILE D 1143 31.21 -11.61 3.11
C ILE D 1143 32.53 -10.95 2.77
N LYS D 1144 33.52 -11.71 2.29
CA LYS D 1144 34.75 -11.10 1.81
C LYS D 1144 34.56 -10.52 0.41
N ALA D 1145 33.74 -11.16 -0.42
CA ALA D 1145 33.40 -10.59 -1.71
C ALA D 1145 32.59 -9.31 -1.54
N LEU D 1146 31.86 -9.19 -0.42
CA LEU D 1146 31.11 -7.97 -0.15
C LEU D 1146 32.03 -6.77 0.04
N ARG D 1147 33.20 -6.99 0.62
CA ARG D 1147 34.19 -5.94 0.77
C ARG D 1147 35.01 -5.71 -0.49
N SER D 1148 34.68 -6.39 -1.59
CA SER D 1148 35.48 -6.28 -2.80
C SER D 1148 35.32 -4.91 -3.44
N ASP D 1149 36.31 -4.56 -4.25
CA ASP D 1149 36.35 -3.23 -4.85
C ASP D 1149 35.34 -3.07 -5.98
N LEU D 1150 35.15 -4.11 -6.80
CA LEU D 1150 34.30 -4.01 -7.97
C LEU D 1150 32.84 -3.93 -7.56
N SER D 1151 32.11 -3.01 -8.18
CA SER D 1151 30.72 -2.78 -7.80
C SER D 1151 29.85 -4.02 -8.03
N VAL D 1152 30.06 -4.71 -9.16
CA VAL D 1152 29.15 -5.82 -9.49
C VAL D 1152 29.31 -6.97 -8.51
N PHE D 1153 30.53 -7.27 -8.06
CA PHE D 1153 30.70 -8.31 -7.06
C PHE D 1153 30.00 -7.92 -5.77
N ARG D 1154 30.15 -6.67 -5.36
CA ARG D 1154 29.49 -6.19 -4.15
C ARG D 1154 27.98 -6.32 -4.25
N TYR D 1155 27.41 -5.93 -5.39
CA TYR D 1155 25.96 -6.01 -5.57
C TYR D 1155 25.46 -7.45 -5.50
N MET D 1156 26.14 -8.35 -6.22
CA MET D 1156 25.71 -9.74 -6.19
C MET D 1156 25.89 -10.35 -4.81
N ALA D 1157 26.99 -10.04 -4.13
CA ALA D 1157 27.20 -10.55 -2.79
C ALA D 1157 26.15 -10.03 -1.84
N ALA D 1158 25.71 -8.79 -2.02
CA ALA D 1158 24.68 -8.24 -1.16
C ALA D 1158 23.39 -9.00 -1.33
N LYS D 1159 22.98 -9.24 -2.58
CA LYS D 1159 21.75 -10.02 -2.79
C LYS D 1159 21.90 -11.44 -2.26
N CYS D 1160 23.07 -12.05 -2.44
CA CYS D 1160 23.28 -13.41 -1.99
C CYS D 1160 23.18 -13.53 -0.47
N MET D 1161 23.80 -12.59 0.27
CA MET D 1161 23.67 -12.59 1.72
C MET D 1161 22.28 -12.21 2.18
N ALA D 1162 21.56 -11.39 1.42
CA ALA D 1162 20.17 -11.14 1.74
C ALA D 1162 19.37 -12.44 1.72
N THR D 1163 19.55 -13.26 0.68
CA THR D 1163 18.80 -14.51 0.61
C THR D 1163 19.28 -15.52 1.65
N ILE D 1164 20.60 -15.64 1.83
CA ILE D 1164 21.14 -16.61 2.79
C ILE D 1164 20.64 -16.28 4.19
N CYS D 1165 20.72 -15.02 4.61
CA CYS D 1165 20.18 -14.66 5.91
C CYS D 1165 18.67 -14.82 5.94
N SER D 1166 17.98 -14.58 4.82
CA SER D 1166 16.54 -14.74 4.80
C SER D 1166 16.12 -16.17 5.06
N VAL D 1167 16.94 -17.15 4.68
CA VAL D 1167 16.58 -18.55 4.86
C VAL D 1167 17.43 -19.26 5.91
N ILE D 1168 18.51 -18.64 6.38
CA ILE D 1168 19.21 -19.10 7.57
C ILE D 1168 19.31 -17.92 8.53
N THR D 1169 18.33 -17.78 9.42
CA THR D 1169 18.31 -16.60 10.27
C THR D 1169 19.18 -16.78 11.51
N VAL D 1170 19.20 -17.98 12.08
CA VAL D 1170 19.94 -18.18 13.33
C VAL D 1170 21.43 -18.10 13.10
N ASP D 1171 21.91 -18.59 11.96
CA ASP D 1171 23.33 -18.74 11.67
C ASP D 1171 23.85 -17.63 10.77
N GLY D 1172 23.07 -17.23 9.76
CA GLY D 1172 23.49 -16.12 8.93
C GLY D 1172 23.60 -14.82 9.70
N MET D 1173 22.59 -14.50 10.50
CA MET D 1173 22.53 -13.18 11.14
C MET D 1173 23.64 -13.00 12.16
N THR D 1174 24.04 -14.07 12.85
CA THR D 1174 25.17 -13.92 13.76
C THR D 1174 26.44 -13.60 12.99
N ALA D 1175 26.64 -14.22 11.83
CA ALA D 1175 27.81 -13.90 11.01
C ALA D 1175 27.75 -12.46 10.53
N LEU D 1176 26.57 -12.03 10.08
CA LEU D 1176 26.42 -10.66 9.57
C LEU D 1176 26.70 -9.64 10.66
N VAL D 1177 26.13 -9.84 11.85
CA VAL D 1177 26.32 -8.87 12.92
C VAL D 1177 27.73 -8.91 13.47
N GLU D 1178 28.36 -10.09 13.49
CA GLU D 1178 29.71 -10.17 14.06
C GLU D 1178 30.78 -9.65 13.12
N LYS D 1179 30.62 -9.83 11.80
CA LYS D 1179 31.72 -9.63 10.87
C LYS D 1179 31.42 -8.70 9.70
N VAL D 1180 30.27 -8.04 9.67
CA VAL D 1180 29.97 -7.03 8.66
C VAL D 1180 29.66 -5.69 9.31
N LEU D 1181 28.64 -5.65 10.16
CA LEU D 1181 28.20 -4.39 10.77
C LEU D 1181 29.29 -3.62 11.52
N PRO D 1182 30.16 -4.24 12.35
CA PRO D 1182 31.18 -3.44 13.02
C PRO D 1182 32.18 -2.77 12.10
N SER D 1183 32.28 -3.19 10.84
CA SER D 1183 33.12 -2.50 9.87
C SER D 1183 32.45 -1.28 9.26
N ILE D 1184 31.14 -1.12 9.47
CA ILE D 1184 30.39 -0.09 8.77
C ILE D 1184 30.79 1.31 9.21
N ASN D 1185 31.33 1.46 10.42
CA ASN D 1185 31.81 2.75 10.89
C ASN D 1185 33.16 3.13 10.31
N ASN D 1186 33.83 2.23 9.60
CA ASN D 1186 35.23 2.42 9.22
C ASN D 1186 35.38 3.59 8.24
N PRO D 1187 36.15 4.62 8.55
CA PRO D 1187 36.33 5.72 7.58
C PRO D 1187 37.39 5.45 6.52
N LEU D 1188 38.28 4.48 6.74
CA LEU D 1188 39.47 4.34 5.90
C LEU D 1188 39.16 3.82 4.50
N ASP D 1189 38.08 3.06 4.33
CA ASP D 1189 37.84 2.37 3.06
C ASP D 1189 36.35 2.38 2.75
N LEU D 1190 35.97 3.08 1.69
CA LEU D 1190 34.58 3.27 1.32
C LEU D 1190 33.87 1.98 0.93
N SER D 1191 34.59 0.99 0.42
CA SER D 1191 33.94 -0.22 -0.06
C SER D 1191 33.24 -0.96 1.07
N PHE D 1192 33.82 -0.93 2.27
CA PHE D 1192 33.23 -1.62 3.41
C PHE D 1192 31.84 -1.06 3.70
N ARG D 1193 31.75 0.27 3.85
CA ARG D 1193 30.47 0.88 4.17
C ARG D 1193 29.48 0.68 3.04
N GLN D 1194 29.92 0.81 1.79
CA GLN D 1194 28.99 0.64 0.68
C GLN D 1194 28.43 -0.78 0.65
N GLY D 1195 29.28 -1.77 0.86
CA GLY D 1195 28.81 -3.15 0.87
C GLY D 1195 27.84 -3.39 2.00
N ALA D 1196 28.18 -2.92 3.20
CA ALA D 1196 27.33 -3.17 4.35
C ALA D 1196 25.95 -2.55 4.16
N ILE D 1197 25.90 -1.31 3.67
CA ILE D 1197 24.61 -0.65 3.48
C ILE D 1197 23.81 -1.32 2.38
N GLU D 1198 24.47 -1.83 1.35
CA GLU D 1198 23.74 -2.58 0.34
C GLU D 1198 23.15 -3.86 0.92
N VAL D 1199 23.90 -4.55 1.79
CA VAL D 1199 23.37 -5.73 2.45
C VAL D 1199 22.12 -5.37 3.25
N ILE D 1200 22.20 -4.30 4.04
CA ILE D 1200 21.05 -3.93 4.86
C ILE D 1200 19.87 -3.57 3.98
N TYR D 1201 20.11 -2.90 2.86
CA TYR D 1201 19.01 -2.54 1.97
C TYR D 1201 18.30 -3.78 1.44
N HIS D 1202 19.06 -4.71 0.87
CA HIS D 1202 18.44 -5.90 0.29
C HIS D 1202 17.87 -6.80 1.37
N LEU D 1203 18.47 -6.78 2.56
CA LEU D 1203 17.98 -7.59 3.67
C LEU D 1203 16.63 -7.09 4.15
N ILE D 1204 16.50 -5.77 4.33
CA ILE D 1204 15.20 -5.19 4.67
C ILE D 1204 14.19 -5.47 3.57
N ALA D 1205 14.64 -5.46 2.31
CA ALA D 1205 13.72 -5.71 1.21
C ALA D 1205 13.20 -7.14 1.22
N VAL D 1206 14.06 -8.12 1.47
CA VAL D 1206 13.68 -9.51 1.30
C VAL D 1206 13.02 -10.07 2.55
N MET D 1207 13.55 -9.78 3.74
CA MET D 1207 13.02 -10.42 4.94
C MET D 1207 11.67 -9.89 5.34
N GLY D 1208 11.35 -8.66 5.02
CA GLY D 1208 10.07 -8.08 5.41
C GLY D 1208 9.91 -7.99 6.91
N ASP D 1209 9.00 -8.80 7.46
CA ASP D 1209 8.69 -8.78 8.88
C ASP D 1209 9.51 -9.76 9.71
N ALA D 1210 10.31 -10.63 9.08
CA ALA D 1210 11.13 -11.56 9.84
C ALA D 1210 12.30 -10.88 10.54
N ILE D 1211 12.65 -9.65 10.18
CA ILE D 1211 13.77 -8.96 10.81
C ILE D 1211 13.50 -8.53 12.25
N LEU D 1212 12.26 -8.68 12.72
CA LEU D 1212 11.85 -8.05 13.97
C LEU D 1212 12.76 -8.32 15.15
N PRO D 1213 13.29 -9.52 15.37
CA PRO D 1213 14.27 -9.69 16.44
C PRO D 1213 15.55 -8.88 16.25
N TYR D 1214 15.92 -8.52 15.01
CA TYR D 1214 17.24 -7.98 14.70
C TYR D 1214 17.24 -6.51 14.33
N VAL D 1215 16.09 -5.84 14.39
CA VAL D 1215 16.07 -4.44 14.02
C VAL D 1215 16.89 -3.58 14.97
N ILE D 1216 17.09 -4.02 16.22
CA ILE D 1216 17.98 -3.25 17.09
C ILE D 1216 19.43 -3.35 16.61
N PHE D 1217 19.85 -4.54 16.16
CA PHE D 1217 21.18 -4.64 15.57
C PHE D 1217 21.27 -3.79 14.32
N LEU D 1218 20.21 -3.72 13.54
CA LEU D 1218 20.30 -3.02 12.26
C LEU D 1218 20.20 -1.50 12.42
N ILE D 1219 19.40 -1.02 13.39
CA ILE D 1219 18.98 0.38 13.38
C ILE D 1219 20.12 1.31 13.72
N VAL D 1220 20.92 0.99 14.74
CA VAL D 1220 21.93 1.93 15.20
C VAL D 1220 23.05 2.08 14.17
N PRO D 1221 23.58 1.01 13.57
CA PRO D 1221 24.56 1.20 12.50
C PRO D 1221 23.96 1.71 11.20
N VAL D 1222 22.63 1.75 11.08
CA VAL D 1222 22.00 2.44 9.96
C VAL D 1222 21.84 3.92 10.28
N LEU D 1223 21.37 4.23 11.49
CA LEU D 1223 21.26 5.62 11.91
C LEU D 1223 22.61 6.31 11.85
N GLY D 1224 23.68 5.59 12.20
CA GLY D 1224 25.00 6.18 12.14
C GLY D 1224 25.45 6.58 10.75
N ARG D 1225 24.83 6.03 9.71
CA ARG D 1225 25.29 6.24 8.34
C ARG D 1225 24.39 7.17 7.53
N MET D 1226 23.36 7.76 8.14
CA MET D 1226 22.60 8.78 7.44
C MET D 1226 23.38 10.07 7.24
N SER D 1227 24.49 10.26 7.97
CA SER D 1227 25.35 11.42 7.82
C SER D 1227 26.66 11.07 7.11
N ASP D 1228 26.67 10.02 6.31
CA ASP D 1228 27.89 9.60 5.65
C ASP D 1228 28.25 10.56 4.52
N SER D 1229 29.54 10.54 4.15
CA SER D 1229 30.05 11.42 3.11
C SER D 1229 29.58 11.01 1.72
N ASP D 1230 29.56 9.71 1.44
CA ASP D 1230 29.14 9.25 0.12
C ASP D 1230 27.64 9.49 -0.04
N ASN D 1231 27.25 10.02 -1.19
CA ASN D 1231 25.86 10.40 -1.37
C ASN D 1231 24.94 9.18 -1.44
N GLN D 1232 25.34 8.14 -2.18
CA GLN D 1232 24.46 6.98 -2.32
C GLN D 1232 24.24 6.29 -0.98
N ILE D 1233 25.26 6.28 -0.13
CA ILE D 1233 25.08 5.73 1.22
C ILE D 1233 24.01 6.52 1.96
N ARG D 1234 24.04 7.84 1.84
CA ARG D 1234 23.00 8.64 2.49
C ARG D 1234 21.62 8.30 1.96
N LEU D 1235 21.49 8.17 0.63
CA LEU D 1235 20.19 7.84 0.06
C LEU D 1235 19.66 6.52 0.60
N ILE D 1236 20.46 5.47 0.54
CA ILE D 1236 19.99 4.17 0.98
C ILE D 1236 19.79 4.13 2.48
N ALA D 1237 20.66 4.79 3.24
CA ALA D 1237 20.50 4.79 4.69
C ALA D 1237 19.20 5.47 5.09
N THR D 1238 18.86 6.60 4.47
CA THR D 1238 17.60 7.25 4.81
C THR D 1238 16.42 6.39 4.40
N THR D 1239 16.51 5.76 3.22
CA THR D 1239 15.41 4.90 2.77
C THR D 1239 15.20 3.73 3.74
N SER D 1240 16.30 3.09 4.17
CA SER D 1240 16.19 1.98 5.10
C SER D 1240 15.65 2.44 6.45
N PHE D 1241 16.16 3.56 6.96
CA PHE D 1241 15.74 4.01 8.28
C PHE D 1241 14.26 4.36 8.29
N ALA D 1242 13.75 4.96 7.22
CA ALA D 1242 12.34 5.32 7.18
C ALA D 1242 11.43 4.11 7.30
N THR D 1243 11.85 2.94 6.80
CA THR D 1243 11.06 1.72 6.86
C THR D 1243 11.51 0.75 7.95
N LEU D 1244 12.53 1.12 8.72
CA LEU D 1244 13.04 0.28 9.80
C LEU D 1244 12.76 0.84 11.17
N VAL D 1245 12.63 2.17 11.31
CA VAL D 1245 12.22 2.73 12.59
C VAL D 1245 10.79 2.34 12.94
N LYS D 1246 9.96 2.11 11.92
CA LYS D 1246 8.56 1.76 12.17
C LYS D 1246 8.42 0.49 13.00
N LEU D 1247 9.37 -0.43 12.89
CA LEU D 1247 9.28 -1.70 13.61
C LEU D 1247 9.90 -1.63 15.01
N VAL D 1248 10.69 -0.61 15.31
CA VAL D 1248 11.29 -0.44 16.62
C VAL D 1248 10.28 -0.43 17.77
N PRO D 1249 9.14 0.29 17.68
CA PRO D 1249 8.26 0.35 18.87
C PRO D 1249 7.79 -0.98 19.40
N LEU D 1250 7.59 -1.98 18.53
CA LEU D 1250 7.16 -3.31 18.96
C LEU D 1250 8.29 -4.32 18.94
N GLU D 1251 9.53 -3.85 19.02
CA GLU D 1251 10.66 -4.77 19.12
C GLU D 1251 10.82 -5.30 20.54
N ALA D 1252 10.67 -4.41 21.54
CA ALA D 1252 11.17 -4.69 22.88
C ALA D 1252 10.58 -5.95 23.49
N GLY D 1253 9.36 -6.31 23.11
CA GLY D 1253 8.73 -7.50 23.63
C GLY D 1253 9.07 -8.78 22.92
N ILE D 1254 9.80 -8.73 21.82
CA ILE D 1254 10.09 -9.94 21.04
C ILE D 1254 11.01 -10.84 21.86
N PRO D 1255 10.72 -12.13 22.02
CA PRO D 1255 11.68 -13.00 22.72
C PRO D 1255 12.96 -13.13 21.92
N ASP D 1256 14.04 -13.48 22.63
CA ASP D 1256 15.36 -13.48 22.02
C ASP D 1256 15.39 -14.45 20.84
N PRO D 1257 16.13 -14.14 19.77
CA PRO D 1257 16.31 -15.14 18.70
C PRO D 1257 16.97 -16.39 19.24
N PRO D 1258 16.41 -17.59 18.99
CA PRO D 1258 16.83 -18.76 19.80
C PRO D 1258 18.30 -19.09 19.75
N GLY D 1259 18.91 -19.09 18.56
CA GLY D 1259 20.27 -19.53 18.41
C GLY D 1259 21.35 -18.48 18.57
N LEU D 1260 20.99 -17.23 18.84
CA LEU D 1260 21.95 -16.14 18.73
C LEU D 1260 22.97 -16.20 19.88
N SER D 1261 24.20 -15.83 19.56
CA SER D 1261 25.30 -15.92 20.51
C SER D 1261 25.05 -15.05 21.73
N GLU D 1262 25.75 -15.38 22.82
CA GLU D 1262 25.56 -14.68 24.08
C GLU D 1262 26.03 -13.23 24.00
N GLU D 1263 27.19 -12.99 23.39
CA GLU D 1263 27.72 -11.63 23.34
C GLU D 1263 26.79 -10.70 22.58
N LEU D 1264 26.17 -11.19 21.51
CA LEU D 1264 25.31 -10.35 20.70
C LEU D 1264 24.07 -9.90 21.46
N LEU D 1265 23.54 -10.73 22.36
CA LEU D 1265 22.41 -10.31 23.18
C LEU D 1265 22.80 -9.16 24.10
N LYS D 1266 23.99 -9.23 24.69
CA LYS D 1266 24.47 -8.13 25.51
C LYS D 1266 24.64 -6.87 24.69
N GLY D 1267 25.13 -7.02 23.45
CA GLY D 1267 25.23 -5.87 22.56
C GLY D 1267 23.88 -5.28 22.23
N ARG D 1268 22.87 -6.14 22.03
CA ARG D 1268 21.51 -5.67 21.80
C ARG D 1268 21.04 -4.85 22.99
N ASP D 1269 21.11 -5.43 24.18
CA ASP D 1269 20.66 -4.76 25.39
C ASP D 1269 21.41 -3.45 25.62
N ARG D 1270 22.64 -3.36 25.15
CA ARG D 1270 23.43 -2.14 25.33
C ARG D 1270 22.81 -0.93 24.63
N GLU D 1271 22.08 -1.13 23.52
CA GLU D 1271 21.60 -0.03 22.69
C GLU D 1271 20.12 -0.04 22.43
N ARG D 1272 19.41 -1.10 22.83
CA ARG D 1272 17.95 -1.02 22.92
C ARG D 1272 17.54 0.17 23.78
N THR D 1273 18.24 0.37 24.90
CA THR D 1273 18.01 1.55 25.73
C THR D 1273 18.28 2.83 24.96
N PHE D 1274 19.34 2.86 24.15
CA PHE D 1274 19.64 4.07 23.40
C PHE D 1274 18.51 4.43 22.44
N ILE D 1275 18.06 3.46 21.66
CA ILE D 1275 17.02 3.79 20.69
C ILE D 1275 15.72 4.14 21.39
N ALA D 1276 15.42 3.46 22.52
CA ALA D 1276 14.20 3.79 23.25
C ALA D 1276 14.26 5.19 23.83
N GLN D 1277 15.44 5.63 24.27
CA GLN D 1277 15.58 7.01 24.72
C GLN D 1277 15.46 7.98 23.57
N LEU D 1278 16.06 7.64 22.42
CA LEU D 1278 16.07 8.56 21.29
C LEU D 1278 14.67 8.86 20.80
N LEU D 1279 13.82 7.83 20.70
CA LEU D 1279 12.50 8.07 20.11
C LEU D 1279 11.59 8.85 21.06
N ASP D 1280 11.70 8.65 22.38
CA ASP D 1280 10.82 9.24 23.38
C ASP D 1280 11.65 9.89 24.47
N PRO D 1281 11.99 11.19 24.35
CA PRO D 1281 13.01 11.76 25.22
C PRO D 1281 12.66 11.77 26.71
N LYS D 1282 11.39 11.63 27.08
CA LYS D 1282 11.05 11.65 28.50
C LYS D 1282 11.65 10.48 29.26
N LYS D 1283 12.09 9.43 28.57
CA LYS D 1283 12.70 8.29 29.23
C LYS D 1283 14.17 8.51 29.56
N ILE D 1284 14.75 9.65 29.18
CA ILE D 1284 16.20 9.85 29.30
C ILE D 1284 16.64 9.79 30.75
N GLU D 1285 17.79 9.17 30.99
CA GLU D 1285 18.28 8.98 32.34
C GLU D 1285 18.77 10.30 32.92
N PRO D 1286 18.66 10.51 34.23
CA PRO D 1286 19.25 11.71 34.84
C PRO D 1286 20.77 11.72 34.71
N PHE D 1287 21.32 12.92 34.53
CA PHE D 1287 22.77 13.15 34.42
C PHE D 1287 23.22 14.02 35.59
N LYS D 1288 24.02 13.44 36.48
CA LYS D 1288 24.50 14.14 37.67
C LYS D 1288 25.67 15.03 37.26
N ILE D 1289 25.44 16.34 37.23
CA ILE D 1289 26.45 17.30 36.79
C ILE D 1289 27.63 17.24 37.77
N PRO D 1290 28.85 16.88 37.34
CA PRO D 1290 29.91 16.70 38.32
C PRO D 1290 30.45 18.00 38.92
N VAL D 1291 30.61 19.02 38.09
CA VAL D 1291 31.24 20.26 38.54
C VAL D 1291 30.28 21.04 39.42
N ALA D 1292 30.86 21.92 40.24
CA ALA D 1292 30.09 22.73 41.19
C ALA D 1292 29.56 23.99 40.50
N ILE D 1293 28.49 23.80 39.72
CA ILE D 1293 27.81 24.93 39.10
C ILE D 1293 27.27 25.83 40.20
N LYS D 1294 27.46 27.14 40.04
CA LYS D 1294 27.16 28.10 41.10
C LYS D 1294 25.70 28.48 41.18
N ALA D 1295 24.79 27.76 40.52
CA ALA D 1295 23.36 28.03 40.63
C ALA D 1295 22.60 26.74 40.42
N GLU D 1296 21.51 26.57 41.16
CA GLU D 1296 20.72 25.35 41.07
C GLU D 1296 19.76 25.42 39.89
N LEU D 1297 19.70 24.33 39.15
CA LEU D 1297 18.84 24.26 37.97
C LEU D 1297 17.40 24.00 38.37
N ARG D 1298 16.48 24.67 37.69
CA ARG D 1298 15.06 24.33 37.80
C ARG D 1298 14.82 22.93 37.22
N SER D 1299 13.61 22.42 37.45
CA SER D 1299 13.27 21.05 37.03
C SER D 1299 13.49 20.86 35.53
N TYR D 1300 12.76 21.63 34.72
CA TYR D 1300 12.88 21.46 33.27
C TYR D 1300 14.29 21.72 32.79
N GLN D 1301 15.03 22.60 33.47
CA GLN D 1301 16.42 22.80 33.10
C GLN D 1301 17.24 21.54 33.37
N GLN D 1302 17.01 20.89 34.51
CA GLN D 1302 17.74 19.65 34.78
C GLN D 1302 17.40 18.60 33.73
N GLU D 1303 16.13 18.52 33.32
CA GLU D 1303 15.76 17.55 32.29
C GLU D 1303 16.38 17.89 30.93
N GLY D 1304 16.43 19.18 30.59
CA GLY D 1304 17.08 19.56 29.34
C GLY D 1304 18.56 19.27 29.36
N VAL D 1305 19.19 19.42 30.53
CA VAL D 1305 20.60 19.05 30.63
C VAL D 1305 20.77 17.55 30.52
N ASN D 1306 19.82 16.76 31.04
CA ASN D 1306 19.86 15.33 30.81
C ASN D 1306 19.82 15.01 29.32
N TRP D 1307 18.98 15.75 28.59
CA TRP D 1307 18.90 15.57 27.14
C TRP D 1307 20.22 15.92 26.46
N LEU D 1308 20.82 17.06 26.82
CA LEU D 1308 22.08 17.46 26.22
C LEU D 1308 23.18 16.46 26.53
N ALA D 1309 23.21 15.95 27.75
CA ALA D 1309 24.21 14.93 28.08
C ALA D 1309 23.93 13.64 27.33
N PHE D 1310 22.68 13.31 27.09
CA PHE D 1310 22.36 12.14 26.27
C PHE D 1310 22.93 12.29 24.87
N LEU D 1311 22.72 13.45 24.24
CA LEU D 1311 23.29 13.66 22.92
C LEU D 1311 24.81 13.59 22.96
N ASN D 1312 25.43 14.19 23.97
CA ASN D 1312 26.88 14.17 24.07
C ASN D 1312 27.43 12.76 24.22
N LYS D 1313 26.65 11.85 24.78
CA LYS D 1313 27.17 10.51 25.08
C LYS D 1313 27.16 9.61 23.87
N TYR D 1314 26.22 9.82 22.94
CA TYR D 1314 26.12 9.01 21.73
C TYR D 1314 26.56 9.75 20.48
N HIS D 1315 27.22 10.91 20.64
CA HIS D 1315 27.77 11.67 19.52
C HIS D 1315 26.72 12.06 18.49
N LEU D 1316 25.50 12.33 18.95
CA LEU D 1316 24.54 13.06 18.16
C LEU D 1316 24.69 14.56 18.43
N HIS D 1317 24.05 15.36 17.58
CA HIS D 1317 24.06 16.82 17.70
C HIS D 1317 22.65 17.33 17.43
N GLY D 1318 22.21 18.33 18.22
CA GLY D 1318 20.82 18.74 18.22
C GLY D 1318 20.66 20.24 18.37
N ILE D 1319 19.40 20.66 18.42
CA ILE D 1319 19.01 22.07 18.52
C ILE D 1319 18.30 22.24 19.86
N LEU D 1320 18.89 23.04 20.76
CA LEU D 1320 18.23 23.38 22.02
C LEU D 1320 17.29 24.55 21.76
N CYS D 1321 16.12 24.22 21.21
CA CYS D 1321 15.17 25.20 20.72
C CYS D 1321 14.22 25.72 21.80
N ASP D 1322 14.62 25.69 23.07
CA ASP D 1322 13.76 26.16 24.15
C ASP D 1322 13.28 27.58 23.91
N ASP D 1323 12.05 27.86 24.32
CA ASP D 1323 11.45 29.15 24.08
C ASP D 1323 12.27 30.25 24.75
N MET D 1324 12.10 31.47 24.24
CA MET D 1324 12.95 32.59 24.60
C MET D 1324 12.84 32.89 26.08
N GLY D 1325 13.97 32.88 26.77
CA GLY D 1325 14.04 33.31 28.15
C GLY D 1325 13.92 32.20 29.18
N LEU D 1326 13.85 30.94 28.77
CA LEU D 1326 13.81 29.87 29.75
C LEU D 1326 15.15 29.62 30.42
N GLY D 1327 16.23 30.22 29.93
CA GLY D 1327 17.54 30.04 30.53
C GLY D 1327 18.42 29.03 29.82
N LYS D 1328 18.47 29.10 28.49
CA LYS D 1328 19.33 28.20 27.73
C LYS D 1328 20.81 28.40 28.05
N THR D 1329 21.20 29.59 28.50
CA THR D 1329 22.61 29.84 28.77
C THR D 1329 23.12 28.95 29.89
N LEU D 1330 22.34 28.82 30.97
CA LEU D 1330 22.82 27.99 32.07
C LEU D 1330 22.89 26.53 31.67
N GLN D 1331 21.90 26.03 30.92
CA GLN D 1331 21.96 24.65 30.45
C GLN D 1331 23.22 24.42 29.63
N THR D 1332 23.50 25.33 28.69
CA THR D 1332 24.65 25.18 27.82
C THR D 1332 25.95 25.24 28.60
N ILE D 1333 26.05 26.18 29.54
CA ILE D 1333 27.29 26.33 30.29
C ILE D 1333 27.54 25.11 31.15
N CYS D 1334 26.49 24.59 31.79
CA CYS D 1334 26.73 23.45 32.66
C CYS D 1334 27.09 22.21 31.86
N ILE D 1335 26.46 21.99 30.71
CA ILE D 1335 26.85 20.82 29.90
C ILE D 1335 28.26 20.99 29.37
N VAL D 1336 28.63 22.19 28.92
CA VAL D 1336 29.98 22.40 28.40
C VAL D 1336 31.02 22.17 29.50
N ALA D 1337 30.78 22.73 30.69
CA ALA D 1337 31.72 22.55 31.79
C ALA D 1337 31.83 21.08 32.18
N SER D 1338 30.69 20.38 32.24
CA SER D 1338 30.74 18.97 32.60
C SER D 1338 31.48 18.16 31.56
N ASP D 1339 31.31 18.49 30.28
CA ASP D 1339 32.02 17.77 29.24
C ASP D 1339 33.52 18.01 29.35
N HIS D 1340 33.94 19.25 29.58
CA HIS D 1340 35.37 19.52 29.75
C HIS D 1340 35.92 18.74 30.93
N HIS D 1341 35.18 18.72 32.04
CA HIS D 1341 35.62 18.00 33.22
C HIS D 1341 35.79 16.51 32.92
N GLN D 1342 34.79 15.91 32.27
CA GLN D 1342 34.84 14.48 31.99
C GLN D 1342 35.97 14.13 31.05
N ARG D 1343 36.15 14.91 29.98
CA ARG D 1343 37.19 14.53 29.03
C ARG D 1343 38.58 14.78 29.60
N ALA D 1344 38.75 15.80 30.44
CA ALA D 1344 40.03 15.96 31.13
C ALA D 1344 40.31 14.77 32.04
N GLU D 1345 39.29 14.32 32.78
CA GLU D 1345 39.47 13.14 33.63
C GLU D 1345 39.86 11.94 32.80
N GLU D 1346 39.17 11.71 31.69
CA GLU D 1346 39.46 10.54 30.87
C GLU D 1346 40.84 10.62 30.26
N PHE D 1347 41.27 11.81 29.83
CA PHE D 1347 42.60 11.92 29.24
C PHE D 1347 43.67 11.63 30.28
N ALA D 1348 43.48 12.12 31.50
CA ALA D 1348 44.42 11.74 32.57
C ALA D 1348 44.37 10.24 32.81
N ARG D 1349 43.19 9.64 32.69
CA ARG D 1349 43.04 8.23 33.04
C ARG D 1349 43.64 7.30 31.99
N THR D 1350 43.57 7.67 30.71
CA THR D 1350 43.88 6.73 29.62
C THR D 1350 44.86 7.25 28.58
N GLY D 1351 45.04 8.56 28.43
CA GLY D 1351 45.91 9.07 27.40
C GLY D 1351 45.38 8.93 25.98
N ALA D 1352 44.11 8.59 25.80
CA ALA D 1352 43.53 8.45 24.47
C ALA D 1352 43.49 9.82 23.78
N PRO D 1353 43.99 9.95 22.55
CA PRO D 1353 43.95 11.28 21.90
C PRO D 1353 42.55 11.84 21.71
N GLU D 1354 41.56 11.00 21.45
CA GLU D 1354 40.22 11.51 21.14
C GLU D 1354 39.57 12.22 22.31
N VAL D 1355 40.07 12.06 23.53
CA VAL D 1355 39.54 12.75 24.71
C VAL D 1355 40.47 13.85 25.21
N ARG D 1356 41.52 14.20 24.46
CA ARG D 1356 42.48 15.19 24.93
C ARG D 1356 41.83 16.55 25.11
N LYS D 1357 42.40 17.35 26.00
CA LYS D 1357 41.89 18.68 26.28
C LYS D 1357 41.96 19.56 25.04
N LEU D 1358 40.84 20.23 24.73
CA LEU D 1358 40.75 21.13 23.59
C LEU D 1358 39.83 22.28 23.95
N PRO D 1359 40.02 23.45 23.35
CA PRO D 1359 39.15 24.58 23.69
C PRO D 1359 37.79 24.43 23.03
N SER D 1360 36.77 24.98 23.67
CA SER D 1360 35.43 25.08 23.12
C SER D 1360 35.18 26.48 22.59
N LEU D 1361 34.21 26.60 21.69
CA LEU D 1361 33.90 27.85 21.01
C LEU D 1361 32.42 28.15 21.16
N ILE D 1362 32.10 29.41 21.42
CA ILE D 1362 30.73 29.87 21.57
C ILE D 1362 30.55 31.06 20.65
N ILE D 1363 29.78 30.89 19.58
CA ILE D 1363 29.58 31.92 18.57
C ILE D 1363 28.21 32.56 18.82
N CYS D 1364 28.19 33.88 18.90
CA CYS D 1364 26.96 34.62 19.22
C CYS D 1364 26.96 35.89 18.40
N PRO D 1365 25.81 36.54 18.25
CA PRO D 1365 25.80 37.86 17.61
C PRO D 1365 26.65 38.82 18.39
N PRO D 1366 27.14 39.89 17.77
CA PRO D 1366 28.18 40.72 18.41
C PRO D 1366 27.81 41.29 19.76
N THR D 1367 26.55 41.67 19.95
CA THR D 1367 26.16 42.34 21.18
C THR D 1367 26.13 41.42 22.39
N LEU D 1368 26.15 40.10 22.21
CA LEU D 1368 26.11 39.16 23.32
C LEU D 1368 27.49 38.64 23.73
N SER D 1369 28.57 39.14 23.12
CA SER D 1369 29.90 38.72 23.54
C SER D 1369 30.13 39.04 25.01
N GLY D 1370 29.68 40.23 25.46
CA GLY D 1370 29.78 40.54 26.87
C GLY D 1370 28.84 39.71 27.71
N HIS D 1371 27.64 39.44 27.21
CA HIS D 1371 26.66 38.70 27.97
C HIS D 1371 27.16 37.30 28.31
N TRP D 1372 27.76 36.62 27.31
CA TRP D 1372 28.23 35.26 27.56
C TRP D 1372 29.34 35.24 28.60
N GLN D 1373 30.26 36.21 28.54
CA GLN D 1373 31.31 36.27 29.55
C GLN D 1373 30.72 36.51 30.92
N GLN D 1374 29.73 37.39 31.01
CA GLN D 1374 29.10 37.65 32.31
C GLN D 1374 28.42 36.39 32.85
N GLU D 1375 27.71 35.66 32.00
CA GLU D 1375 27.03 34.46 32.46
C GLU D 1375 28.04 33.40 32.89
N ILE D 1376 29.12 33.24 32.14
CA ILE D 1376 30.16 32.27 32.52
C ILE D 1376 30.75 32.65 33.87
N LYS D 1377 31.13 33.92 34.04
CA LYS D 1377 31.70 34.34 35.31
C LYS D 1377 30.70 34.21 36.45
N THR D 1378 29.41 34.24 36.16
CA THR D 1378 28.44 34.03 37.22
C THR D 1378 28.37 32.57 37.63
N TYR D 1379 28.19 31.67 36.65
CA TYR D 1379 27.85 30.29 36.96
C TYR D 1379 29.04 29.34 37.04
N ALA D 1380 30.11 29.57 36.29
CA ALA D 1380 31.28 28.68 36.28
C ALA D 1380 32.55 29.50 36.29
N PRO D 1381 32.89 30.13 37.42
CA PRO D 1381 34.08 30.98 37.45
C PRO D 1381 35.38 30.24 37.19
N PHE D 1382 35.43 28.92 37.40
CA PHE D 1382 36.67 28.18 37.26
C PHE D 1382 37.05 27.91 35.80
N LEU D 1383 36.18 28.22 34.84
CA LEU D 1383 36.54 28.13 33.43
C LEU D 1383 37.14 29.44 32.96
N THR D 1384 38.31 29.36 32.32
CA THR D 1384 38.89 30.53 31.68
C THR D 1384 38.17 30.77 30.35
N VAL D 1385 37.80 32.03 30.11
CA VAL D 1385 37.05 32.42 28.92
C VAL D 1385 37.83 33.52 28.20
N THR D 1386 38.02 33.34 26.89
CA THR D 1386 38.78 34.28 26.07
C THR D 1386 37.84 34.94 25.07
N ALA D 1387 37.77 36.26 25.14
CA ALA D 1387 36.88 37.04 24.26
C ALA D 1387 37.64 37.40 22.99
N TYR D 1388 37.46 36.59 21.95
CA TYR D 1388 38.08 36.85 20.67
C TYR D 1388 37.25 37.86 19.89
N VAL D 1389 37.21 39.08 20.41
CA VAL D 1389 36.45 40.18 19.84
C VAL D 1389 37.24 41.47 20.01
N GLY D 1390 37.12 42.36 19.03
CA GLY D 1390 37.76 43.65 19.04
C GLY D 1390 38.30 44.02 17.67
N SER D 1391 39.05 45.11 17.64
CA SER D 1391 39.65 45.57 16.40
C SER D 1391 40.65 44.52 15.89
N PRO D 1392 40.93 44.48 14.59
CA PRO D 1392 41.81 43.43 14.06
C PRO D 1392 43.17 43.37 14.71
N ALA D 1393 43.73 44.50 15.16
CA ALA D 1393 45.04 44.45 15.81
C ALA D 1393 44.98 43.62 17.08
N GLU D 1394 43.92 43.77 17.87
CA GLU D 1394 43.82 42.99 19.09
C GLU D 1394 43.61 41.51 18.79
N ARG D 1395 42.83 41.21 17.75
CA ARG D 1395 42.64 39.81 17.38
C ARG D 1395 43.95 39.19 16.88
N ARG D 1396 44.75 39.96 16.14
CA ARG D 1396 46.07 39.50 15.75
C ARG D 1396 46.94 39.25 16.97
N ALA D 1397 46.82 40.10 17.99
CA ALA D 1397 47.58 39.86 19.22
C ALA D 1397 47.12 38.57 19.89
N MET D 1398 45.80 38.31 19.87
CA MET D 1398 45.24 37.09 20.42
C MET D 1398 45.36 35.88 19.49
N LYS D 1399 46.02 36.04 18.33
CA LYS D 1399 45.98 35.04 17.26
C LYS D 1399 46.29 33.62 17.72
N ASP D 1400 47.36 33.45 18.49
CA ASP D 1400 47.84 32.12 18.85
C ASP D 1400 47.37 31.66 20.22
N SER D 1401 46.82 32.55 21.04
CA SER D 1401 46.51 32.22 22.42
C SER D 1401 45.30 31.31 22.59
N LEU D 1402 44.53 31.08 21.51
CA LEU D 1402 43.22 30.44 21.67
C LEU D 1402 43.33 29.04 22.24
N ASP D 1403 44.40 28.32 21.91
CA ASP D 1403 44.53 26.94 22.35
C ASP D 1403 44.58 26.80 23.87
N LYS D 1404 44.97 27.86 24.59
CA LYS D 1404 45.30 27.78 26.00
C LYS D 1404 44.18 28.28 26.90
N THR D 1405 42.92 28.11 26.50
CA THR D 1405 41.79 28.55 27.30
C THR D 1405 40.64 27.57 27.13
N ASP D 1406 39.71 27.58 28.09
CA ASP D 1406 38.62 26.60 28.07
C ASP D 1406 37.53 26.97 27.08
N ILE D 1407 37.15 28.25 27.03
CA ILE D 1407 36.05 28.71 26.18
C ILE D 1407 36.52 29.93 25.41
N VAL D 1408 36.19 29.98 24.13
CA VAL D 1408 36.43 31.14 23.28
C VAL D 1408 35.07 31.71 22.86
N ILE D 1409 34.89 33.01 23.06
CA ILE D 1409 33.70 33.72 22.61
C ILE D 1409 34.01 34.42 21.30
N THR D 1410 33.06 34.44 20.38
CA THR D 1410 33.32 34.98 19.05
C THR D 1410 32.05 35.54 18.45
N SER D 1411 32.16 36.71 17.83
CA SER D 1411 31.05 37.27 17.08
C SER D 1411 30.94 36.60 15.72
N TYR D 1412 29.74 36.64 15.12
CA TYR D 1412 29.56 36.06 13.79
C TYR D 1412 30.45 36.73 12.75
N ASP D 1413 30.48 38.06 12.73
CA ASP D 1413 31.27 38.75 11.73
C ASP D 1413 32.76 38.50 11.93
N VAL D 1414 33.21 38.43 13.18
CA VAL D 1414 34.62 38.12 13.42
C VAL D 1414 34.93 36.71 12.95
N CYS D 1415 33.98 35.78 13.14
CA CYS D 1415 34.16 34.42 12.64
C CYS D 1415 34.31 34.42 11.13
N ARG D 1416 33.47 35.18 10.42
CA ARG D 1416 33.58 35.27 8.97
C ARG D 1416 34.94 35.82 8.55
N ASN D 1417 35.29 37.01 9.06
CA ASN D 1417 36.50 37.67 8.56
C ASN D 1417 37.76 36.93 8.97
N ASP D 1418 37.80 36.41 10.19
CA ASP D 1418 38.97 35.71 10.70
C ASP D 1418 38.82 34.19 10.65
N ILE D 1419 38.05 33.68 9.68
CA ILE D 1419 37.93 32.24 9.54
C ILE D 1419 39.28 31.59 9.28
N ASP D 1420 40.20 32.31 8.64
CA ASP D 1420 41.50 31.74 8.31
C ASP D 1420 42.28 31.30 9.53
N VAL D 1421 41.97 31.81 10.72
CA VAL D 1421 42.61 31.40 11.96
C VAL D 1421 41.66 30.61 12.85
N ILE D 1422 40.38 30.97 12.85
CA ILE D 1422 39.40 30.23 13.65
C ILE D 1422 39.28 28.80 13.16
N GLU D 1423 39.47 28.56 11.87
CA GLU D 1423 39.33 27.22 11.30
C GLU D 1423 40.49 26.31 11.63
N LYS D 1424 41.63 26.86 12.06
CA LYS D 1424 42.83 26.04 12.22
C LYS D 1424 42.84 25.21 13.50
N TYR D 1425 41.93 25.44 14.44
CA TYR D 1425 41.94 24.79 15.74
C TYR D 1425 40.83 23.76 15.84
N ASN D 1426 41.14 22.62 16.46
CA ASN D 1426 40.10 21.65 16.80
C ASN D 1426 39.31 22.18 17.99
N TRP D 1427 37.98 22.21 17.86
CA TRP D 1427 37.17 23.07 18.71
C TRP D 1427 36.31 22.36 19.76
N ASN D 1428 36.28 21.03 19.80
CA ASN D 1428 35.47 20.31 20.82
C ASN D 1428 34.03 20.82 20.69
N TYR D 1429 33.40 21.33 21.74
CA TYR D 1429 32.05 21.89 21.60
C TYR D 1429 32.11 23.18 20.79
N CYS D 1430 31.11 23.38 19.95
CA CYS D 1430 30.99 24.58 19.11
C CYS D 1430 29.54 25.03 19.14
N VAL D 1431 29.21 25.94 20.06
CA VAL D 1431 27.83 26.34 20.32
C VAL D 1431 27.52 27.57 19.48
N LEU D 1432 26.52 27.46 18.62
CA LEU D 1432 26.01 28.61 17.86
C LEU D 1432 24.86 29.22 18.65
N ASP D 1433 25.15 30.24 19.44
CA ASP D 1433 24.08 31.01 20.04
C ASP D 1433 23.38 31.82 18.97
N GLU D 1434 22.06 31.92 19.08
CA GLU D 1434 21.23 32.52 18.05
C GLU D 1434 21.54 31.93 16.69
N GLY D 1435 21.31 30.63 16.58
CA GLY D 1435 21.63 29.91 15.37
C GLY D 1435 20.71 30.18 14.21
N HIS D 1436 19.57 30.84 14.42
CA HIS D 1436 18.69 31.08 13.28
C HIS D 1436 19.25 32.11 12.31
N LEU D 1437 20.32 32.83 12.67
CA LEU D 1437 20.94 33.74 11.70
C LEU D 1437 21.65 33.00 10.57
N ILE D 1438 21.90 31.71 10.71
CA ILE D 1438 22.54 30.94 9.64
C ILE D 1438 21.49 30.18 8.81
N LYS D 1439 20.24 30.64 8.81
CA LYS D 1439 19.22 29.96 8.02
C LYS D 1439 19.52 30.06 6.52
N ASN D 1440 20.15 31.14 6.10
CA ASN D 1440 20.48 31.29 4.69
C ASN D 1440 21.53 30.26 4.29
N PRO D 1441 21.35 29.52 3.20
CA PRO D 1441 22.31 28.45 2.89
C PRO D 1441 23.62 28.95 2.32
N LYS D 1442 23.67 30.17 1.79
CA LYS D 1442 24.84 30.67 1.09
C LYS D 1442 25.46 31.92 1.71
N ALA D 1443 24.75 32.60 2.62
CA ALA D 1443 25.28 33.82 3.23
C ALA D 1443 26.64 33.55 3.87
N LYS D 1444 27.48 34.58 3.88
CA LYS D 1444 28.91 34.39 4.13
C LYS D 1444 29.16 33.82 5.52
N ILE D 1445 28.44 34.29 6.55
CA ILE D 1445 28.69 33.76 7.89
C ILE D 1445 28.34 32.29 7.95
N THR D 1446 27.36 31.85 7.16
CA THR D 1446 27.02 30.42 7.16
C THR D 1446 28.06 29.62 6.42
N LEU D 1447 28.55 30.14 5.30
CA LEU D 1447 29.63 29.47 4.59
C LEU D 1447 30.88 29.42 5.44
N ALA D 1448 31.05 30.35 6.37
CA ALA D 1448 32.19 30.33 7.26
C ALA D 1448 32.01 29.31 8.38
N VAL D 1449 30.88 29.38 9.08
CA VAL D 1449 30.65 28.52 10.24
C VAL D 1449 30.70 27.05 9.85
N LYS D 1450 30.15 26.70 8.68
CA LYS D 1450 30.11 25.31 8.28
C LYS D 1450 31.49 24.73 7.99
N ARG D 1451 32.52 25.57 7.89
CA ARG D 1451 33.88 25.08 7.68
C ARG D 1451 34.56 24.64 8.97
N LEU D 1452 34.06 25.06 10.13
CA LEU D 1452 34.72 24.77 11.40
C LEU D 1452 34.65 23.28 11.73
N THR D 1453 35.79 22.71 12.09
CA THR D 1453 35.82 21.37 12.65
C THR D 1453 35.47 21.40 14.13
N SER D 1454 34.71 20.41 14.58
CA SER D 1454 34.32 20.36 15.98
C SER D 1454 33.81 18.96 16.31
N ASN D 1455 33.95 18.59 17.59
CA ASN D 1455 33.51 17.27 18.04
C ASN D 1455 32.01 17.24 18.31
N HIS D 1456 31.47 18.28 18.94
CA HIS D 1456 30.05 18.38 19.22
C HIS D 1456 29.56 19.77 18.82
N ARG D 1457 28.38 19.81 18.23
CA ARG D 1457 27.79 21.04 17.73
C ARG D 1457 26.41 21.20 18.35
N LEU D 1458 25.99 22.45 18.54
CA LEU D 1458 24.78 22.71 19.30
C LEU D 1458 24.28 24.11 18.96
N ILE D 1459 23.12 24.20 18.35
CA ILE D 1459 22.49 25.47 18.04
C ILE D 1459 21.56 25.85 19.19
N LEU D 1460 21.53 27.12 19.54
CA LEU D 1460 20.52 27.70 20.42
C LEU D 1460 19.74 28.75 19.65
N THR D 1461 18.41 28.70 19.74
CA THR D 1461 17.56 29.66 19.05
C THR D 1461 16.36 30.01 19.92
N GLY D 1462 15.77 31.15 19.61
CA GLY D 1462 14.47 31.48 20.17
C GLY D 1462 13.39 30.83 19.35
N THR D 1463 13.50 30.96 18.02
CA THR D 1463 12.56 30.41 17.07
C THR D 1463 13.34 29.79 15.92
N PRO D 1464 13.05 28.53 15.54
CA PRO D 1464 13.88 27.90 14.52
C PRO D 1464 13.47 28.25 13.11
N ILE D 1465 12.19 28.57 12.91
CA ILE D 1465 11.63 28.84 11.59
C ILE D 1465 10.72 30.04 11.68
N GLN D 1466 10.50 30.68 10.53
CA GLN D 1466 9.56 31.81 10.42
C GLN D 1466 8.22 31.41 9.83
N ASN D 1467 8.23 30.65 8.74
CA ASN D 1467 6.99 30.27 8.05
C ASN D 1467 6.87 28.76 7.83
N ASN D 1468 7.99 28.09 7.55
CA ASN D 1468 7.95 26.74 7.01
C ASN D 1468 9.06 25.90 7.61
N VAL D 1469 8.77 24.61 7.81
CA VAL D 1469 9.78 23.68 8.33
C VAL D 1469 10.96 23.53 7.40
N LEU D 1470 10.80 23.86 6.11
CA LEU D 1470 11.91 23.73 5.17
C LEU D 1470 13.05 24.69 5.46
N GLU D 1471 12.84 25.70 6.30
CA GLU D 1471 13.93 26.59 6.69
C GLU D 1471 14.97 25.88 7.56
N LEU D 1472 14.66 24.69 8.08
CA LEU D 1472 15.57 23.99 8.97
C LEU D 1472 16.81 23.49 8.26
N TRP D 1473 16.84 23.47 6.92
CA TRP D 1473 17.86 22.70 6.23
C TRP D 1473 19.27 23.18 6.56
N SER D 1474 19.48 24.49 6.58
CA SER D 1474 20.83 24.99 6.81
C SER D 1474 21.33 24.66 8.21
N LEU D 1475 20.44 24.70 9.20
CA LEU D 1475 20.86 24.41 10.56
C LEU D 1475 21.35 22.97 10.68
N PHE D 1476 20.60 22.03 10.09
CA PHE D 1476 20.99 20.64 10.19
C PHE D 1476 22.14 20.30 9.25
N ASP D 1477 22.31 21.06 8.17
CA ASP D 1477 23.54 20.93 7.39
C ASP D 1477 24.75 21.39 8.18
N PHE D 1478 24.59 22.33 9.11
CA PHE D 1478 25.71 22.68 9.98
C PHE D 1478 25.93 21.61 11.04
N LEU D 1479 24.87 21.21 11.75
CA LEU D 1479 25.03 20.29 12.87
C LEU D 1479 25.54 18.94 12.43
N MET D 1480 24.88 18.34 11.44
CA MET D 1480 25.17 16.96 11.01
C MET D 1480 25.26 17.00 9.50
N PRO D 1481 26.47 17.13 8.94
CA PRO D 1481 26.60 17.33 7.49
C PRO D 1481 25.88 16.28 6.66
N GLY D 1482 24.95 16.73 5.84
CA GLY D 1482 24.21 15.83 4.98
C GLY D 1482 23.15 15.00 5.67
N PHE D 1483 22.77 15.31 6.91
CA PHE D 1483 21.76 14.49 7.57
C PHE D 1483 20.44 14.53 6.81
N LEU D 1484 20.06 15.71 6.32
CA LEU D 1484 18.90 15.86 5.47
C LEU D 1484 19.26 15.88 3.99
N GLY D 1485 20.49 15.53 3.65
CA GLY D 1485 20.94 15.49 2.27
C GLY D 1485 21.49 16.83 1.79
N ALA D 1486 22.20 16.77 0.67
CA ALA D 1486 22.67 17.98 0.02
C ALA D 1486 21.48 18.78 -0.48
N GLU D 1487 21.74 20.05 -0.82
CA GLU D 1487 20.64 21.00 -0.98
C GLU D 1487 19.69 20.60 -2.09
N LYS D 1488 20.22 20.15 -3.22
CA LYS D 1488 19.35 19.70 -4.30
C LYS D 1488 18.56 18.47 -3.88
N VAL D 1489 19.19 17.55 -3.14
CA VAL D 1489 18.51 16.33 -2.74
C VAL D 1489 17.40 16.64 -1.74
N PHE D 1490 17.68 17.52 -0.78
CA PHE D 1490 16.63 17.94 0.15
C PHE D 1490 15.51 18.68 -0.58
N LEU D 1491 15.87 19.53 -1.55
CA LEU D 1491 14.86 20.31 -2.24
C LEU D 1491 13.93 19.43 -3.05
N ASP D 1492 14.47 18.56 -3.89
CA ASP D 1492 13.60 17.76 -4.74
C ASP D 1492 12.93 16.64 -3.96
N ARG D 1493 13.53 16.17 -2.86
CA ARG D 1493 12.87 15.14 -2.06
C ARG D 1493 11.70 15.71 -1.28
N PHE D 1494 11.89 16.85 -0.61
CA PHE D 1494 10.89 17.44 0.28
C PHE D 1494 10.37 18.78 -0.19
N ALA D 1495 11.26 19.73 -0.48
CA ALA D 1495 10.83 21.12 -0.64
C ALA D 1495 9.91 21.30 -1.83
N LYS D 1496 10.32 20.80 -3.00
CA LYS D 1496 9.50 21.00 -4.18
C LYS D 1496 8.14 20.31 -4.08
N PRO D 1497 8.03 19.05 -3.64
CA PRO D 1497 6.70 18.48 -3.40
C PRO D 1497 5.84 19.29 -2.43
N ILE D 1498 6.40 19.73 -1.31
CA ILE D 1498 5.63 20.48 -0.33
C ILE D 1498 5.15 21.80 -0.92
N ALA D 1499 6.05 22.55 -1.56
CA ALA D 1499 5.69 23.83 -2.14
C ALA D 1499 4.65 23.67 -3.23
N ASN D 1500 4.84 22.67 -4.10
CA ASN D 1500 3.88 22.43 -5.17
C ASN D 1500 2.50 22.08 -4.61
N SER D 1501 2.47 21.34 -3.49
CA SER D 1501 1.19 20.90 -2.94
C SER D 1501 0.41 22.02 -2.25
N ARG D 1502 1.03 23.20 -2.04
CA ARG D 1502 0.31 24.26 -1.34
C ARG D 1502 -0.76 24.90 -2.22
N TYR D 1503 -0.53 24.94 -3.54
CA TYR D 1503 -1.43 25.65 -4.44
C TYR D 1503 -2.66 24.81 -4.75
N SER D 1504 -3.74 25.50 -5.15
CA SER D 1504 -4.89 24.82 -5.72
C SER D 1504 -4.58 24.18 -7.07
N LYS D 1505 -3.47 24.57 -7.70
CA LYS D 1505 -3.08 23.97 -8.97
C LYS D 1505 -2.82 22.47 -8.82
N ALA D 1506 -2.32 22.05 -7.65
CA ALA D 1506 -1.92 20.67 -7.45
C ALA D 1506 -3.12 19.72 -7.52
N SER D 1507 -2.94 18.61 -8.21
CA SER D 1507 -3.93 17.53 -8.16
C SER D 1507 -3.91 16.87 -6.78
N SER D 1508 -4.95 16.06 -6.52
CA SER D 1508 -5.04 15.40 -5.23
C SER D 1508 -3.85 14.49 -4.98
N LYS D 1509 -3.32 13.86 -6.03
CA LYS D 1509 -2.12 13.04 -5.87
C LYS D 1509 -0.95 13.89 -5.41
N GLU D 1510 -0.81 15.09 -5.98
CA GLU D 1510 0.26 15.99 -5.56
C GLU D 1510 0.03 16.47 -4.12
N GLN D 1511 -1.22 16.75 -3.77
CA GLN D 1511 -1.53 17.18 -2.40
C GLN D 1511 -1.16 16.11 -1.38
N GLU D 1512 -1.59 14.86 -1.62
CA GLU D 1512 -1.27 13.81 -0.66
C GLU D 1512 0.21 13.49 -0.68
N ALA D 1513 0.88 13.63 -1.83
CA ALA D 1513 2.32 13.46 -1.86
C ALA D 1513 3.02 14.51 -1.00
N GLY D 1514 2.55 15.75 -1.06
CA GLY D 1514 3.12 16.79 -0.22
C GLY D 1514 2.90 16.51 1.25
N ALA D 1515 1.70 16.04 1.61
CA ALA D 1515 1.44 15.74 3.00
C ALA D 1515 2.34 14.60 3.50
N LEU D 1516 2.50 13.56 2.67
CA LEU D 1516 3.38 12.46 3.04
C LEU D 1516 4.82 12.94 3.16
N ALA D 1517 5.28 13.78 2.23
CA ALA D 1517 6.66 14.25 2.28
C ALA D 1517 6.92 15.09 3.52
N ILE D 1518 6.02 16.03 3.85
CA ILE D 1518 6.27 16.86 5.01
C ILE D 1518 6.19 16.03 6.28
N GLU D 1519 5.30 15.04 6.32
CA GLU D 1519 5.27 14.16 7.48
C GLU D 1519 6.57 13.38 7.60
N ALA D 1520 7.13 12.95 6.47
CA ALA D 1520 8.41 12.24 6.49
C ALA D 1520 9.51 13.12 7.06
N LEU D 1521 9.59 14.37 6.60
CA LEU D 1521 10.60 15.29 7.12
C LEU D 1521 10.40 15.53 8.61
N HIS D 1522 9.16 15.77 9.03
CA HIS D 1522 8.87 16.05 10.42
C HIS D 1522 9.27 14.89 11.31
N LYS D 1523 8.93 13.67 10.91
CA LYS D 1523 9.36 12.52 11.69
C LYS D 1523 10.87 12.35 11.66
N GLN D 1524 11.54 12.75 10.58
CA GLN D 1524 12.98 12.58 10.51
C GLN D 1524 13.72 13.54 11.42
N VAL D 1525 13.18 14.76 11.59
CA VAL D 1525 13.90 15.83 12.27
C VAL D 1525 13.48 15.96 13.72
N LEU D 1526 12.27 15.49 14.04
CA LEU D 1526 11.69 15.72 15.37
C LEU D 1526 12.54 15.25 16.55
N PRO D 1527 13.21 14.08 16.53
CA PRO D 1527 13.90 13.63 17.74
C PRO D 1527 15.03 14.55 18.21
N PHE D 1528 15.54 15.44 17.36
CA PHE D 1528 16.70 16.26 17.71
C PHE D 1528 16.33 17.65 18.21
N LEU D 1529 15.15 18.16 17.89
CA LEU D 1529 14.70 19.42 18.46
C LEU D 1529 14.24 19.19 19.90
N LEU D 1530 14.55 20.15 20.76
CA LEU D 1530 14.01 20.20 22.11
C LEU D 1530 13.30 21.53 22.27
N ARG D 1531 11.98 21.49 22.36
CA ARG D 1531 11.14 22.68 22.37
C ARG D 1531 10.20 22.61 23.57
N ARG D 1532 10.30 23.57 24.46
CA ARG D 1532 9.38 23.68 25.59
C ARG D 1532 8.95 25.14 25.72
N LEU D 1533 7.65 25.37 25.65
CA LEU D 1533 7.14 26.72 25.62
C LEU D 1533 7.28 27.36 27.00
N LYS D 1534 7.28 28.69 27.02
CA LYS D 1534 7.48 29.42 28.27
C LYS D 1534 6.39 29.11 29.28
N GLU D 1535 5.12 29.24 28.87
CA GLU D 1535 4.03 29.15 29.83
C GLU D 1535 3.87 27.75 30.42
N GLU D 1536 4.48 26.73 29.84
CA GLU D 1536 4.31 25.38 30.34
C GLU D 1536 5.10 25.11 31.61
N VAL D 1537 6.20 25.83 31.83
CA VAL D 1537 7.17 25.46 32.85
C VAL D 1537 7.46 26.61 33.80
N LEU D 1538 7.16 27.84 33.39
CA LEU D 1538 7.30 29.02 34.24
C LEU D 1538 5.93 29.36 34.82
N ASN D 1539 5.82 29.32 36.15
CA ASN D 1539 4.60 29.68 36.85
C ASN D 1539 4.73 30.94 37.69
N ASP D 1540 5.93 31.29 38.13
CA ASP D 1540 6.11 32.52 38.87
C ASP D 1540 6.03 33.75 37.99
N LEU D 1541 6.30 33.60 36.70
CA LEU D 1541 6.42 34.74 35.81
C LEU D 1541 5.05 35.36 35.56
N PRO D 1542 4.82 36.65 35.87
CA PRO D 1542 3.51 37.24 35.60
C PRO D 1542 3.23 37.31 34.11
N PRO D 1543 1.97 37.48 33.72
CA PRO D 1543 1.63 37.45 32.30
C PRO D 1543 2.12 38.68 31.55
N LYS D 1544 1.94 38.64 30.23
CA LYS D 1544 2.18 39.77 29.35
C LYS D 1544 0.91 40.04 28.55
N ILE D 1545 0.73 41.30 28.15
CA ILE D 1545 -0.40 41.72 27.33
C ILE D 1545 0.14 42.48 26.14
N LEU D 1546 -0.47 42.29 24.98
CA LEU D 1546 0.01 42.86 23.71
C LEU D 1546 -1.07 43.78 23.13
N GLN D 1547 -1.08 45.02 23.60
CA GLN D 1547 -2.07 46.00 23.14
C GLN D 1547 -1.63 46.65 21.83
N ASN D 1548 -2.60 47.20 21.11
CA ASN D 1548 -2.33 48.18 20.07
C ASN D 1548 -2.68 49.58 20.56
N TYR D 1549 -2.03 50.58 19.97
CA TYR D 1549 -2.34 51.98 20.21
C TYR D 1549 -2.41 52.71 18.88
N TYR D 1550 -3.53 53.40 18.63
CA TYR D 1550 -3.86 53.93 17.32
C TYR D 1550 -3.73 55.46 17.31
N CYS D 1551 -3.07 55.97 16.29
CA CYS D 1551 -2.93 57.42 16.08
C CYS D 1551 -3.28 57.76 14.64
N ASP D 1552 -3.96 58.89 14.46
CA ASP D 1552 -4.39 59.30 13.13
C ASP D 1552 -3.21 59.76 12.27
N LEU D 1553 -3.30 59.51 10.97
CA LEU D 1553 -2.31 59.98 10.03
C LEU D 1553 -2.23 61.50 10.02
N SER D 1554 -1.06 62.02 9.67
CA SER D 1554 -0.87 63.45 9.50
C SER D 1554 -1.26 63.88 8.09
N ASP D 1555 -1.51 65.19 7.94
CA ASP D 1555 -1.81 65.78 6.64
C ASP D 1555 -0.77 65.41 5.57
N LEU D 1556 0.51 65.63 5.86
CA LEU D 1556 1.53 65.39 4.87
C LEU D 1556 1.61 63.93 4.48
N GLN D 1557 1.37 63.03 5.44
CA GLN D 1557 1.39 61.61 5.09
C GLN D 1557 0.27 61.27 4.12
N ARG D 1558 -0.92 61.82 4.34
CA ARG D 1558 -2.02 61.63 3.39
C ARG D 1558 -1.65 62.18 2.02
N LYS D 1559 -1.10 63.40 1.97
CA LYS D 1559 -0.74 64.01 0.71
C LYS D 1559 0.26 63.15 -0.04
N LEU D 1560 1.31 62.72 0.64
CA LEU D 1560 2.35 61.95 -0.03
C LEU D 1560 1.87 60.56 -0.40
N PHE D 1561 0.98 59.96 0.40
CA PHE D 1561 0.40 58.68 0.00
C PHE D 1561 -0.40 58.81 -1.29
N GLU D 1562 -1.27 59.82 -1.35
CA GLU D 1562 -2.08 59.97 -2.56
C GLU D 1562 -1.20 60.30 -3.75
N ASP D 1563 -0.16 61.09 -3.54
CA ASP D 1563 0.76 61.41 -4.63
C ASP D 1563 1.47 60.16 -5.15
N PHE D 1564 2.04 59.37 -4.24
CA PHE D 1564 2.76 58.17 -4.63
C PHE D 1564 1.83 57.20 -5.35
N THR D 1565 0.58 57.11 -4.91
CA THR D 1565 -0.35 56.20 -5.57
C THR D 1565 -0.84 56.73 -6.91
N LYS D 1566 -1.02 58.05 -7.03
CA LYS D 1566 -1.58 58.59 -8.26
C LYS D 1566 -0.55 58.74 -9.36
N ARG D 1567 0.74 58.85 -9.01
CA ARG D 1567 1.80 59.00 -10.00
C ARG D 1567 2.44 57.64 -10.29
N GLU D 1568 2.95 56.96 -9.27
CA GLU D 1568 3.63 55.69 -9.44
C GLU D 1568 2.78 54.49 -9.05
N GLY D 1569 1.63 54.70 -8.40
CA GLY D 1569 0.85 53.57 -7.94
C GLY D 1569 0.34 52.70 -9.07
N LYS D 1570 -0.05 53.32 -10.18
CA LYS D 1570 -0.57 52.55 -11.31
C LYS D 1570 0.51 51.65 -11.90
N LYS D 1571 1.72 52.19 -12.06
CA LYS D 1571 2.81 51.39 -12.61
C LYS D 1571 3.16 50.22 -11.70
N ILE D 1572 3.21 50.46 -10.39
CA ILE D 1572 3.51 49.39 -9.43
C ILE D 1572 2.42 48.33 -9.48
N THR D 1573 1.16 48.76 -9.50
CA THR D 1573 0.07 47.80 -9.45
C THR D 1573 -0.02 46.99 -10.73
N GLU D 1574 0.37 47.58 -11.87
CA GLU D 1574 0.42 46.81 -13.09
C GLU D 1574 1.65 45.90 -13.13
N THR D 1575 2.75 46.33 -12.52
CA THR D 1575 3.93 45.49 -12.36
C THR D 1575 3.65 44.29 -11.47
N ALA D 1576 2.66 44.41 -10.57
CA ALA D 1576 2.22 43.26 -9.80
C ALA D 1576 1.67 42.14 -10.66
N GLY D 1577 1.29 42.43 -11.91
CA GLY D 1577 0.94 41.41 -12.87
C GLY D 1577 2.12 40.67 -13.47
N ARG D 1578 3.35 41.00 -13.06
CA ARG D 1578 4.56 40.33 -13.52
C ARG D 1578 5.19 39.60 -12.34
N ASP D 1579 5.89 38.51 -12.65
CA ASP D 1579 6.40 37.58 -11.65
C ASP D 1579 7.92 37.55 -11.56
N ASP D 1580 8.62 38.36 -12.34
CA ASP D 1580 10.08 38.32 -12.36
C ASP D 1580 10.66 38.98 -11.12
N LYS D 1581 11.97 38.81 -10.95
CA LYS D 1581 12.67 39.40 -9.81
C LYS D 1581 12.47 40.91 -9.76
N GLU D 1582 12.56 41.58 -10.91
CA GLU D 1582 12.47 43.03 -10.91
C GLU D 1582 11.06 43.50 -10.54
N ALA D 1583 10.03 42.77 -10.94
CA ALA D 1583 8.66 43.22 -10.67
C ALA D 1583 8.36 43.16 -9.16
N LYS D 1584 8.53 41.99 -8.55
CA LYS D 1584 8.33 41.92 -7.11
C LYS D 1584 9.37 42.75 -6.38
N GLN D 1585 10.52 43.04 -6.99
CA GLN D 1585 11.42 44.01 -6.39
C GLN D 1585 10.79 45.39 -6.35
N HIS D 1586 10.11 45.80 -7.42
CA HIS D 1586 9.39 47.06 -7.40
C HIS D 1586 8.33 47.05 -6.32
N ILE D 1587 7.62 45.92 -6.18
CA ILE D 1587 6.60 45.82 -5.14
C ILE D 1587 7.23 45.98 -3.76
N PHE D 1588 8.32 45.25 -3.51
CA PHE D 1588 9.00 45.30 -2.22
C PHE D 1588 9.54 46.70 -1.94
N GLN D 1589 10.11 47.35 -2.94
CA GLN D 1589 10.62 48.70 -2.78
C GLN D 1589 9.49 49.65 -2.44
N ALA D 1590 8.36 49.52 -3.13
CA ALA D 1590 7.22 50.40 -2.86
C ALA D 1590 6.73 50.22 -1.43
N LEU D 1591 6.61 48.96 -0.99
CA LEU D 1591 6.17 48.71 0.38
C LEU D 1591 7.16 49.30 1.37
N GLN D 1592 8.46 49.05 1.17
CA GLN D 1592 9.47 49.58 2.06
C GLN D 1592 9.48 51.10 2.02
N TYR D 1593 9.35 51.68 0.84
CA TYR D 1593 9.22 53.14 0.76
C TYR D 1593 7.97 53.60 1.49
N MET D 1594 6.88 52.85 1.36
CA MET D 1594 5.62 53.26 1.99
C MET D 1594 5.75 53.29 3.50
N ARG D 1595 6.46 52.32 4.09
CA ARG D 1595 6.56 52.27 5.55
C ARG D 1595 7.37 53.44 6.10
N LYS D 1596 8.46 53.80 5.43
CA LYS D 1596 9.24 54.96 5.85
C LYS D 1596 8.39 56.22 5.85
N LEU D 1597 7.54 56.36 4.83
CA LEU D 1597 6.57 57.46 4.81
C LEU D 1597 5.60 57.35 5.97
N CYS D 1598 5.14 56.13 6.26
CA CYS D 1598 4.16 55.93 7.31
C CYS D 1598 4.70 56.40 8.66
N ASN D 1599 5.97 56.14 8.94
CA ASN D 1599 6.54 56.57 10.21
C ASN D 1599 6.59 58.08 10.32
N SER D 1600 7.23 58.73 9.34
CA SER D 1600 7.29 60.18 9.33
C SER D 1600 7.64 60.64 7.92
N PRO D 1601 7.14 61.78 7.46
CA PRO D 1601 7.54 62.25 6.13
C PRO D 1601 8.99 62.71 6.09
N ALA D 1602 9.53 63.17 7.20
CA ALA D 1602 10.90 63.69 7.19
C ALA D 1602 11.93 62.64 6.80
N LEU D 1603 11.61 61.35 6.97
CA LEU D 1603 12.57 60.31 6.60
C LEU D 1603 12.80 60.28 5.09
N VAL D 1604 11.73 60.47 4.30
CA VAL D 1604 11.80 60.24 2.87
C VAL D 1604 12.04 61.55 2.12
N MET D 1605 11.61 62.67 2.68
CA MET D 1605 11.60 63.93 1.93
C MET D 1605 12.98 64.56 1.89
N LYS D 1606 13.96 63.84 1.33
CA LYS D 1606 15.29 64.37 1.11
C LYS D 1606 15.33 65.14 -0.21
N PRO D 1607 16.35 65.97 -0.43
CA PRO D 1607 16.38 66.79 -1.65
C PRO D 1607 16.36 65.95 -2.92
N GLY D 1608 15.69 66.48 -3.94
CA GLY D 1608 15.55 65.83 -5.22
C GLY D 1608 14.43 64.82 -5.33
N HIS D 1609 13.68 64.61 -4.25
CA HIS D 1609 12.55 63.70 -4.30
C HIS D 1609 11.49 64.26 -5.25
N LYS D 1610 10.66 63.35 -5.78
CA LYS D 1610 9.59 63.74 -6.69
C LYS D 1610 8.74 64.86 -6.13
N ALA D 1611 8.41 64.79 -4.84
CA ALA D 1611 7.49 65.73 -4.21
C ALA D 1611 8.21 66.89 -3.54
N TYR D 1612 9.50 67.08 -3.78
CA TYR D 1612 10.30 67.96 -2.94
C TYR D 1612 9.82 69.41 -3.04
N GLU D 1613 9.83 69.99 -4.24
CA GLU D 1613 9.63 71.43 -4.37
C GLU D 1613 8.18 71.81 -4.03
N ASP D 1614 7.22 71.04 -4.52
CA ASP D 1614 5.84 71.26 -4.12
C ASP D 1614 5.68 71.10 -2.62
N THR D 1615 6.41 70.16 -2.03
CA THR D 1615 6.37 70.00 -0.58
C THR D 1615 6.90 71.24 0.12
N GLN D 1616 7.99 71.83 -0.41
CA GLN D 1616 8.55 73.03 0.21
C GLN D 1616 7.54 74.17 0.18
N LYS D 1617 6.92 74.41 -0.97
CA LYS D 1617 5.98 75.51 -1.03
C LYS D 1617 4.73 75.22 -0.20
N TYR D 1618 4.32 73.95 -0.09
CA TYR D 1618 3.17 73.66 0.75
C TYR D 1618 3.50 73.86 2.23
N LEU D 1619 4.73 73.51 2.64
CA LEU D 1619 5.17 73.81 3.99
C LEU D 1619 5.19 75.32 4.22
N ALA D 1620 5.55 76.09 3.20
CA ALA D 1620 5.46 77.54 3.30
C ALA D 1620 4.01 77.98 3.47
N LYS D 1621 3.08 77.30 2.81
CA LYS D 1621 1.67 77.62 3.00
C LYS D 1621 1.25 77.35 4.44
N HIS D 1622 1.66 76.22 5.00
CA HIS D 1622 1.42 75.99 6.42
C HIS D 1622 2.20 76.96 7.30
N GLY D 1623 3.34 77.46 6.83
CA GLY D 1623 4.17 78.32 7.64
C GLY D 1623 4.97 77.57 8.69
N THR D 1624 5.37 76.34 8.42
CA THR D 1624 6.18 75.57 9.35
C THR D 1624 7.15 74.67 8.58
N THR D 1625 8.19 74.24 9.28
CA THR D 1625 9.23 73.43 8.68
C THR D 1625 8.80 71.96 8.57
N LEU D 1626 9.56 71.22 7.77
CA LEU D 1626 9.29 69.80 7.58
C LEU D 1626 9.31 69.02 8.90
N GLU D 1627 10.18 69.42 9.82
CA GLU D 1627 10.42 68.66 11.04
C GLU D 1627 9.39 68.90 12.14
N ASP D 1628 8.40 69.77 11.92
CA ASP D 1628 7.37 70.01 12.92
C ASP D 1628 6.65 68.72 13.23
N PRO D 1629 6.65 68.23 14.49
CA PRO D 1629 6.10 66.89 14.75
C PRO D 1629 4.61 66.74 14.47
N ILE D 1630 3.88 67.82 14.19
CA ILE D 1630 2.49 67.68 13.78
C ILE D 1630 2.38 66.89 12.48
N HIS D 1631 3.43 66.89 11.66
CA HIS D 1631 3.47 66.08 10.45
C HIS D 1631 3.96 64.66 10.69
N ALA D 1632 4.30 64.31 11.94
CA ALA D 1632 4.79 62.98 12.30
C ALA D 1632 3.94 62.47 13.46
N PRO D 1633 2.89 61.70 13.19
CA PRO D 1633 1.95 61.38 14.27
C PRO D 1633 2.52 60.46 15.34
N LYS D 1634 3.41 59.52 14.99
CA LYS D 1634 3.88 58.56 15.98
C LYS D 1634 4.64 59.24 17.11
N LEU D 1635 5.36 60.31 16.80
CA LEU D 1635 5.96 61.10 17.87
C LEU D 1635 4.88 61.69 18.76
N GLY D 1636 3.77 62.11 18.16
CA GLY D 1636 2.66 62.64 18.94
C GLY D 1636 1.96 61.59 19.78
N ALA D 1637 2.08 60.33 19.40
CA ALA D 1637 1.49 59.24 20.17
C ALA D 1637 2.40 58.81 21.31
N LEU D 1638 3.70 58.70 21.04
CA LEU D 1638 4.64 58.17 22.02
C LEU D 1638 4.61 58.95 23.32
N ARG D 1639 4.49 60.28 23.22
CA ARG D 1639 4.35 61.12 24.41
C ARG D 1639 3.17 60.68 25.26
N ASP D 1640 2.07 60.25 24.63
CA ASP D 1640 0.90 59.84 25.39
C ASP D 1640 1.21 58.64 26.27
N LEU D 1641 1.78 57.59 25.67
CA LEU D 1641 2.07 56.39 26.45
C LEU D 1641 3.17 56.64 27.47
N LEU D 1642 4.15 57.47 27.14
CA LEU D 1642 5.16 57.81 28.14
C LEU D 1642 4.55 58.53 29.33
N VAL D 1643 3.68 59.51 29.07
CA VAL D 1643 3.12 60.32 30.16
C VAL D 1643 2.17 59.49 31.02
N ASP D 1644 1.23 58.76 30.40
CA ASP D 1644 0.24 58.05 31.20
C ASP D 1644 0.86 56.91 32.01
N CYS D 1645 2.05 56.46 31.64
CA CYS D 1645 2.82 55.54 32.46
C CYS D 1645 3.71 56.23 33.46
N GLY D 1646 3.62 57.57 33.57
CA GLY D 1646 4.39 58.28 34.56
C GLY D 1646 5.82 58.59 34.16
N ILE D 1647 6.25 58.13 32.99
CA ILE D 1647 7.60 58.47 32.52
C ILE D 1647 7.62 59.94 32.14
N GLY D 1648 8.45 60.71 32.84
CA GLY D 1648 8.58 62.12 32.58
C GLY D 1648 7.54 63.00 33.26
N VAL D 1649 6.63 62.42 34.04
CA VAL D 1649 5.65 63.21 34.77
C VAL D 1649 6.29 63.82 36.00
N GLU D 1650 5.95 65.07 36.28
CA GLU D 1650 6.43 65.80 37.47
C GLU D 1650 7.95 65.85 37.49
N GLY D 1651 8.52 66.45 36.45
CA GLY D 1651 9.96 66.60 36.34
C GLY D 1651 10.52 67.60 37.33
N THR D 1660 4.79 60.30 45.27
CA THR D 1660 5.96 59.50 45.64
C THR D 1660 6.76 59.11 44.40
N PRO D 1661 8.10 58.97 44.51
CA PRO D 1661 8.89 58.56 43.34
C PRO D 1661 8.88 57.05 43.12
N ILE D 1662 7.71 56.41 43.18
CA ILE D 1662 7.64 54.97 43.02
C ILE D 1662 7.98 54.56 41.59
N LYS D 1663 7.67 55.42 40.61
CA LYS D 1663 8.00 55.17 39.21
C LYS D 1663 7.41 53.85 38.75
N PRO D 1664 6.09 53.77 38.55
CA PRO D 1664 5.47 52.45 38.31
C PRO D 1664 5.93 51.74 37.06
N HIS D 1665 6.55 52.43 36.10
CA HIS D 1665 6.91 51.83 34.82
C HIS D 1665 8.31 52.25 34.41
N ARG D 1666 9.00 51.33 33.74
CA ARG D 1666 10.24 51.60 33.03
C ARG D 1666 10.14 50.94 31.67
N ALA D 1667 10.48 51.68 30.62
CA ALA D 1667 10.14 51.31 29.26
C ALA D 1667 11.35 50.95 28.42
N LEU D 1668 11.13 50.11 27.43
CA LEU D 1668 11.99 49.99 26.26
C LEU D 1668 11.21 50.55 25.08
N ILE D 1669 11.89 51.22 24.16
CA ILE D 1669 11.25 51.68 22.93
C ILE D 1669 12.13 51.26 21.77
N PHE D 1670 11.55 50.53 20.82
CA PHE D 1670 12.27 49.86 19.74
C PHE D 1670 12.09 50.60 18.42
N CYS D 1671 13.17 50.70 17.65
CA CYS D 1671 13.12 51.22 16.29
C CYS D 1671 13.96 50.33 15.39
N GLN D 1672 13.55 50.24 14.12
CA GLN D 1672 14.28 49.39 13.18
C GLN D 1672 15.54 50.06 12.62
N MET D 1673 15.63 51.40 12.66
CA MET D 1673 16.67 52.11 11.94
C MET D 1673 17.12 53.33 12.74
N LYS D 1674 18.37 53.73 12.53
CA LYS D 1674 18.98 54.76 13.36
C LYS D 1674 18.33 56.13 13.13
N GLU D 1675 17.85 56.40 11.92
CA GLU D 1675 17.21 57.70 11.68
C GLU D 1675 15.97 57.87 12.56
N MET D 1676 15.14 56.82 12.66
CA MET D 1676 13.93 56.90 13.48
C MET D 1676 14.29 57.03 14.95
N LEU D 1677 15.32 56.30 15.39
CA LEU D 1677 15.72 56.38 16.80
C LEU D 1677 16.27 57.76 17.14
N ASP D 1678 17.07 58.34 16.26
CA ASP D 1678 17.56 59.70 16.49
C ASP D 1678 16.41 60.70 16.51
N MET D 1679 15.43 60.52 15.63
CA MET D 1679 14.28 61.42 15.61
C MET D 1679 13.50 61.33 16.92
N VAL D 1680 13.29 60.12 17.43
CA VAL D 1680 12.60 59.94 18.70
C VAL D 1680 13.42 60.54 19.84
N GLN D 1681 14.73 60.28 19.84
CA GLN D 1681 15.57 60.75 20.95
C GLN D 1681 15.65 62.27 20.96
N ASN D 1682 15.54 62.91 19.80
CA ASN D 1682 15.61 64.36 19.75
C ASN D 1682 14.26 65.00 20.07
N THR D 1683 13.22 64.66 19.32
CA THR D 1683 11.94 65.35 19.47
C THR D 1683 11.26 65.05 20.79
N VAL D 1684 10.86 63.79 21.01
CA VAL D 1684 10.04 63.48 22.18
C VAL D 1684 10.86 63.59 23.46
N LEU D 1685 12.05 63.01 23.47
CA LEU D 1685 12.80 62.87 24.70
C LEU D 1685 13.51 64.14 25.15
N LYS D 1686 13.74 65.11 24.24
CA LYS D 1686 14.47 66.32 24.60
C LYS D 1686 13.68 67.59 24.33
N GLN D 1687 13.02 67.70 23.18
CA GLN D 1687 12.30 68.94 22.89
C GLN D 1687 11.04 69.05 23.73
N MET D 1688 10.30 67.94 23.87
CA MET D 1688 9.04 67.96 24.62
C MET D 1688 9.23 67.65 26.10
N LEU D 1689 10.00 66.60 26.43
CA LEU D 1689 10.06 66.06 27.78
C LEU D 1689 11.49 65.98 28.31
N PRO D 1690 12.09 67.11 28.67
CA PRO D 1690 13.39 67.07 29.36
C PRO D 1690 13.37 66.29 30.67
N SER D 1691 12.18 66.13 31.26
CA SER D 1691 12.06 65.41 32.53
C SER D 1691 12.48 63.96 32.42
N VAL D 1692 12.41 63.36 31.23
CA VAL D 1692 12.76 61.95 31.07
C VAL D 1692 14.26 61.77 31.05
N SER D 1693 14.74 60.77 31.79
CA SER D 1693 16.12 60.32 31.73
C SER D 1693 16.18 59.01 30.96
N TYR D 1694 17.12 58.89 30.03
CA TYR D 1694 17.15 57.78 29.10
C TYR D 1694 18.58 57.35 28.79
N LEU D 1695 18.70 56.13 28.26
CA LEU D 1695 19.99 55.53 27.89
C LEU D 1695 19.98 55.10 26.43
N ARG D 1696 21.18 54.99 25.87
CA ARG D 1696 21.39 54.73 24.45
C ARG D 1696 21.85 53.30 24.23
N LEU D 1697 21.28 52.63 23.22
CA LEU D 1697 21.81 51.33 22.80
C LEU D 1697 21.51 51.11 21.31
N ASP D 1698 22.52 51.32 20.48
CA ASP D 1698 22.45 51.05 19.05
C ASP D 1698 23.87 50.96 18.52
N GLY D 1699 24.01 50.93 17.20
CA GLY D 1699 25.30 50.70 16.57
C GLY D 1699 26.36 51.75 16.88
N SER D 1700 25.96 52.92 17.38
CA SER D 1700 26.93 53.96 17.69
C SER D 1700 27.84 53.58 18.85
N VAL D 1701 27.41 52.67 19.72
CA VAL D 1701 28.20 52.24 20.88
C VAL D 1701 28.87 50.92 20.54
N GLU D 1702 30.15 50.81 20.87
CA GLU D 1702 30.92 49.63 20.53
C GLU D 1702 30.37 48.42 21.27
N ALA D 1703 30.58 47.23 20.70
CA ALA D 1703 30.00 46.00 21.23
C ALA D 1703 30.39 45.74 22.68
N ASN D 1704 31.57 46.20 23.10
CA ASN D 1704 31.99 45.99 24.48
C ASN D 1704 31.23 46.90 25.44
N LYS D 1705 30.75 48.05 24.98
CA LYS D 1705 30.02 48.96 25.85
C LYS D 1705 28.55 48.56 26.03
N ARG D 1706 28.00 47.82 25.08
CA ARG D 1706 26.56 47.52 25.11
C ARG D 1706 26.20 46.70 26.34
N GLN D 1707 27.05 45.73 26.71
CA GLN D 1707 26.79 44.95 27.91
C GLN D 1707 26.77 45.85 29.13
N ASP D 1708 27.71 46.80 29.20
CA ASP D 1708 27.77 47.69 30.35
C ASP D 1708 26.54 48.59 30.41
N ILE D 1709 26.09 49.10 29.27
CA ILE D 1709 24.94 50.01 29.29
C ILE D 1709 23.67 49.25 29.66
N VAL D 1710 23.55 48.00 29.18
CA VAL D 1710 22.41 47.19 29.59
C VAL D 1710 22.46 46.93 31.08
N ASN D 1711 23.66 46.66 31.62
CA ASN D 1711 23.77 46.44 33.05
C ASN D 1711 23.41 47.70 33.83
N LYS D 1712 23.83 48.86 33.33
CA LYS D 1712 23.49 50.12 34.00
C LYS D 1712 21.99 50.31 34.05
N PHE D 1713 21.31 50.08 32.93
CA PHE D 1713 19.86 50.19 32.93
C PHE D 1713 19.22 49.18 33.87
N ASN D 1714 19.73 47.95 33.85
CA ASN D 1714 19.06 46.86 34.56
C ASN D 1714 19.21 46.99 36.07
N SER D 1715 20.36 47.47 36.54
CA SER D 1715 20.60 47.57 37.97
C SER D 1715 20.13 48.88 38.57
N ASP D 1716 20.17 49.98 37.82
CA ASP D 1716 19.93 51.31 38.36
C ASP D 1716 18.53 51.79 38.02
N PRO D 1717 17.60 51.95 38.97
CA PRO D 1717 16.26 52.44 38.61
C PRO D 1717 16.18 53.92 38.32
N SER D 1718 17.29 54.66 38.38
CA SER D 1718 17.24 56.10 38.12
C SER D 1718 16.76 56.38 36.70
N TYR D 1719 17.29 55.66 35.71
CA TYR D 1719 16.90 55.87 34.33
C TYR D 1719 15.50 55.33 34.08
N ASP D 1720 14.73 56.06 33.27
CA ASP D 1720 13.33 55.75 33.06
C ASP D 1720 13.07 54.87 31.84
N VAL D 1721 13.84 55.03 30.77
CA VAL D 1721 13.57 54.37 29.50
C VAL D 1721 14.88 54.08 28.81
N LEU D 1722 14.90 53.06 27.97
CA LEU D 1722 16.06 52.71 27.16
C LEU D 1722 15.67 52.59 25.70
N LEU D 1723 16.49 53.19 24.83
CA LEU D 1723 16.22 53.25 23.40
C LEU D 1723 17.00 52.15 22.70
N LEU D 1724 16.32 51.37 21.86
CA LEU D 1724 16.89 50.19 21.25
C LEU D 1724 16.72 50.25 19.74
N THR D 1725 17.78 49.92 19.01
CA THR D 1725 17.65 49.52 17.62
C THR D 1725 17.40 48.02 17.58
N THR D 1726 16.33 47.60 16.91
CA THR D 1726 15.95 46.19 16.93
C THR D 1726 17.05 45.30 16.38
N SER D 1727 17.76 45.76 15.35
CA SER D 1727 18.86 44.96 14.82
C SER D 1727 19.93 44.71 15.88
N VAL D 1728 20.20 45.70 16.73
CA VAL D 1728 21.25 45.59 17.73
C VAL D 1728 20.72 44.91 18.98
N GLY D 1729 19.77 45.55 19.65
CA GLY D 1729 19.31 45.05 20.93
C GLY D 1729 18.29 43.94 20.87
N GLY D 1730 17.91 43.50 19.66
CA GLY D 1730 16.73 42.65 19.54
C GLY D 1730 16.89 41.23 20.06
N LEU D 1731 18.11 40.69 20.09
CA LEU D 1731 18.30 39.25 20.26
C LEU D 1731 19.02 38.94 21.56
N GLY D 1732 18.34 38.24 22.46
CA GLY D 1732 18.98 37.50 23.54
C GLY D 1732 19.50 38.29 24.71
N LEU D 1733 19.78 39.57 24.53
CA LEU D 1733 20.43 40.37 25.56
C LEU D 1733 19.45 40.62 26.69
N ASN D 1734 19.67 39.95 27.82
CA ASN D 1734 18.74 40.02 28.95
C ASN D 1734 18.61 41.45 29.46
N LEU D 1735 17.38 41.96 29.44
CA LEU D 1735 17.03 43.30 29.89
C LEU D 1735 15.81 43.25 30.79
N THR D 1736 15.84 42.34 31.76
CA THR D 1736 14.68 42.03 32.58
C THR D 1736 14.12 43.21 33.35
N GLY D 1737 14.92 44.26 33.57
CA GLY D 1737 14.49 45.34 34.44
C GLY D 1737 13.29 46.11 33.94
N ALA D 1738 13.03 46.08 32.63
CA ALA D 1738 11.91 46.81 32.09
C ALA D 1738 10.60 46.08 32.38
N ASP D 1739 9.50 46.82 32.24
CA ASP D 1739 8.17 46.26 32.41
C ASP D 1739 7.17 46.70 31.36
N THR D 1740 7.54 47.56 30.42
CA THR D 1740 6.71 47.87 29.26
C THR D 1740 7.61 48.10 28.06
N VAL D 1741 7.09 47.83 26.87
CA VAL D 1741 7.83 48.04 25.63
C VAL D 1741 6.91 48.69 24.61
N ILE D 1742 7.45 49.66 23.86
CA ILE D 1742 6.72 50.41 22.84
C ILE D 1742 7.42 50.19 21.51
N PHE D 1743 6.70 49.67 20.53
CA PHE D 1743 7.25 49.45 19.19
C PHE D 1743 6.81 50.60 18.29
N VAL D 1744 7.67 51.60 18.10
CA VAL D 1744 7.27 52.72 17.26
C VAL D 1744 7.45 52.39 15.78
N GLU D 1745 8.31 51.42 15.46
CA GLU D 1745 8.55 51.01 14.07
C GLU D 1745 8.72 49.50 14.06
N HIS D 1746 8.20 48.85 13.02
CA HIS D 1746 7.97 47.41 13.02
C HIS D 1746 8.69 46.71 11.87
N ASP D 1747 9.12 45.49 12.12
CA ASP D 1747 9.73 44.65 11.10
C ASP D 1747 8.67 43.87 10.33
N TRP D 1748 9.04 43.42 9.13
CA TRP D 1748 8.18 42.49 8.41
C TRP D 1748 8.09 41.16 9.15
N ASN D 1749 9.24 40.68 9.62
CA ASN D 1749 9.32 39.34 10.18
C ASN D 1749 8.72 39.33 11.59
N PRO D 1750 7.64 38.58 11.84
CA PRO D 1750 7.05 38.64 13.19
C PRO D 1750 7.95 38.08 14.27
N GLN D 1751 8.89 37.20 13.93
CA GLN D 1751 9.66 36.54 14.98
C GLN D 1751 10.63 37.51 15.66
N LYS D 1752 11.25 38.41 14.89
CA LYS D 1752 12.09 39.42 15.51
C LYS D 1752 11.26 40.33 16.40
N ASP D 1753 10.05 40.69 15.97
CA ASP D 1753 9.17 41.51 16.79
C ASP D 1753 8.84 40.80 18.10
N LEU D 1754 8.45 39.53 18.02
CA LEU D 1754 8.10 38.78 19.23
C LEU D 1754 9.32 38.61 20.14
N GLN D 1755 10.49 38.37 19.56
CA GLN D 1755 11.70 38.19 20.37
C GLN D 1755 12.10 39.49 21.06
N ALA D 1756 11.85 40.63 20.41
CA ALA D 1756 12.10 41.91 21.06
C ALA D 1756 11.20 42.11 22.27
N MET D 1757 9.99 41.54 22.24
CA MET D 1757 9.15 41.58 23.42
C MET D 1757 9.68 40.63 24.48
N ASP D 1758 9.99 39.41 24.06
CA ASP D 1758 10.31 38.34 25.01
C ASP D 1758 11.65 38.52 25.68
N ARG D 1759 12.55 39.34 25.13
CA ARG D 1759 13.77 39.64 25.88
C ARG D 1759 13.52 40.61 27.02
N ALA D 1760 12.30 41.11 27.18
CA ALA D 1760 11.90 41.89 28.35
C ALA D 1760 11.12 41.06 29.37
N HIS D 1761 10.35 40.08 28.92
CA HIS D 1761 9.50 39.24 29.76
C HIS D 1761 10.12 37.84 29.85
N ARG D 1762 10.74 37.53 30.98
CA ARG D 1762 11.51 36.29 31.12
C ARG D 1762 11.76 36.01 32.59
N ILE D 1763 12.57 34.98 32.85
CA ILE D 1763 12.89 34.58 34.22
C ILE D 1763 13.53 35.75 34.97
N GLY D 1764 13.09 35.96 36.19
CA GLY D 1764 13.56 37.05 37.02
C GLY D 1764 12.70 38.29 36.95
N GLN D 1765 11.85 38.40 35.95
CA GLN D 1765 10.94 39.53 35.82
C GLN D 1765 9.74 39.32 36.72
N LYS D 1766 9.30 40.40 37.39
CA LYS D 1766 8.34 40.31 38.49
C LYS D 1766 7.19 41.31 38.37
N LYS D 1767 6.83 41.72 37.16
CA LYS D 1767 5.72 42.64 36.96
C LYS D 1767 4.98 42.26 35.70
N VAL D 1768 3.66 42.48 35.72
CA VAL D 1768 2.86 42.30 34.52
C VAL D 1768 3.38 43.24 33.43
N VAL D 1769 3.61 42.69 32.25
CA VAL D 1769 4.23 43.42 31.14
C VAL D 1769 3.14 43.87 30.17
N ASN D 1770 3.22 45.12 29.74
CA ASN D 1770 2.38 45.66 28.68
C ASN D 1770 3.23 45.93 27.46
N VAL D 1771 2.82 45.38 26.31
CA VAL D 1771 3.48 45.63 25.05
C VAL D 1771 2.56 46.47 24.20
N TYR D 1772 3.00 47.67 23.85
CA TYR D 1772 2.26 48.58 22.99
C TYR D 1772 2.93 48.62 21.62
N ARG D 1773 2.14 48.48 20.57
CA ARG D 1773 2.56 48.77 19.21
C ARG D 1773 1.94 50.10 18.79
N ILE D 1774 2.78 51.06 18.41
CA ILE D 1774 2.28 52.31 17.86
C ILE D 1774 1.88 52.06 16.41
N ILE D 1775 0.60 52.26 16.10
CA ILE D 1775 0.03 51.97 14.79
C ILE D 1775 -0.69 53.20 14.27
N THR D 1776 -0.36 53.60 13.04
CA THR D 1776 -1.17 54.57 12.34
C THR D 1776 -2.42 53.90 11.78
N ARG D 1777 -3.49 54.67 11.61
CA ARG D 1777 -4.80 54.07 11.37
C ARG D 1777 -4.84 53.31 10.05
N GLY D 1778 -4.23 53.86 9.00
CA GLY D 1778 -4.29 53.30 7.69
C GLY D 1778 -3.04 52.55 7.29
N THR D 1779 -2.85 52.40 5.98
CA THR D 1779 -1.59 52.00 5.35
C THR D 1779 -1.16 50.61 5.80
N LEU D 1780 0.12 50.30 5.66
CA LEU D 1780 0.58 48.93 5.79
C LEU D 1780 0.50 48.40 7.22
N GLU D 1781 0.22 49.25 8.20
CA GLU D 1781 0.05 48.80 9.58
C GLU D 1781 -1.02 47.72 9.69
N GLU D 1782 -2.01 47.76 8.80
CA GLU D 1782 -3.10 46.77 8.84
C GLU D 1782 -2.61 45.37 8.51
N LYS D 1783 -1.53 45.23 7.74
CA LYS D 1783 -1.08 43.91 7.29
C LYS D 1783 -0.14 43.22 8.27
N ILE D 1784 0.14 43.82 9.44
CA ILE D 1784 1.13 43.34 10.39
C ILE D 1784 0.54 43.18 11.79
N LEU D 1785 -0.78 43.03 11.91
CA LEU D 1785 -1.40 43.14 13.23
C LEU D 1785 -1.40 41.82 13.99
N SER D 1786 -1.59 40.69 13.32
CA SER D 1786 -1.76 39.41 14.02
C SER D 1786 -0.65 38.41 13.76
N LEU D 1787 0.31 38.72 12.90
CA LEU D 1787 1.44 37.83 12.65
C LEU D 1787 2.13 37.43 13.95
N GLN D 1788 2.65 38.42 14.68
CA GLN D 1788 3.41 38.17 15.90
C GLN D 1788 2.53 37.93 17.11
N ARG D 1789 1.23 38.17 17.01
CA ARG D 1789 0.37 38.08 18.18
C ARG D 1789 0.30 36.66 18.71
N PHE D 1790 -0.03 35.70 17.85
CA PHE D 1790 -0.38 34.37 18.36
C PHE D 1790 0.12 33.21 17.50
N LYS D 1791 1.00 33.45 16.54
CA LYS D 1791 1.53 32.38 15.70
C LYS D 1791 2.90 31.96 16.23
N ILE D 1792 3.00 30.70 16.69
CA ILE D 1792 4.28 30.16 17.15
C ILE D 1792 4.92 29.24 16.13
N ASP D 1793 4.22 28.87 15.06
CA ASP D 1793 4.75 27.99 14.03
C ASP D 1793 5.20 26.66 14.62
N VAL D 1794 4.31 26.04 15.36
CA VAL D 1794 4.58 24.73 15.97
C VAL D 1794 4.02 23.62 15.10
N ASP D 1841 -3.81 5.82 -23.32
CA ASP D 1841 -4.55 4.73 -22.69
C ASP D 1841 -5.99 4.71 -23.18
N MET D 1842 -6.68 3.61 -22.92
CA MET D 1842 -8.08 3.47 -23.28
C MET D 1842 -8.93 4.26 -22.30
N VAL D 1843 -9.40 5.43 -22.70
CA VAL D 1843 -10.25 6.27 -21.86
C VAL D 1843 -11.32 6.93 -22.71
N ASP D 1844 -12.58 6.53 -22.51
CA ASP D 1844 -13.74 7.10 -23.17
C ASP D 1844 -14.81 7.39 -22.13
N ILE D 1845 -15.73 8.29 -22.45
CA ILE D 1845 -16.88 8.53 -21.58
C ILE D 1845 -17.83 7.34 -21.71
N GLU D 1846 -18.18 6.74 -20.58
CA GLU D 1846 -19.03 5.56 -20.60
C GLU D 1846 -20.46 5.91 -20.99
N THR D 1847 -21.00 7.00 -20.42
CA THR D 1847 -22.40 7.34 -20.65
C THR D 1847 -22.66 7.71 -22.11
N GLY D 1848 -21.64 8.13 -22.84
CA GLY D 1848 -21.79 8.50 -24.23
C GLY D 1848 -20.44 8.66 -24.90
N ASP D 1849 -20.25 8.02 -26.05
CA ASP D 1849 -18.90 7.89 -26.61
C ASP D 1849 -18.38 9.23 -27.12
N VAL D 1850 -17.25 9.66 -26.56
CA VAL D 1850 -16.50 10.79 -27.08
C VAL D 1850 -15.02 10.55 -26.79
N ARG D 1851 -14.17 11.06 -27.67
CA ARG D 1851 -12.74 11.07 -27.40
C ARG D 1851 -12.43 11.92 -26.17
N ARG D 1852 -11.30 11.61 -25.53
CA ARG D 1852 -10.58 12.49 -24.60
C ARG D 1852 -11.48 13.21 -23.60
N PRO D 1853 -12.04 12.51 -22.62
CA PRO D 1853 -12.66 13.22 -21.50
C PRO D 1853 -11.62 13.97 -20.69
N GLY D 1854 -11.96 15.21 -20.32
CA GLY D 1854 -11.14 15.95 -19.38
C GLY D 1854 -11.44 15.60 -17.93
N LYS D 1855 -12.62 15.05 -17.65
CA LYS D 1855 -13.05 14.74 -16.30
C LYS D 1855 -13.91 13.48 -16.33
N LYS D 1856 -13.58 12.54 -15.46
CA LYS D 1856 -14.31 11.26 -15.35
C LYS D 1856 -15.32 11.34 -14.22
N ALA D 1857 -16.38 12.15 -14.41
CA ALA D 1857 -17.26 12.61 -13.33
C ALA D 1857 -17.69 11.52 -12.36
N ALA D 1858 -18.34 10.47 -12.86
CA ALA D 1858 -18.97 9.51 -11.95
C ALA D 1858 -17.96 8.66 -11.19
N TRP D 1859 -16.68 8.69 -11.55
CA TRP D 1859 -15.65 7.86 -10.93
C TRP D 1859 -14.49 8.68 -10.40
N LEU D 1860 -14.68 9.99 -10.22
CA LEU D 1860 -13.58 10.84 -9.77
C LEU D 1860 -13.06 10.43 -8.41
N GLU D 1861 -13.92 9.86 -7.57
CA GLU D 1861 -13.46 9.31 -6.30
C GLU D 1861 -12.52 8.13 -6.48
N GLY D 1862 -12.51 7.50 -7.65
CA GLY D 1862 -11.86 6.23 -7.83
C GLY D 1862 -12.59 5.06 -7.23
N LEU D 1863 -13.72 5.30 -6.56
CA LEU D 1863 -14.51 4.25 -5.91
C LEU D 1863 -13.69 3.42 -4.94
N GLY D 1864 -12.57 3.97 -4.47
CA GLY D 1864 -11.63 3.17 -3.70
C GLY D 1864 -11.23 1.95 -4.50
N GLU D 1865 -11.54 0.78 -3.97
CA GLU D 1865 -11.40 -0.48 -4.67
C GLU D 1865 -12.35 -1.46 -4.01
N LEU D 1866 -12.74 -2.49 -4.74
CA LEU D 1866 -13.70 -3.43 -4.20
C LEU D 1866 -13.04 -4.29 -3.11
N TRP D 1867 -13.64 -4.25 -1.92
CA TRP D 1867 -13.12 -4.94 -0.75
C TRP D 1867 -13.02 -6.45 -0.96
N ASP D 1868 -12.01 -7.04 -0.33
CA ASP D 1868 -11.75 -8.47 -0.47
C ASP D 1868 -12.77 -9.28 0.34
N ASN D 1869 -13.28 -10.35 -0.27
CA ASN D 1869 -14.26 -11.20 0.41
C ASN D 1869 -13.64 -11.97 1.59
N ALA D 1870 -12.31 -12.06 1.67
CA ALA D 1870 -11.69 -12.73 2.80
C ALA D 1870 -12.05 -12.06 4.12
N GLN D 1871 -12.41 -10.77 4.09
CA GLN D 1871 -12.88 -10.11 5.30
C GLN D 1871 -14.10 -10.80 5.87
N TYR D 1872 -15.07 -11.15 5.03
CA TYR D 1872 -16.24 -11.87 5.49
C TYR D 1872 -15.93 -13.33 5.77
N GLU D 1873 -15.16 -13.97 4.89
CA GLU D 1873 -14.97 -15.42 4.98
C GLU D 1873 -14.23 -15.81 6.24
N GLU D 1874 -13.18 -15.07 6.61
CA GLU D 1874 -12.38 -15.44 7.77
C GLU D 1874 -12.95 -14.93 9.08
N SER D 1875 -13.84 -13.94 9.04
CA SER D 1875 -14.34 -13.31 10.25
C SER D 1875 -15.61 -13.97 10.77
N PHE D 1876 -16.54 -14.31 9.90
CA PHE D 1876 -17.82 -14.90 10.28
C PHE D 1876 -17.79 -16.43 10.33
N ASP D 1877 -16.62 -17.04 10.18
CA ASP D 1877 -16.54 -18.50 10.23
C ASP D 1877 -16.97 -19.00 11.61
N LEU D 1878 -17.99 -19.85 11.64
CA LEU D 1878 -18.47 -20.38 12.91
C LEU D 1878 -17.42 -21.22 13.61
N ASP D 1879 -16.62 -21.98 12.85
CA ASP D 1879 -15.57 -22.78 13.47
C ASP D 1879 -14.49 -21.90 14.09
N GLY D 1880 -14.26 -20.72 13.55
CA GLY D 1880 -13.39 -19.77 14.23
C GLY D 1880 -14.02 -19.23 15.50
N PHE D 1881 -15.32 -18.93 15.44
CA PHE D 1881 -16.02 -18.39 16.60
C PHE D 1881 -15.97 -19.36 17.78
N LEU D 1882 -16.34 -20.62 17.54
CA LEU D 1882 -16.37 -21.59 18.64
C LEU D 1882 -14.98 -21.84 19.20
N LYS D 1883 -13.94 -21.69 18.38
CA LYS D 1883 -12.58 -21.87 18.86
C LYS D 1883 -12.21 -20.91 19.96
N THR D 1884 -12.87 -19.74 20.01
CA THR D 1884 -12.54 -18.70 20.97
C THR D 1884 -13.27 -18.86 22.30
N MET D 1885 -14.07 -19.92 22.48
CA MET D 1885 -14.70 -20.16 23.77
C MET D 1885 -13.65 -20.31 24.87
N GLN D 1886 -12.65 -21.15 24.64
CA GLN D 1886 -11.63 -21.42 25.65
C GLN D 1886 -10.37 -21.99 24.98
MG MG E . 20.63 33.25 23.99
PB ADP F . 18.45 33.42 25.96
O1B ADP F . 17.77 32.64 24.87
O2B ADP F . 18.12 34.88 25.83
O3B ADP F . 19.94 33.25 25.86
PA ADP F . 18.87 33.15 28.75
O1A ADP F . 19.70 31.92 29.00
O2A ADP F . 19.76 34.32 28.46
O3A ADP F . 17.94 32.90 27.42
O5' ADP F . 17.97 33.48 30.08
C5' ADP F . 18.68 33.61 31.29
C4' ADP F . 17.84 34.42 32.29
O4' ADP F . 17.20 33.62 33.09
C3' ADP F . 18.73 35.24 33.22
O3' ADP F . 18.01 36.25 33.76
C2' ADP F . 19.11 34.24 34.32
O2' ADP F . 19.39 34.96 35.59
C1' ADP F . 18.05 33.50 34.46
N9 ADP F . 18.40 32.13 34.72
C8 ADP F . 18.76 31.10 33.96
N7 ADP F . 18.95 30.05 34.75
C5 ADP F . 18.72 30.43 36.01
C6 ADP F . 18.78 29.75 37.20
N6 ADP F . 19.09 28.42 37.67
N1 ADP F . 18.50 30.37 38.32
C2 ADP F . 18.15 31.67 38.30
N3 ADP F . 18.08 32.34 37.13
C4 ADP F . 18.37 31.71 35.99
BE BEF G . 17.13 33.90 22.29
F1 BEF G . 18.60 33.72 22.71
F2 BEF G . 16.91 33.69 20.76
F3 BEF G . 16.61 35.31 22.65
#